data_6S1C
#
_entry.id   6S1C
#
_cell.length_a   126.334
_cell.length_b   126.334
_cell.length_c   378.427
_cell.angle_alpha   90.000
_cell.angle_beta   90.000
_cell.angle_gamma   120.000
#
_symmetry.space_group_name_H-M   'P 32 2 1'
#
loop_
_entity.id
_entity.type
_entity.pdbx_description
1 polymer 'DNA polymerase epsilon catalytic subunit A'
2 polymer 'Sister chromatid cohesion protein DCC1'
3 polymer 'Chromosome transmission fidelity protein 8'
4 polymer 'Chromosome transmission fidelity protein 18'
#
loop_
_entity_poly.entity_id
_entity_poly.type
_entity_poly.pdbx_seq_one_letter_code
_entity_poly.pdbx_strand_id
1 'polypeptide(L)'
;MKHHHHHHSAGLEVLFQGPGTGSEFMMFGKKKNNGGSSTARYSAGNKYNTLSNNYALSAQQLLNASKIDDIDSMMGFERY
VPPQYNGRFDAKDIDQIPGRVGWLTNMHATLVSQETLSSGSNGGGNSNDGERVTTNQGISGVDFYFLDEEGGSFKSTVVY
DPYFFIACNDESRVNDVEELVKKYLESCLKSLQIIRKEDLTMDNHLLGLQKTLIKLSFVNSNQLFEARKLLRPILQDNAN
NNVQRNIYNVAANGSEKVDAKHLIEDIREYDVPYHVRVSIDKDIRVGKWYKVTQQGFIEDTRKIAFADPVVMAFAIATTK
PPLKFPDSAVDQIMMISYMIDGEGFLITNREIISEDIEDFEYTPKPEYPGFFTIFNENDEVALLQRFFEHIRDVRPTVIS
TFNGDFFDWPFIHNRSKIHGLDMFDEIGFAPDAEGEYKSSYCSHMDCFRWVKRDSYLPQGSQGLKAVTQSKLGYNPIELD
PELMTPYAFEKPQHLSEYSVSDAVATYYLYMKYVHPFIFSLCTIIPLNPDETLRKGTGTLCEMLLMVQA
;
A,E
2 'polypeptide(L)'
;MSINLHSAPEYDPSYKLIQLTPELLDIIQDPVQNHQLRFKSLDKDKSEVVLCSHDKTWVLKQRKHSNTVLLMREFVPEQP
ITFDETLLFGLSKPYMDVVGFAKTESEFETRETHGELNLNSVPIYNGELDFSDKIMKRSSTKVIGTLEELLENSPCSALE
GISKWHKIGGSVKDGVLCILSQDFLFKALHVLLMSAMAESLDLQHLNVEDTHHAVGKDIEDEFNPYTREIIETVLNKFAV
QEQEAENNTWRLRIPFIAQWYGIQALRKYVSGISMPIDEFLIKWKSLFPPFFPCDIDIDMLRGYHFKPTDKTVQYIAKST
LPMDPKERFKVLFRLQSQWDLEDIKPLIEELNSRGMKIDSFIMKYARRKRLGKKTVVTSR
;
B,F
3 'polypeptide(L)'
;MPSVDIDASQWQKLTQSREKQTTVITPLGMMMLEIQGELELPKDFASLARRDSPNEGRFSEQDGETLIRFGSLQIDGERA
TLFVGKKQRLLGKVTKLDVPMGIMHFNSKDNKVELVDVMKYKVIFKDRPLPIM
;
C,G
4 'polypeptide(L)' GAMGNQTVKIWVKYNEGFSNAVRKNVTWNNLWE D,H
#
# COMPACT_ATOMS: atom_id res chain seq x y z
N ASN A 54 -39.68 11.89 5.85
CA ASN A 54 -40.23 10.58 5.49
C ASN A 54 -39.20 9.75 4.73
N TYR A 55 -39.25 8.42 4.92
CA TYR A 55 -38.30 7.51 4.26
C TYR A 55 -38.79 7.15 2.85
N ALA A 56 -38.86 8.18 2.00
CA ALA A 56 -39.13 8.00 0.58
C ALA A 56 -37.91 7.54 -0.19
N LEU A 57 -36.74 7.54 0.43
CA LEU A 57 -35.53 6.99 -0.19
C LEU A 57 -35.39 5.50 0.01
N SER A 58 -35.94 4.95 1.10
CA SER A 58 -36.19 3.52 1.21
C SER A 58 -36.72 2.93 -0.09
N ALA A 59 -37.86 3.45 -0.55
CA ALA A 59 -38.54 2.89 -1.72
C ALA A 59 -37.73 3.06 -3.00
N GLN A 60 -36.84 4.05 -3.05
CA GLN A 60 -35.98 4.19 -4.22
C GLN A 60 -34.84 3.19 -4.19
N GLN A 61 -34.21 2.98 -3.04
CA GLN A 61 -33.22 1.92 -2.97
C GLN A 61 -33.88 0.56 -3.26
N LEU A 62 -35.14 0.38 -2.89
CA LEU A 62 -35.83 -0.87 -3.24
C LEU A 62 -36.09 -0.94 -4.74
N LEU A 63 -36.30 0.21 -5.38
CA LEU A 63 -36.50 0.20 -6.83
C LEU A 63 -35.19 -0.13 -7.55
N ASN A 64 -34.09 0.46 -7.09
CA ASN A 64 -32.80 0.13 -7.67
C ASN A 64 -32.46 -1.34 -7.46
N ALA A 65 -32.76 -1.86 -6.26
CA ALA A 65 -32.57 -3.27 -5.99
C ALA A 65 -33.36 -4.13 -6.95
N SER A 66 -34.61 -3.73 -7.24
CA SER A 66 -35.48 -4.53 -8.09
C SER A 66 -35.05 -4.47 -9.55
N LYS A 67 -34.60 -3.31 -10.01
CA LYS A 67 -33.94 -3.21 -11.31
C LYS A 67 -32.70 -4.09 -11.40
N ILE A 68 -31.88 -4.12 -10.34
CA ILE A 68 -30.73 -4.99 -10.36
C ILE A 68 -31.16 -6.46 -10.39
N ASP A 69 -32.21 -6.81 -9.63
CA ASP A 69 -32.78 -8.15 -9.71
C ASP A 69 -33.20 -8.50 -11.14
N ASP A 70 -33.79 -7.54 -11.85
CA ASP A 70 -34.22 -7.78 -13.22
C ASP A 70 -33.03 -7.97 -14.15
N ILE A 71 -32.01 -7.11 -14.02
CA ILE A 71 -30.76 -7.30 -14.74
C ILE A 71 -30.20 -8.70 -14.48
N ASP A 72 -30.14 -9.09 -13.20
CA ASP A 72 -29.57 -10.38 -12.82
C ASP A 72 -30.34 -11.54 -13.44
N SER A 73 -31.67 -11.47 -13.41
CA SER A 73 -32.49 -12.53 -13.98
C SER A 73 -32.38 -12.59 -15.50
N MET A 74 -32.32 -11.42 -16.15
CA MET A 74 -32.11 -11.37 -17.59
C MET A 74 -30.80 -12.05 -18.01
N MET A 75 -29.76 -11.99 -17.19
CA MET A 75 -28.48 -12.60 -17.52
C MET A 75 -28.31 -14.00 -16.94
N GLY A 76 -29.35 -14.59 -16.39
CA GLY A 76 -29.30 -15.99 -16.01
C GLY A 76 -29.03 -16.25 -14.54
N PHE A 77 -29.16 -15.24 -13.69
CA PHE A 77 -28.98 -15.40 -12.25
C PHE A 77 -30.31 -15.12 -11.55
N GLU A 78 -31.21 -16.09 -11.61
CA GLU A 78 -32.45 -16.02 -10.84
C GLU A 78 -32.16 -16.38 -9.39
N ARG A 79 -32.95 -15.80 -8.49
CA ARG A 79 -32.81 -16.11 -7.07
C ARG A 79 -33.30 -17.53 -6.80
N TYR A 80 -32.40 -18.38 -6.32
CA TYR A 80 -32.75 -19.73 -5.90
C TYR A 80 -32.96 -19.75 -4.39
N VAL A 81 -34.08 -20.33 -3.96
CA VAL A 81 -34.36 -20.50 -2.54
C VAL A 81 -34.48 -21.99 -2.25
N PRO A 82 -33.56 -22.56 -1.46
CA PRO A 82 -33.53 -24.02 -1.28
C PRO A 82 -34.73 -24.46 -0.46
N PRO A 83 -35.07 -25.76 -0.45
CA PRO A 83 -36.27 -26.13 0.29
C PRO A 83 -36.06 -26.09 1.79
N GLN A 84 -37.14 -25.72 2.49
CA GLN A 84 -37.26 -25.86 3.94
C GLN A 84 -37.15 -27.33 4.41
N GLY A 102 -23.02 -24.66 -5.63
CA GLY A 102 -22.58 -23.63 -6.56
C GLY A 102 -21.21 -23.08 -6.23
N TRP A 103 -20.50 -22.62 -7.26
CA TRP A 103 -19.23 -21.92 -7.09
C TRP A 103 -19.45 -20.42 -7.04
N LEU A 104 -19.04 -19.79 -5.94
CA LEU A 104 -19.35 -18.39 -5.71
C LEU A 104 -18.34 -17.50 -6.44
N THR A 105 -18.87 -16.55 -7.23
CA THR A 105 -18.03 -15.73 -8.08
C THR A 105 -18.17 -14.23 -7.84
N ASN A 106 -19.17 -13.79 -7.09
CA ASN A 106 -19.35 -12.38 -6.80
C ASN A 106 -20.36 -12.23 -5.67
N MET A 107 -20.40 -11.04 -5.08
CA MET A 107 -21.39 -10.75 -4.06
C MET A 107 -21.58 -9.25 -3.93
N HIS A 108 -22.81 -8.84 -3.62
CA HIS A 108 -23.12 -7.43 -3.39
C HIS A 108 -24.23 -7.26 -2.37
N ALA A 109 -24.12 -6.23 -1.53
CA ALA A 109 -25.22 -5.80 -0.69
C ALA A 109 -26.43 -5.41 -1.52
N THR A 110 -27.62 -5.67 -0.97
CA THR A 110 -28.88 -5.29 -1.61
C THR A 110 -29.96 -5.16 -0.53
N LEU A 111 -31.14 -4.74 -0.96
CA LEU A 111 -32.31 -4.60 -0.11
C LEU A 111 -33.47 -5.34 -0.77
N VAL A 112 -34.21 -6.13 0.01
CA VAL A 112 -35.19 -7.04 -0.55
C VAL A 112 -36.51 -6.88 0.20
N SER A 113 -37.61 -7.03 -0.52
CA SER A 113 -38.90 -7.00 0.14
C SER A 113 -39.23 -8.38 0.69
N GLN A 114 -40.12 -8.41 1.68
CA GLN A 114 -40.72 -9.65 2.17
C GLN A 114 -41.11 -10.58 1.02
N GLU A 115 -40.65 -11.83 1.10
CA GLU A 115 -41.19 -12.88 0.24
C GLU A 115 -41.11 -14.26 0.88
N THR A 116 -40.22 -14.45 1.86
CA THR A 116 -40.14 -15.72 2.57
C THR A 116 -41.13 -15.75 3.74
N THR A 134 -48.36 -1.96 8.70
CA THR A 134 -48.52 -1.97 7.25
C THR A 134 -47.51 -1.04 6.58
N THR A 135 -46.26 -1.10 7.05
CA THR A 135 -45.19 -0.25 6.55
C THR A 135 -44.08 -1.13 5.98
N ASN A 136 -43.72 -0.88 4.72
CA ASN A 136 -42.66 -1.62 4.04
C ASN A 136 -41.48 -0.70 3.77
N GLN A 137 -40.28 -1.22 3.96
CA GLN A 137 -39.06 -0.45 3.72
C GLN A 137 -37.98 -1.39 3.18
N GLY A 138 -38.16 -2.67 3.43
CA GLY A 138 -37.27 -3.71 2.95
C GLY A 138 -36.21 -4.10 3.97
N ILE A 139 -35.64 -5.27 3.73
CA ILE A 139 -34.66 -5.91 4.61
C ILE A 139 -33.31 -5.92 3.92
N SER A 140 -32.28 -5.47 4.64
CA SER A 140 -30.93 -5.48 4.09
C SER A 140 -30.42 -6.92 4.05
N GLY A 141 -29.67 -7.24 3.00
CA GLY A 141 -29.02 -8.52 2.90
C GLY A 141 -27.97 -8.47 1.81
N VAL A 142 -27.41 -9.63 1.49
CA VAL A 142 -26.36 -9.74 0.50
C VAL A 142 -26.72 -10.83 -0.51
N ASP A 143 -26.58 -10.50 -1.79
CA ASP A 143 -26.71 -11.44 -2.89
C ASP A 143 -25.36 -12.08 -3.19
N PHE A 144 -25.35 -13.42 -3.26
CA PHE A 144 -24.20 -14.21 -3.64
C PHE A 144 -24.48 -14.86 -4.99
N TYR A 145 -23.53 -14.74 -5.93
CA TYR A 145 -23.72 -15.22 -7.29
C TYR A 145 -22.93 -16.51 -7.49
N PHE A 146 -23.61 -17.56 -7.95
CA PHE A 146 -23.03 -18.88 -8.05
C PHE A 146 -23.10 -19.39 -9.48
N LEU A 147 -22.08 -20.16 -9.88
CA LEU A 147 -22.10 -20.98 -11.07
C LEU A 147 -22.26 -22.44 -10.66
N ASP A 148 -23.20 -23.14 -11.29
CA ASP A 148 -23.43 -24.52 -10.92
C ASP A 148 -22.48 -25.48 -11.65
N GLU A 149 -22.55 -26.75 -11.27
CA GLU A 149 -21.76 -27.83 -11.84
C GLU A 149 -22.18 -28.24 -13.25
N GLU A 150 -23.33 -27.79 -13.74
CA GLU A 150 -23.85 -28.24 -15.03
C GLU A 150 -23.68 -27.21 -16.14
N GLY A 151 -22.80 -26.23 -15.95
CA GLY A 151 -22.67 -25.16 -16.93
C GLY A 151 -23.68 -24.04 -16.81
N GLY A 152 -24.48 -24.03 -15.74
CA GLY A 152 -25.48 -23.00 -15.53
C GLY A 152 -25.10 -22.09 -14.38
N SER A 153 -26.05 -21.25 -14.00
CA SER A 153 -25.79 -20.24 -12.99
C SER A 153 -27.07 -19.92 -12.24
N PHE A 154 -26.90 -19.39 -11.03
CA PHE A 154 -28.01 -18.91 -10.22
C PHE A 154 -27.45 -17.97 -9.17
N LYS A 155 -28.34 -17.24 -8.51
CA LYS A 155 -28.00 -16.41 -7.37
C LYS A 155 -28.84 -16.77 -6.16
N SER A 156 -28.31 -16.50 -4.97
CA SER A 156 -29.05 -16.76 -3.75
C SER A 156 -28.73 -15.67 -2.72
N THR A 157 -29.64 -15.49 -1.78
CA THR A 157 -29.64 -14.30 -0.94
C THR A 157 -29.59 -14.67 0.53
N VAL A 158 -28.76 -13.95 1.28
CA VAL A 158 -28.63 -14.11 2.72
C VAL A 158 -29.14 -12.83 3.36
N VAL A 159 -29.98 -12.95 4.37
CA VAL A 159 -30.35 -11.80 5.18
C VAL A 159 -29.60 -11.82 6.50
N TYR A 160 -29.29 -10.63 6.99
CA TYR A 160 -28.48 -10.48 8.19
C TYR A 160 -28.76 -9.09 8.76
N ASP A 161 -28.96 -9.03 10.07
CA ASP A 161 -29.09 -7.75 10.76
C ASP A 161 -27.76 -7.01 10.81
N PRO A 162 -27.66 -5.81 10.24
CA PRO A 162 -26.48 -4.97 10.48
C PRO A 162 -26.39 -4.56 11.96
N TYR A 163 -25.16 -4.41 12.43
CA TYR A 163 -24.94 -4.11 13.84
C TYR A 163 -23.65 -3.33 14.03
N PHE A 164 -23.65 -2.46 15.05
CA PHE A 164 -22.42 -1.91 15.58
C PHE A 164 -22.60 -1.75 17.09
N PHE A 165 -21.50 -1.44 17.78
CA PHE A 165 -21.49 -1.49 19.22
C PHE A 165 -21.35 -0.10 19.83
N ILE A 166 -21.59 -0.03 21.13
CA ILE A 166 -21.35 1.17 21.93
C ILE A 166 -20.63 0.74 23.20
N ALA A 167 -19.43 1.24 23.40
CA ALA A 167 -18.65 0.93 24.59
C ALA A 167 -19.04 1.88 25.73
N CYS A 168 -18.72 1.45 26.95
CA CYS A 168 -19.04 2.20 28.15
C CYS A 168 -17.81 2.29 29.05
N ASN A 169 -17.55 3.49 29.58
CA ASN A 169 -16.42 3.70 30.46
C ASN A 169 -16.69 3.29 31.90
N ASP A 170 -17.96 3.24 32.31
CA ASP A 170 -18.36 2.80 33.65
C ASP A 170 -19.29 1.60 33.47
N GLU A 171 -18.79 0.41 33.80
CA GLU A 171 -19.60 -0.79 33.60
C GLU A 171 -20.78 -0.84 34.57
N SER A 172 -20.57 -0.41 35.81
CA SER A 172 -21.62 -0.49 36.83
C SER A 172 -22.88 0.27 36.43
N ARG A 173 -22.78 1.25 35.54
CA ARG A 173 -23.94 2.03 35.11
C ARG A 173 -24.31 1.77 33.64
N VAL A 174 -23.78 0.71 33.02
CA VAL A 174 -24.13 0.40 31.63
C VAL A 174 -25.65 0.31 31.46
N ASN A 175 -26.34 -0.22 32.47
CA ASN A 175 -27.79 -0.37 32.37
C ASN A 175 -28.49 0.96 32.25
N ASP A 176 -27.97 2.01 32.89
CA ASP A 176 -28.58 3.32 32.74
C ASP A 176 -28.41 3.82 31.31
N VAL A 177 -27.25 3.53 30.71
CA VAL A 177 -27.03 3.91 29.33
C VAL A 177 -28.06 3.20 28.46
N GLU A 178 -28.27 1.91 28.73
CA GLU A 178 -29.25 1.14 27.97
C GLU A 178 -30.59 1.85 27.98
N GLU A 179 -31.04 2.27 29.17
CA GLU A 179 -32.35 2.90 29.24
C GLU A 179 -32.35 4.20 28.45
N LEU A 180 -31.30 5.00 28.58
CA LEU A 180 -31.23 6.21 27.78
C LEU A 180 -31.33 5.88 26.29
N VAL A 181 -30.52 4.92 25.81
CA VAL A 181 -30.43 4.81 24.36
C VAL A 181 -31.63 4.09 23.79
N LYS A 182 -32.14 3.09 24.51
CA LYS A 182 -33.41 2.46 24.17
C LYS A 182 -34.41 3.54 23.78
N LYS A 183 -34.46 4.59 24.59
CA LYS A 183 -35.32 5.72 24.30
C LYS A 183 -34.69 6.63 23.25
N TYR A 184 -33.46 7.08 23.47
CA TYR A 184 -32.77 7.95 22.53
C TYR A 184 -32.75 7.41 21.11
N LEU A 185 -32.62 6.09 20.94
CA LEU A 185 -32.50 5.53 19.60
C LEU A 185 -33.75 4.79 19.14
N GLU A 186 -34.89 5.07 19.75
CA GLU A 186 -36.13 4.36 19.42
C GLU A 186 -36.44 4.42 17.93
N SER A 187 -36.13 5.54 17.27
CA SER A 187 -36.48 5.74 15.87
C SER A 187 -35.62 4.97 14.90
N CYS A 188 -34.51 4.38 15.34
CA CYS A 188 -33.60 3.69 14.42
C CYS A 188 -33.24 2.28 14.84
N LEU A 189 -33.40 1.93 16.11
CA LEU A 189 -32.78 0.74 16.67
C LEU A 189 -33.68 -0.47 16.47
N LYS A 190 -33.08 -1.61 16.12
CA LYS A 190 -33.82 -2.85 15.98
C LYS A 190 -33.73 -3.71 17.23
N SER A 191 -32.57 -3.75 17.87
CA SER A 191 -32.42 -4.50 19.11
C SER A 191 -31.08 -4.18 19.74
N LEU A 192 -30.92 -4.56 21.01
CA LEU A 192 -29.70 -4.28 21.73
C LEU A 192 -29.43 -5.40 22.72
N GLN A 193 -28.15 -5.68 22.93
CA GLN A 193 -27.70 -6.82 23.72
C GLN A 193 -26.51 -6.43 24.57
N ILE A 194 -26.52 -6.87 25.84
CA ILE A 194 -25.44 -6.62 26.77
C ILE A 194 -24.55 -7.85 26.82
N ILE A 195 -23.23 -7.63 26.77
CA ILE A 195 -22.25 -8.70 26.87
C ILE A 195 -21.12 -8.22 27.77
N ARG A 196 -20.75 -9.06 28.73
CA ARG A 196 -19.71 -8.71 29.70
C ARG A 196 -18.32 -9.11 29.19
N LYS A 197 -18.07 -10.41 29.08
CA LYS A 197 -16.79 -10.92 28.61
C LYS A 197 -17.03 -12.09 27.66
N GLU A 198 -16.37 -12.05 26.50
CA GLU A 198 -16.51 -13.10 25.50
C GLU A 198 -15.15 -13.57 25.02
N ASP A 199 -15.04 -13.93 23.74
CA ASP A 199 -13.80 -14.47 23.19
C ASP A 199 -13.29 -13.66 22.01
N LEU A 200 -13.88 -13.87 20.83
CA LEU A 200 -13.44 -13.19 19.61
C LEU A 200 -13.60 -11.68 19.72
N LYS A 215 -24.11 -4.28 22.07
CA LYS A 215 -24.36 -4.63 20.68
C LYS A 215 -25.70 -4.07 20.22
N LEU A 216 -25.68 -3.17 19.24
CA LEU A 216 -26.89 -2.57 18.69
C LEU A 216 -27.09 -3.09 17.27
N SER A 217 -28.19 -3.82 17.06
CA SER A 217 -28.59 -4.29 15.75
C SER A 217 -29.67 -3.37 15.18
N PHE A 218 -29.76 -3.36 13.86
CA PHE A 218 -30.56 -2.43 13.09
C PHE A 218 -31.24 -3.15 11.94
N VAL A 219 -32.32 -2.54 11.45
CA VAL A 219 -33.10 -3.18 10.39
C VAL A 219 -32.39 -3.06 9.05
N ASN A 220 -31.69 -1.95 8.80
CA ASN A 220 -30.97 -1.82 7.53
C ASN A 220 -29.83 -0.82 7.70
N SER A 221 -29.05 -0.68 6.62
CA SER A 221 -27.84 0.16 6.65
C SER A 221 -28.19 1.62 6.84
N ASN A 222 -29.29 2.08 6.24
CA ASN A 222 -29.74 3.45 6.45
C ASN A 222 -30.01 3.74 7.92
N GLN A 223 -30.64 2.80 8.64
CA GLN A 223 -30.90 3.07 10.05
C GLN A 223 -29.58 3.11 10.83
N LEU A 224 -28.64 2.23 10.49
CA LEU A 224 -27.33 2.27 11.12
C LEU A 224 -26.70 3.65 10.92
N PHE A 225 -26.79 4.17 9.70
CA PHE A 225 -26.14 5.44 9.37
C PHE A 225 -26.84 6.61 10.07
N GLU A 226 -28.16 6.51 10.26
CA GLU A 226 -28.85 7.51 11.06
C GLU A 226 -28.42 7.42 12.52
N ALA A 227 -28.18 6.21 13.02
CA ALA A 227 -27.69 6.08 14.39
C ALA A 227 -26.33 6.74 14.50
N ARG A 228 -25.47 6.54 13.50
CA ARG A 228 -24.13 7.11 13.56
C ARG A 228 -24.21 8.64 13.51
N LYS A 229 -25.13 9.16 12.70
CA LYS A 229 -25.33 10.61 12.62
C LYS A 229 -25.85 11.18 13.93
N LEU A 230 -26.69 10.44 14.64
CA LEU A 230 -27.11 10.86 15.97
C LEU A 230 -25.99 10.77 17.01
N LEU A 231 -25.11 9.77 16.89
CA LEU A 231 -24.07 9.57 17.89
C LEU A 231 -22.83 10.42 17.65
N ARG A 232 -22.62 10.89 16.42
CA ARG A 232 -21.38 11.60 16.11
C ARG A 232 -21.23 12.92 16.85
N PRO A 233 -22.26 13.77 17.00
CA PRO A 233 -22.06 15.01 17.78
C PRO A 233 -21.69 14.75 19.23
N ILE A 234 -22.26 13.72 19.85
CA ILE A 234 -21.95 13.42 21.25
C ILE A 234 -20.49 13.00 21.40
N LEU A 235 -19.97 12.26 20.42
CA LEU A 235 -18.57 11.84 20.47
C LEU A 235 -17.62 12.99 20.12
N GLN A 236 -18.04 13.89 19.23
CA GLN A 236 -17.21 15.06 18.91
C GLN A 236 -17.12 16.00 20.10
N ASP A 237 -18.23 16.19 20.82
CA ASP A 237 -18.23 17.11 21.96
C ASP A 237 -17.32 16.60 23.07
N ASN A 238 -17.37 15.30 23.35
CA ASN A 238 -16.53 14.72 24.40
C ASN A 238 -15.06 14.75 24.00
N ALA A 239 -14.48 15.94 23.92
CA ALA A 239 -13.09 16.10 23.52
C ALA A 239 -12.16 16.06 24.73
N HIS A 262 -23.46 12.87 30.55
CA HIS A 262 -23.72 11.62 29.85
C HIS A 262 -22.41 10.94 29.46
N LEU A 263 -22.17 9.78 30.05
CA LEU A 263 -20.96 9.01 29.78
C LEU A 263 -21.20 8.14 28.54
N ILE A 264 -20.51 8.47 27.45
CA ILE A 264 -20.59 7.71 26.21
C ILE A 264 -19.19 7.63 25.63
N GLU A 265 -18.57 6.45 25.69
CA GLU A 265 -17.26 6.26 25.12
C GLU A 265 -17.35 6.13 23.60
N ASP A 266 -16.27 6.50 22.92
CA ASP A 266 -16.26 6.52 21.47
C ASP A 266 -16.36 5.11 20.91
N ILE A 267 -16.77 5.02 19.64
CA ILE A 267 -16.82 3.74 18.95
C ILE A 267 -15.42 3.31 18.54
N ARG A 268 -15.27 2.01 18.28
CA ARG A 268 -13.96 1.45 17.97
C ARG A 268 -13.46 1.99 16.63
N GLU A 269 -12.17 1.74 16.36
CA GLU A 269 -11.48 2.34 15.22
C GLU A 269 -12.05 1.88 13.88
N TYR A 270 -12.71 0.74 13.81
CA TYR A 270 -12.99 0.10 12.55
C TYR A 270 -14.42 0.32 12.05
N ASP A 271 -14.55 0.30 10.73
CA ASP A 271 -15.77 0.60 9.97
C ASP A 271 -15.88 -0.61 9.04
N VAL A 272 -16.69 -1.59 9.41
CA VAL A 272 -16.83 -2.81 8.61
C VAL A 272 -17.91 -2.62 7.55
N PRO A 273 -17.58 -2.81 6.26
CA PRO A 273 -18.58 -2.62 5.19
C PRO A 273 -19.63 -3.71 5.33
N TYR A 274 -20.90 -3.40 5.03
CA TYR A 274 -21.95 -4.34 5.41
C TYR A 274 -21.75 -5.67 4.69
N HIS A 275 -21.45 -5.65 3.39
CA HIS A 275 -21.22 -6.88 2.65
C HIS A 275 -20.05 -7.64 3.25
N VAL A 276 -19.05 -6.91 3.73
CA VAL A 276 -17.89 -7.50 4.38
C VAL A 276 -18.32 -8.11 5.70
N ARG A 277 -19.16 -7.39 6.45
CA ARG A 277 -19.62 -7.87 7.74
C ARG A 277 -20.32 -9.21 7.59
N VAL A 278 -21.11 -9.37 6.52
CA VAL A 278 -21.79 -10.63 6.28
C VAL A 278 -20.80 -11.70 5.85
N SER A 279 -19.91 -11.39 4.89
CA SER A 279 -18.89 -12.35 4.48
C SER A 279 -18.06 -12.85 5.65
N ILE A 280 -17.71 -11.97 6.58
CA ILE A 280 -16.94 -12.37 7.76
C ILE A 280 -17.78 -13.21 8.71
N ASP A 281 -18.95 -12.72 9.11
CA ASP A 281 -19.72 -13.38 10.15
C ASP A 281 -20.23 -14.75 9.70
N LYS A 282 -20.56 -14.89 8.41
CA LYS A 282 -21.02 -16.17 7.89
C LYS A 282 -19.89 -17.06 7.41
N ASP A 283 -18.67 -16.53 7.33
CA ASP A 283 -17.49 -17.28 6.90
C ASP A 283 -17.64 -17.82 5.49
N ILE A 284 -18.00 -16.92 4.57
CA ILE A 284 -18.20 -17.24 3.16
C ILE A 284 -17.13 -16.51 2.37
N ARG A 285 -16.53 -17.19 1.40
CA ARG A 285 -15.54 -16.55 0.55
C ARG A 285 -15.75 -16.92 -0.92
N VAL A 286 -15.69 -15.90 -1.79
CA VAL A 286 -15.69 -16.15 -3.23
C VAL A 286 -14.54 -17.07 -3.58
N GLY A 287 -14.75 -17.96 -4.55
CA GLY A 287 -13.73 -18.90 -4.97
C GLY A 287 -13.82 -20.25 -4.31
N LYS A 288 -14.61 -20.38 -3.25
CA LYS A 288 -14.87 -21.64 -2.60
C LYS A 288 -16.24 -22.17 -3.02
N TRP A 289 -16.47 -23.44 -2.73
CA TRP A 289 -17.69 -24.11 -3.16
C TRP A 289 -18.61 -24.25 -1.97
N TYR A 290 -19.90 -23.98 -2.18
CA TYR A 290 -20.89 -24.04 -1.13
C TYR A 290 -22.12 -24.77 -1.63
N LYS A 291 -22.76 -25.51 -0.72
CA LYS A 291 -24.15 -25.91 -0.86
C LYS A 291 -25.03 -24.89 -0.15
N VAL A 292 -25.94 -24.28 -0.90
CA VAL A 292 -26.91 -23.36 -0.31
C VAL A 292 -28.08 -24.16 0.27
N THR A 293 -28.31 -23.99 1.57
CA THR A 293 -29.30 -24.77 2.30
C THR A 293 -30.07 -23.81 3.19
N GLN A 294 -31.16 -24.29 3.79
CA GLN A 294 -31.92 -23.43 4.68
C GLN A 294 -31.08 -23.04 5.88
N GLN A 295 -30.18 -23.93 6.31
CA GLN A 295 -29.27 -23.64 7.40
C GLN A 295 -28.22 -22.62 7.01
N GLY A 296 -27.95 -22.46 5.70
CA GLY A 296 -26.93 -21.54 5.26
C GLY A 296 -26.02 -22.19 4.25
N PHE A 297 -24.89 -21.54 3.99
CA PHE A 297 -23.94 -21.99 2.98
C PHE A 297 -22.98 -22.97 3.65
N ILE A 298 -22.82 -24.15 3.07
CA ILE A 298 -21.91 -25.16 3.61
C ILE A 298 -20.73 -25.33 2.66
N GLU A 299 -19.54 -24.93 3.14
CA GLU A 299 -18.31 -25.03 2.36
C GLU A 299 -18.03 -26.48 2.00
N ASP A 300 -17.76 -26.73 0.71
CA ASP A 300 -17.27 -28.04 0.27
C ASP A 300 -15.75 -28.04 0.23
N THR A 301 -15.15 -28.50 1.32
CA THR A 301 -13.70 -28.64 1.43
C THR A 301 -13.13 -29.67 0.47
N ARG A 302 -13.96 -30.54 -0.11
CA ARG A 302 -13.48 -31.53 -1.08
C ARG A 302 -13.17 -30.95 -2.46
N LYS A 303 -13.80 -29.85 -2.86
CA LYS A 303 -13.55 -29.25 -4.16
C LYS A 303 -12.69 -28.02 -3.96
N ILE A 304 -11.50 -28.02 -4.58
CA ILE A 304 -10.57 -26.91 -4.51
C ILE A 304 -10.30 -26.29 -5.87
N ALA A 305 -10.07 -27.11 -6.91
CA ALA A 305 -9.94 -26.59 -8.27
C ALA A 305 -11.07 -25.63 -8.62
N PHE A 306 -10.70 -24.46 -9.10
CA PHE A 306 -11.66 -23.44 -9.50
C PHE A 306 -12.51 -23.93 -10.67
N ALA A 307 -13.75 -23.46 -10.72
CA ALA A 307 -14.54 -23.51 -11.94
C ALA A 307 -14.03 -22.47 -12.94
N ASP A 308 -14.63 -22.47 -14.13
CA ASP A 308 -14.17 -21.63 -15.24
C ASP A 308 -15.25 -20.61 -15.59
N PRO A 309 -15.12 -19.36 -15.14
CA PRO A 309 -16.09 -18.34 -15.52
C PRO A 309 -16.05 -18.05 -17.02
N VAL A 310 -17.13 -17.47 -17.52
CA VAL A 310 -17.06 -16.87 -18.85
C VAL A 310 -16.29 -15.56 -18.72
N VAL A 311 -15.20 -15.44 -19.47
CA VAL A 311 -14.31 -14.30 -19.38
C VAL A 311 -14.29 -13.56 -20.70
N MET A 312 -14.59 -12.27 -20.66
CA MET A 312 -14.48 -11.40 -21.83
C MET A 312 -13.43 -10.34 -21.53
N ALA A 313 -12.53 -10.11 -22.47
CA ALA A 313 -11.60 -8.99 -22.37
C ALA A 313 -11.78 -8.11 -23.59
N PHE A 314 -11.76 -6.79 -23.42
CA PHE A 314 -11.92 -5.95 -24.60
C PHE A 314 -11.04 -4.71 -24.57
N ALA A 315 -10.75 -4.21 -25.78
CA ALA A 315 -10.06 -2.95 -26.01
C ALA A 315 -10.80 -2.26 -27.15
N ILE A 316 -11.07 -0.98 -27.00
CA ILE A 316 -11.62 -0.16 -28.07
C ILE A 316 -10.54 0.69 -28.74
N ALA A 317 -10.79 1.05 -30.00
CA ALA A 317 -9.99 2.02 -30.72
C ALA A 317 -10.94 3.10 -31.18
N THR A 318 -10.56 4.36 -30.92
CA THR A 318 -11.33 5.56 -31.20
C THR A 318 -10.55 6.56 -32.03
N THR A 319 -11.31 7.45 -32.69
CA THR A 319 -10.74 8.61 -33.37
C THR A 319 -10.24 9.63 -32.36
N LYS A 320 -9.39 10.53 -32.84
CA LYS A 320 -8.97 11.70 -32.07
C LYS A 320 -8.47 12.75 -33.04
N PRO A 321 -8.44 14.02 -32.63
CA PRO A 321 -7.85 15.05 -33.50
C PRO A 321 -6.35 14.95 -33.52
N PRO A 322 -5.72 15.41 -34.61
CA PRO A 322 -4.25 15.50 -34.67
C PRO A 322 -3.66 16.24 -33.47
N LEU A 323 -2.62 15.65 -32.89
CA LEU A 323 -1.88 16.18 -31.74
C LEU A 323 -2.73 16.43 -30.50
N LYS A 324 -3.99 16.03 -30.47
CA LYS A 324 -4.76 16.16 -29.24
C LYS A 324 -5.17 14.79 -28.73
N PHE A 325 -5.84 14.79 -27.54
CA PHE A 325 -6.34 13.57 -26.91
C PHE A 325 -7.74 13.26 -27.41
N PRO A 326 -8.15 11.98 -27.41
CA PRO A 326 -9.54 11.67 -27.72
C PRO A 326 -10.49 12.39 -26.78
N ASP A 327 -11.56 12.96 -27.34
CA ASP A 327 -12.61 13.58 -26.54
C ASP A 327 -13.95 13.00 -26.97
N SER A 328 -14.65 12.38 -26.01
CA SER A 328 -15.82 11.58 -26.31
C SER A 328 -17.02 12.43 -26.68
N ALA A 329 -16.93 13.74 -26.42
CA ALA A 329 -17.96 14.67 -26.88
C ALA A 329 -18.07 14.78 -28.39
N VAL A 330 -16.99 14.55 -29.13
CA VAL A 330 -17.05 14.74 -30.58
C VAL A 330 -16.45 13.59 -31.37
N ASP A 331 -15.44 12.93 -30.81
CA ASP A 331 -14.83 11.79 -31.48
C ASP A 331 -15.69 10.54 -31.36
N GLN A 332 -15.52 9.64 -32.33
CA GLN A 332 -16.33 8.44 -32.47
C GLN A 332 -15.46 7.21 -32.27
N ILE A 333 -16.07 6.11 -31.85
CA ILE A 333 -15.40 4.82 -31.81
C ILE A 333 -15.36 4.22 -33.20
N MET A 334 -14.17 3.78 -33.63
CA MET A 334 -14.04 3.17 -34.96
C MET A 334 -13.95 1.66 -34.93
N MET A 335 -13.38 1.06 -33.86
CA MET A 335 -13.37 -0.39 -33.74
C MET A 335 -13.45 -0.77 -32.28
N ILE A 336 -14.04 -1.93 -32.00
CA ILE A 336 -13.89 -2.58 -30.70
C ILE A 336 -13.43 -4.02 -30.89
N SER A 337 -12.26 -4.35 -30.37
CA SER A 337 -11.75 -5.71 -30.35
C SER A 337 -12.01 -6.34 -28.98
N TYR A 338 -12.27 -7.64 -28.96
CA TYR A 338 -12.43 -8.36 -27.71
C TYR A 338 -12.14 -9.84 -27.92
N MET A 339 -11.97 -10.54 -26.80
CA MET A 339 -11.83 -11.99 -26.76
C MET A 339 -12.81 -12.55 -25.76
N ILE A 340 -13.41 -13.68 -26.11
CA ILE A 340 -14.30 -14.45 -25.25
C ILE A 340 -13.81 -15.89 -25.18
N ASP A 341 -13.37 -16.32 -23.98
CA ASP A 341 -12.88 -17.67 -23.74
C ASP A 341 -11.95 -18.16 -24.84
N GLY A 342 -11.07 -17.28 -25.31
CA GLY A 342 -10.00 -17.67 -26.20
C GLY A 342 -10.32 -17.51 -27.66
N GLU A 343 -11.47 -16.92 -27.98
CA GLU A 343 -11.90 -16.68 -29.35
C GLU A 343 -12.00 -15.18 -29.57
N GLY A 344 -11.40 -14.69 -30.66
CA GLY A 344 -11.33 -13.26 -30.87
C GLY A 344 -12.45 -12.74 -31.75
N PHE A 345 -12.84 -11.50 -31.49
CA PHE A 345 -13.86 -10.81 -32.24
C PHE A 345 -13.40 -9.38 -32.45
N LEU A 346 -13.74 -8.83 -33.61
CA LEU A 346 -13.47 -7.44 -33.90
C LEU A 346 -14.68 -6.83 -34.60
N ILE A 347 -15.23 -5.76 -34.03
CA ILE A 347 -16.40 -5.08 -34.57
C ILE A 347 -15.92 -3.75 -35.14
N THR A 348 -16.46 -3.39 -36.30
CA THR A 348 -15.93 -2.29 -37.12
C THR A 348 -17.05 -1.32 -37.43
N ASN A 349 -16.73 -0.02 -37.46
CA ASN A 349 -17.68 1.04 -37.80
C ASN A 349 -17.35 1.58 -39.19
N ARG A 350 -18.09 1.11 -40.20
CA ARG A 350 -17.83 1.37 -41.61
C ARG A 350 -18.16 2.80 -42.05
N GLU A 351 -18.63 3.66 -41.13
CA GLU A 351 -18.64 5.09 -41.44
C GLU A 351 -17.23 5.64 -41.49
N ILE A 352 -16.27 4.92 -40.92
CA ILE A 352 -14.89 5.40 -40.77
C ILE A 352 -13.92 4.44 -41.47
N ILE A 353 -14.01 3.14 -41.18
CA ILE A 353 -13.17 2.15 -41.83
C ILE A 353 -13.66 1.96 -43.26
N SER A 354 -12.79 2.27 -44.23
CA SER A 354 -13.22 2.48 -45.61
C SER A 354 -13.34 1.19 -46.42
N GLU A 355 -13.07 0.03 -45.84
CA GLU A 355 -13.46 -1.22 -46.48
C GLU A 355 -13.80 -2.27 -45.44
N ASP A 356 -14.53 -3.29 -45.88
CA ASP A 356 -14.84 -4.45 -45.06
C ASP A 356 -13.56 -5.21 -44.73
N ILE A 357 -13.31 -5.41 -43.44
CA ILE A 357 -12.16 -6.22 -43.02
C ILE A 357 -12.56 -7.69 -43.08
N GLU A 358 -11.64 -8.52 -43.56
CA GLU A 358 -11.83 -9.96 -43.65
C GLU A 358 -11.23 -10.71 -42.46
N ASP A 359 -11.70 -11.94 -42.30
CA ASP A 359 -11.32 -12.81 -41.19
C ASP A 359 -9.82 -13.14 -41.26
N PHE A 360 -9.16 -13.14 -40.11
CA PHE A 360 -7.76 -13.55 -40.12
C PHE A 360 -7.35 -14.05 -38.74
N GLU A 361 -6.15 -14.64 -38.70
CA GLU A 361 -5.57 -15.29 -37.53
C GLU A 361 -4.43 -14.39 -37.06
N TYR A 362 -4.38 -14.07 -35.77
CA TYR A 362 -3.15 -13.55 -35.18
C TYR A 362 -2.74 -14.26 -33.89
N THR A 363 -1.70 -15.09 -33.97
CA THR A 363 -1.33 -15.99 -32.88
C THR A 363 0.18 -15.84 -32.70
N PRO A 364 0.63 -14.99 -31.77
CA PRO A 364 2.07 -14.69 -31.70
C PRO A 364 2.89 -15.73 -30.96
N LYS A 365 2.25 -16.60 -30.18
CA LYS A 365 2.85 -17.76 -29.56
C LYS A 365 1.78 -18.83 -29.45
N PRO A 366 2.15 -20.11 -29.49
CA PRO A 366 1.11 -21.15 -29.39
C PRO A 366 0.27 -21.01 -28.13
N GLU A 367 0.90 -20.60 -27.03
CA GLU A 367 0.17 -20.24 -25.81
C GLU A 367 -0.95 -19.25 -26.08
N TYR A 368 -0.78 -18.35 -27.05
CA TYR A 368 -1.75 -17.30 -27.31
C TYR A 368 -2.53 -17.43 -28.62
N PRO A 369 -3.41 -18.42 -28.79
CA PRO A 369 -4.12 -18.55 -30.07
C PRO A 369 -5.00 -17.33 -30.32
N GLY A 370 -5.04 -16.87 -31.57
CA GLY A 370 -5.99 -15.83 -31.92
C GLY A 370 -6.76 -15.89 -33.23
N PHE A 371 -7.93 -16.53 -33.26
CA PHE A 371 -8.78 -16.54 -34.45
C PHE A 371 -9.80 -15.43 -34.28
N PHE A 372 -9.74 -14.41 -35.12
CA PHE A 372 -10.65 -13.27 -35.03
C PHE A 372 -11.77 -13.33 -36.05
N THR A 373 -12.99 -13.16 -35.57
CA THR A 373 -14.19 -13.00 -36.36
C THR A 373 -14.56 -11.52 -36.50
N ILE A 374 -14.97 -11.10 -37.70
CA ILE A 374 -15.17 -9.69 -38.00
C ILE A 374 -16.66 -9.41 -38.10
N PHE A 375 -17.07 -8.25 -37.58
CA PHE A 375 -18.43 -7.74 -37.68
C PHE A 375 -18.35 -6.35 -38.31
N ASN A 376 -18.51 -6.28 -39.62
CA ASN A 376 -18.49 -5.00 -40.35
C ASN A 376 -19.86 -4.36 -40.23
N GLU A 377 -20.00 -3.35 -39.36
CA GLU A 377 -21.28 -2.71 -39.10
C GLU A 377 -21.35 -1.41 -39.89
N ASN A 378 -22.58 -0.99 -40.21
CA ASN A 378 -22.73 0.12 -41.15
C ASN A 378 -22.31 1.45 -40.52
N ASP A 379 -22.56 1.62 -39.22
CA ASP A 379 -22.25 2.87 -38.56
C ASP A 379 -22.01 2.59 -37.07
N GLU A 380 -21.92 3.67 -36.29
CA GLU A 380 -21.46 3.56 -34.91
C GLU A 380 -22.49 2.84 -34.06
N VAL A 381 -23.77 3.18 -34.26
CA VAL A 381 -24.84 2.64 -33.43
C VAL A 381 -24.94 1.13 -33.66
N ALA A 382 -24.75 0.68 -34.90
CA ALA A 382 -24.83 -0.74 -35.17
C ALA A 382 -23.71 -1.49 -34.47
N LEU A 383 -22.49 -0.95 -34.52
CA LEU A 383 -21.37 -1.54 -33.78
C LEU A 383 -21.69 -1.66 -32.30
N LEU A 384 -22.23 -0.59 -31.72
CA LEU A 384 -22.63 -0.61 -30.31
C LEU A 384 -23.71 -1.67 -30.04
N GLN A 385 -24.68 -1.79 -30.93
CA GLN A 385 -25.78 -2.73 -30.71
C GLN A 385 -25.30 -4.17 -30.83
N ARG A 386 -24.43 -4.43 -31.81
CA ARG A 386 -23.81 -5.76 -31.88
C ARG A 386 -23.01 -6.05 -30.63
N PHE A 387 -22.35 -5.04 -30.07
CA PHE A 387 -21.54 -5.29 -28.88
C PHE A 387 -22.41 -5.64 -27.68
N PHE A 388 -23.41 -4.81 -27.38
CA PHE A 388 -24.30 -5.08 -26.25
C PHE A 388 -25.06 -6.39 -26.44
N GLU A 389 -25.62 -6.60 -27.62
CA GLU A 389 -26.36 -7.82 -27.88
C GLU A 389 -25.48 -9.07 -27.77
N HIS A 390 -24.26 -9.02 -28.32
CA HIS A 390 -23.33 -10.13 -28.17
C HIS A 390 -23.00 -10.39 -26.69
N ILE A 391 -22.88 -9.32 -25.91
CA ILE A 391 -22.62 -9.47 -24.48
C ILE A 391 -23.77 -10.18 -23.79
N ARG A 392 -24.99 -9.75 -24.11
CA ARG A 392 -26.18 -10.44 -23.61
C ARG A 392 -26.18 -11.91 -24.06
N ASP A 393 -25.76 -12.17 -25.30
CA ASP A 393 -25.66 -13.54 -25.80
C ASP A 393 -24.72 -14.39 -24.96
N VAL A 394 -23.56 -13.85 -24.61
CA VAL A 394 -22.52 -14.69 -23.99
C VAL A 394 -22.53 -14.61 -22.46
N ARG A 395 -23.09 -13.55 -21.88
CA ARG A 395 -23.26 -13.40 -20.43
C ARG A 395 -21.92 -13.46 -19.70
N PRO A 396 -20.99 -12.53 -19.94
CA PRO A 396 -19.73 -12.57 -19.20
C PRO A 396 -19.95 -12.30 -17.72
N THR A 397 -19.20 -13.01 -16.88
CA THR A 397 -19.10 -12.65 -15.46
C THR A 397 -17.77 -12.04 -15.08
N VAL A 398 -16.76 -12.05 -15.95
CA VAL A 398 -15.66 -11.10 -15.90
C VAL A 398 -15.59 -10.35 -17.22
N ILE A 399 -15.48 -9.03 -17.14
CA ILE A 399 -15.09 -8.16 -18.25
C ILE A 399 -13.80 -7.46 -17.86
N SER A 400 -12.75 -7.64 -18.68
CA SER A 400 -11.44 -7.06 -18.39
C SER A 400 -11.10 -5.97 -19.40
N THR A 401 -10.32 -4.99 -18.92
CA THR A 401 -9.78 -3.93 -19.77
C THR A 401 -8.35 -3.61 -19.35
N PHE A 402 -7.74 -2.68 -20.08
CA PHE A 402 -6.49 -2.02 -19.67
C PHE A 402 -6.73 -0.52 -19.62
N ASN A 403 -6.85 0.04 -18.40
CA ASN A 403 -7.21 1.45 -18.20
C ASN A 403 -8.62 1.75 -18.71
N GLY A 404 -9.51 0.77 -18.62
CA GLY A 404 -10.90 1.00 -18.98
C GLY A 404 -11.68 1.90 -18.05
N ASP A 405 -11.27 2.02 -16.79
CA ASP A 405 -11.98 2.90 -15.87
C ASP A 405 -11.80 4.37 -16.24
N PHE A 406 -10.65 4.72 -16.80
CA PHE A 406 -10.39 6.10 -17.18
C PHE A 406 -10.59 6.39 -18.66
N PHE A 407 -10.46 5.41 -19.54
CA PHE A 407 -10.68 5.63 -20.97
C PHE A 407 -11.85 4.88 -21.57
N ASP A 408 -11.65 3.57 -21.82
CA ASP A 408 -12.63 2.74 -22.51
C ASP A 408 -14.06 2.98 -22.04
N TRP A 409 -14.31 2.71 -20.75
CA TRP A 409 -15.70 2.72 -20.26
C TRP A 409 -16.38 4.07 -20.40
N PRO A 410 -15.83 5.19 -19.92
CA PRO A 410 -16.56 6.46 -20.11
C PRO A 410 -16.80 6.82 -21.56
N PHE A 411 -15.89 6.46 -22.47
CA PHE A 411 -16.08 6.68 -23.90
C PHE A 411 -17.24 5.86 -24.44
N ILE A 412 -17.22 4.55 -24.17
CA ILE A 412 -18.34 3.68 -24.54
C ILE A 412 -19.65 4.20 -23.98
N HIS A 413 -19.66 4.59 -22.70
CA HIS A 413 -20.86 5.13 -22.08
C HIS A 413 -21.35 6.37 -22.82
N ASN A 414 -20.43 7.23 -23.25
CA ASN A 414 -20.85 8.50 -23.83
C ASN A 414 -21.37 8.30 -25.26
N ARG A 415 -20.75 7.40 -26.02
CA ARG A 415 -21.32 7.06 -27.33
C ARG A 415 -22.66 6.35 -27.18
N SER A 416 -22.79 5.49 -26.15
CA SER A 416 -24.06 4.83 -25.88
C SER A 416 -25.16 5.85 -25.63
N LYS A 417 -24.88 6.83 -24.77
CA LYS A 417 -25.81 7.93 -24.51
C LYS A 417 -26.12 8.70 -25.79
N ILE A 418 -25.12 8.95 -26.63
CA ILE A 418 -25.34 9.70 -27.86
C ILE A 418 -26.37 9.02 -28.76
N HIS A 419 -26.40 7.68 -28.78
CA HIS A 419 -27.40 6.98 -29.58
C HIS A 419 -28.67 6.65 -28.79
N GLY A 420 -28.92 7.35 -27.69
CA GLY A 420 -30.13 7.09 -26.93
C GLY A 420 -30.20 5.75 -26.24
N LEU A 421 -29.06 5.10 -26.01
CA LEU A 421 -29.03 3.84 -25.29
C LEU A 421 -28.68 4.08 -23.83
N ASP A 422 -29.21 3.22 -22.97
CA ASP A 422 -28.99 3.25 -21.52
C ASP A 422 -28.13 2.05 -21.14
N MET A 423 -26.85 2.28 -20.90
CA MET A 423 -25.92 1.17 -20.74
C MET A 423 -26.29 0.34 -19.52
N PHE A 424 -26.69 0.99 -18.42
CA PHE A 424 -27.14 0.26 -17.25
C PHE A 424 -28.29 -0.68 -17.60
N ASP A 425 -29.28 -0.17 -18.34
CA ASP A 425 -30.39 -1.03 -18.74
C ASP A 425 -29.96 -2.09 -19.75
N GLU A 426 -28.96 -1.79 -20.59
CA GLU A 426 -28.56 -2.73 -21.64
C GLU A 426 -27.72 -3.89 -21.11
N ILE A 427 -26.79 -3.62 -20.21
CA ILE A 427 -25.88 -4.66 -19.73
C ILE A 427 -25.57 -4.50 -18.24
N GLY A 428 -26.19 -3.54 -17.57
CA GLY A 428 -26.13 -3.51 -16.13
C GLY A 428 -24.88 -2.88 -15.55
N PHE A 429 -24.10 -2.18 -16.37
CA PHE A 429 -22.92 -1.45 -15.93
C PHE A 429 -23.24 0.03 -15.78
N ALA A 430 -22.70 0.65 -14.74
CA ALA A 430 -22.90 2.07 -14.50
C ALA A 430 -21.73 2.58 -13.68
N PRO A 431 -21.46 3.88 -13.70
CA PRO A 431 -20.42 4.43 -12.83
C PRO A 431 -20.83 4.45 -11.37
N ASP A 432 -19.86 4.18 -10.51
CA ASP A 432 -20.04 4.23 -9.07
C ASP A 432 -19.56 5.58 -8.53
N ALA A 433 -19.52 5.71 -7.20
CA ALA A 433 -19.18 6.98 -6.57
C ALA A 433 -17.76 7.45 -6.92
N GLU A 434 -16.86 6.55 -7.28
CA GLU A 434 -15.52 6.92 -7.68
C GLU A 434 -15.40 7.29 -9.17
N GLY A 435 -16.51 7.29 -9.89
CA GLY A 435 -16.43 7.43 -11.33
C GLY A 435 -16.00 6.18 -12.06
N GLU A 436 -15.90 5.04 -11.36
CA GLU A 436 -15.51 3.80 -11.99
C GLU A 436 -16.76 3.03 -12.41
N TYR A 437 -16.60 2.23 -13.46
CA TYR A 437 -17.70 1.50 -14.07
C TYR A 437 -17.82 0.08 -13.50
N LYS A 438 -18.97 -0.22 -12.90
CA LYS A 438 -19.19 -1.43 -12.12
C LYS A 438 -20.55 -1.98 -12.49
N SER A 439 -20.68 -3.31 -12.44
CA SER A 439 -21.97 -3.97 -12.42
C SER A 439 -22.09 -4.90 -11.22
N SER A 440 -23.29 -5.44 -11.05
CA SER A 440 -23.53 -6.43 -10.00
C SER A 440 -23.03 -7.81 -10.39
N TYR A 441 -23.32 -8.24 -11.61
CA TYR A 441 -23.14 -9.64 -12.01
C TYR A 441 -21.81 -9.90 -12.68
N CYS A 442 -21.06 -8.88 -13.04
CA CYS A 442 -19.83 -9.07 -13.81
C CYS A 442 -18.74 -8.15 -13.30
N SER A 443 -17.61 -8.74 -12.92
CA SER A 443 -16.49 -7.95 -12.39
C SER A 443 -15.85 -7.15 -13.51
N HIS A 444 -15.43 -5.93 -13.18
CA HIS A 444 -14.64 -5.08 -14.08
C HIS A 444 -13.16 -5.11 -13.69
N MET A 445 -12.37 -5.88 -14.42
CA MET A 445 -10.97 -6.11 -14.09
C MET A 445 -10.08 -5.21 -14.96
N ASP A 446 -9.78 -4.03 -14.45
CA ASP A 446 -8.89 -3.11 -15.14
C ASP A 446 -7.46 -3.55 -14.86
N CYS A 447 -6.80 -4.12 -15.87
CA CYS A 447 -5.46 -4.66 -15.66
C CYS A 447 -4.47 -3.60 -15.21
N PHE A 448 -4.66 -2.34 -15.63
CA PHE A 448 -3.80 -1.25 -15.21
C PHE A 448 -3.74 -1.11 -13.68
N ARG A 449 -4.86 -1.37 -12.98
CA ARG A 449 -4.83 -1.29 -11.53
C ARG A 449 -3.88 -2.33 -10.94
N TRP A 450 -3.93 -3.55 -11.47
CA TRP A 450 -3.02 -4.61 -11.01
C TRP A 450 -1.59 -4.26 -11.36
N VAL A 451 -1.35 -3.77 -12.58
CA VAL A 451 -0.02 -3.32 -12.98
C VAL A 451 0.54 -2.33 -11.96
N LYS A 452 -0.24 -1.29 -11.63
CA LYS A 452 0.26 -0.26 -10.74
C LYS A 452 0.45 -0.77 -9.32
N ARG A 453 -0.42 -1.66 -8.84
CA ARG A 453 -0.35 -2.04 -7.43
C ARG A 453 0.56 -3.24 -7.16
N ASP A 454 0.49 -4.27 -8.00
CA ASP A 454 0.99 -5.61 -7.69
C ASP A 454 2.05 -6.13 -8.64
N SER A 455 2.23 -5.51 -9.82
CA SER A 455 3.16 -6.07 -10.80
C SER A 455 4.61 -5.90 -10.38
N TYR A 456 4.90 -4.94 -9.50
CA TYR A 456 6.26 -4.59 -9.12
C TYR A 456 7.05 -4.03 -10.30
N LEU A 457 6.32 -3.43 -11.31
CA LEU A 457 7.04 -2.83 -12.42
C LEU A 457 7.26 -1.34 -12.18
N PRO A 458 8.39 -0.79 -12.64
CA PRO A 458 8.57 0.66 -12.59
C PRO A 458 7.58 1.39 -13.48
N GLN A 459 7.24 2.62 -13.08
CA GLN A 459 6.28 3.41 -13.84
C GLN A 459 6.69 3.55 -15.30
N GLY A 460 8.00 3.61 -15.55
CA GLY A 460 8.52 3.63 -16.91
C GLY A 460 8.17 2.41 -17.73
N SER A 461 7.83 1.30 -17.08
CA SER A 461 7.43 0.08 -17.76
C SER A 461 5.97 -0.29 -17.53
N GLN A 462 5.10 0.70 -17.30
CA GLN A 462 3.70 0.44 -17.02
C GLN A 462 2.82 0.64 -18.25
N GLY A 463 3.42 0.92 -19.40
CA GLY A 463 2.67 0.92 -20.63
C GLY A 463 2.32 -0.49 -21.08
N LEU A 464 1.27 -0.58 -21.91
CA LEU A 464 0.83 -1.89 -22.39
C LEU A 464 1.96 -2.63 -23.11
N LYS A 465 2.73 -1.91 -23.92
CA LYS A 465 3.85 -2.50 -24.64
C LYS A 465 4.86 -3.15 -23.69
N ALA A 466 5.36 -2.35 -22.72
CA ALA A 466 6.34 -2.86 -21.77
C ALA A 466 5.77 -3.95 -20.88
N VAL A 467 4.49 -3.87 -20.51
CA VAL A 467 3.92 -4.94 -19.71
C VAL A 467 3.85 -6.23 -20.53
N THR A 468 3.51 -6.10 -21.82
CA THR A 468 3.42 -7.29 -22.66
C THR A 468 4.79 -7.95 -22.76
N GLN A 469 5.82 -7.13 -22.99
CA GLN A 469 7.17 -7.65 -23.16
C GLN A 469 7.67 -8.29 -21.87
N SER A 470 7.42 -7.63 -20.73
CA SER A 470 7.90 -8.13 -19.45
C SER A 470 7.20 -9.42 -19.06
N LYS A 471 5.88 -9.48 -19.23
CA LYS A 471 5.09 -10.51 -18.58
C LYS A 471 4.69 -11.65 -19.51
N LEU A 472 4.46 -11.37 -20.79
CA LEU A 472 4.08 -12.41 -21.75
C LEU A 472 5.23 -12.84 -22.66
N GLY A 473 6.29 -12.05 -22.75
CA GLY A 473 7.53 -12.52 -23.31
C GLY A 473 7.60 -12.44 -24.81
N TYR A 474 6.93 -11.44 -25.41
CA TYR A 474 6.94 -11.25 -26.85
C TYR A 474 6.69 -9.78 -27.14
N ASN A 475 6.83 -9.41 -28.40
CA ASN A 475 6.87 -8.01 -28.82
C ASN A 475 5.62 -7.67 -29.63
N PRO A 476 4.67 -6.93 -29.09
CA PRO A 476 3.39 -6.74 -29.78
C PRO A 476 3.52 -5.70 -30.88
N ILE A 477 2.43 -5.58 -31.66
CA ILE A 477 2.38 -4.62 -32.75
C ILE A 477 2.28 -3.20 -32.21
N GLU A 478 3.03 -2.28 -32.82
CA GLU A 478 3.13 -0.90 -32.37
C GLU A 478 2.72 0.03 -33.49
N LEU A 479 1.97 1.07 -33.14
CA LEU A 479 1.49 2.03 -34.12
C LEU A 479 1.39 3.40 -33.45
N ASP A 480 1.97 4.41 -34.09
CA ASP A 480 1.89 5.77 -33.58
C ASP A 480 0.43 6.19 -33.51
N PRO A 481 -0.04 6.70 -32.35
CA PRO A 481 -1.46 7.05 -32.24
C PRO A 481 -1.90 8.09 -33.26
N GLU A 482 -1.02 9.03 -33.60
CA GLU A 482 -1.30 10.02 -34.65
C GLU A 482 -1.60 9.35 -35.98
N LEU A 483 -1.15 8.13 -36.20
CA LEU A 483 -1.39 7.42 -37.45
C LEU A 483 -2.67 6.61 -37.43
N MET A 484 -3.35 6.50 -36.29
CA MET A 484 -4.46 5.56 -36.20
C MET A 484 -5.67 6.04 -36.99
N THR A 485 -5.97 7.34 -36.93
CA THR A 485 -7.11 7.87 -37.70
C THR A 485 -6.88 7.80 -39.21
N PRO A 486 -5.81 8.37 -39.78
CA PRO A 486 -5.59 8.22 -41.23
C PRO A 486 -5.57 6.79 -41.75
N TYR A 487 -4.93 5.86 -41.03
CA TYR A 487 -4.89 4.48 -41.51
C TYR A 487 -6.28 3.86 -41.56
N ALA A 488 -7.19 4.32 -40.71
CA ALA A 488 -8.58 3.86 -40.76
C ALA A 488 -9.09 3.95 -42.19
N PHE A 489 -8.82 5.07 -42.85
CA PHE A 489 -9.21 5.22 -44.24
C PHE A 489 -8.23 4.46 -45.14
N GLU A 490 -6.93 4.72 -44.98
CA GLU A 490 -5.94 4.31 -45.96
C GLU A 490 -5.41 2.88 -45.80
N LYS A 491 -5.21 2.40 -44.57
CA LYS A 491 -4.62 1.07 -44.37
C LYS A 491 -5.31 0.32 -43.24
N PRO A 492 -6.59 -0.03 -43.43
CA PRO A 492 -7.43 -0.47 -42.31
C PRO A 492 -6.97 -1.80 -41.72
N GLN A 493 -6.35 -2.67 -42.54
CA GLN A 493 -5.83 -3.94 -42.05
C GLN A 493 -4.73 -3.76 -41.01
N HIS A 494 -3.81 -2.80 -41.23
CA HIS A 494 -2.73 -2.63 -40.26
C HIS A 494 -3.27 -2.12 -38.93
N LEU A 495 -4.14 -1.11 -38.99
CA LEU A 495 -4.82 -0.62 -37.79
C LEU A 495 -5.56 -1.74 -37.08
N SER A 496 -6.21 -2.63 -37.83
CA SER A 496 -6.97 -3.69 -37.19
C SER A 496 -6.05 -4.75 -36.60
N GLU A 497 -4.87 -4.93 -37.18
CA GLU A 497 -3.91 -5.85 -36.60
C GLU A 497 -3.41 -5.32 -35.28
N TYR A 498 -3.19 -4.00 -35.21
CA TYR A 498 -2.80 -3.37 -33.94
C TYR A 498 -3.91 -3.56 -32.91
N SER A 499 -5.14 -3.25 -33.29
CA SER A 499 -6.28 -3.36 -32.37
C SER A 499 -6.38 -4.78 -31.80
N VAL A 500 -6.32 -5.78 -32.68
CA VAL A 500 -6.51 -7.14 -32.17
C VAL A 500 -5.29 -7.57 -31.38
N SER A 501 -4.10 -7.07 -31.70
CA SER A 501 -2.94 -7.39 -30.89
C SER A 501 -3.14 -6.89 -29.46
N ASP A 502 -3.65 -5.66 -29.33
CA ASP A 502 -4.09 -5.13 -28.04
C ASP A 502 -5.05 -6.09 -27.33
N ALA A 503 -6.06 -6.58 -28.06
CA ALA A 503 -7.04 -7.45 -27.41
C ALA A 503 -6.45 -8.78 -27.01
N VAL A 504 -5.51 -9.30 -27.81
CA VAL A 504 -4.89 -10.59 -27.48
C VAL A 504 -4.03 -10.42 -26.24
N ALA A 505 -3.24 -9.35 -26.21
CA ALA A 505 -2.35 -9.12 -25.09
C ALA A 505 -3.18 -8.97 -23.82
N THR A 506 -4.30 -8.24 -23.90
CA THR A 506 -5.05 -7.95 -22.70
C THR A 506 -5.72 -9.22 -22.20
N TYR A 507 -6.31 -9.99 -23.11
CA TYR A 507 -6.96 -11.25 -22.74
C TYR A 507 -5.98 -12.19 -22.06
N TYR A 508 -4.82 -12.41 -22.68
CA TYR A 508 -3.95 -13.44 -22.15
C TYR A 508 -3.18 -12.94 -20.93
N LEU A 509 -2.95 -11.63 -20.84
CA LEU A 509 -2.44 -11.05 -19.60
C LEU A 509 -3.38 -11.33 -18.45
N TYR A 510 -4.68 -11.13 -18.67
CA TYR A 510 -5.67 -11.42 -17.64
C TYR A 510 -5.67 -12.91 -17.28
N MET A 511 -5.78 -13.78 -18.29
CA MET A 511 -5.90 -15.21 -18.03
C MET A 511 -4.66 -15.79 -17.37
N LYS A 512 -3.47 -15.33 -17.76
CA LYS A 512 -2.25 -15.94 -17.25
C LYS A 512 -1.80 -15.37 -15.92
N TYR A 513 -2.10 -14.10 -15.65
CA TYR A 513 -1.61 -13.41 -14.46
C TYR A 513 -2.70 -12.93 -13.53
N VAL A 514 -3.72 -12.24 -14.05
CA VAL A 514 -4.66 -11.54 -13.18
C VAL A 514 -5.70 -12.49 -12.59
N HIS A 515 -6.26 -13.38 -13.41
CA HIS A 515 -7.34 -14.24 -12.93
C HIS A 515 -6.95 -15.13 -11.75
N PRO A 516 -5.91 -15.97 -11.82
CA PRO A 516 -5.57 -16.80 -10.65
C PRO A 516 -5.28 -15.96 -9.41
N PHE A 517 -4.57 -14.85 -9.57
CA PHE A 517 -4.16 -14.04 -8.42
C PHE A 517 -5.37 -13.41 -7.75
N ILE A 518 -6.19 -12.71 -8.53
CA ILE A 518 -7.33 -12.00 -7.95
C ILE A 518 -8.33 -12.97 -7.34
N PHE A 519 -8.72 -14.01 -8.09
CA PHE A 519 -9.67 -14.98 -7.54
C PHE A 519 -9.15 -15.71 -6.31
N SER A 520 -7.86 -16.09 -6.30
CA SER A 520 -7.32 -16.71 -5.10
C SER A 520 -7.31 -15.74 -3.93
N LEU A 521 -6.95 -14.48 -4.17
CA LEU A 521 -7.06 -13.48 -3.13
C LEU A 521 -8.51 -13.36 -2.62
N CYS A 522 -9.48 -13.42 -3.53
CA CYS A 522 -10.88 -13.46 -3.11
C CYS A 522 -11.19 -14.66 -2.22
N THR A 523 -10.46 -15.76 -2.40
CA THR A 523 -10.73 -16.94 -1.56
C THR A 523 -10.31 -16.74 -0.11
N ILE A 524 -9.55 -15.70 0.19
CA ILE A 524 -9.15 -15.38 1.55
C ILE A 524 -9.56 -13.98 2.01
N ILE A 525 -9.82 -13.04 1.11
CA ILE A 525 -10.26 -11.70 1.49
C ILE A 525 -11.76 -11.54 1.30
N PRO A 526 -12.47 -10.95 2.25
CA PRO A 526 -13.95 -10.93 2.21
C PRO A 526 -14.45 -9.78 1.34
N LEU A 527 -14.07 -9.82 0.06
CA LEU A 527 -14.35 -8.77 -0.90
C LEU A 527 -14.62 -9.43 -2.24
N ASN A 528 -15.30 -8.69 -3.11
CA ASN A 528 -15.48 -9.13 -4.48
C ASN A 528 -14.21 -8.84 -5.28
N PRO A 529 -14.11 -9.40 -6.50
CA PRO A 529 -12.90 -9.17 -7.30
C PRO A 529 -12.56 -7.69 -7.53
N ASP A 530 -13.57 -6.88 -7.89
CA ASP A 530 -13.36 -5.45 -8.11
C ASP A 530 -12.61 -4.78 -6.95
N GLU A 531 -13.01 -5.07 -5.71
CA GLU A 531 -12.43 -4.33 -4.59
C GLU A 531 -11.04 -4.85 -4.28
N THR A 532 -10.88 -6.17 -4.22
CA THR A 532 -9.57 -6.74 -3.97
C THR A 532 -8.56 -6.29 -5.02
N LEU A 533 -9.02 -6.14 -6.27
CA LEU A 533 -8.17 -5.51 -7.28
C LEU A 533 -7.86 -4.05 -6.96
N ARG A 534 -8.84 -3.31 -6.41
CA ARG A 534 -8.70 -1.86 -6.40
C ARG A 534 -8.34 -1.24 -5.05
N LYS A 535 -8.64 -1.90 -3.93
CA LYS A 535 -8.37 -1.29 -2.64
C LYS A 535 -6.87 -1.10 -2.44
N GLY A 536 -6.51 -0.08 -1.65
CA GLY A 536 -5.13 0.04 -1.20
C GLY A 536 -4.67 -1.20 -0.48
N THR A 537 -3.37 -1.48 -0.60
CA THR A 537 -2.76 -2.56 0.18
C THR A 537 -2.93 -2.34 1.68
N GLY A 538 -2.89 -1.09 2.15
CA GLY A 538 -3.19 -0.84 3.55
C GLY A 538 -4.58 -1.28 3.96
N THR A 539 -5.57 -1.02 3.10
CA THR A 539 -6.92 -1.45 3.44
C THR A 539 -7.05 -2.97 3.37
N LEU A 540 -6.38 -3.61 2.41
CA LEU A 540 -6.36 -5.07 2.36
C LEU A 540 -5.81 -5.68 3.65
N CYS A 541 -4.66 -5.17 4.10
CA CYS A 541 -4.12 -5.57 5.39
C CYS A 541 -5.15 -5.35 6.50
N GLU A 542 -5.74 -4.16 6.55
CA GLU A 542 -6.77 -3.88 7.55
C GLU A 542 -7.87 -4.94 7.53
N MET A 543 -8.30 -5.34 6.33
CA MET A 543 -9.41 -6.28 6.22
C MET A 543 -9.00 -7.66 6.72
N LEU A 544 -7.79 -8.09 6.36
CA LEU A 544 -7.28 -9.36 6.85
C LEU A 544 -7.19 -9.36 8.37
N LEU A 545 -6.73 -8.24 8.95
CA LEU A 545 -6.54 -8.19 10.39
C LEU A 545 -7.90 -8.21 11.07
N MET A 546 -8.88 -7.54 10.46
CA MET A 546 -10.25 -7.51 10.96
C MET A 546 -10.87 -8.90 10.93
N VAL A 547 -10.61 -9.66 9.87
CA VAL A 547 -11.10 -11.03 9.75
C VAL A 547 -10.53 -11.91 10.85
N GLN A 548 -9.21 -11.87 11.07
CA GLN A 548 -8.61 -12.75 12.07
C GLN A 548 -9.16 -12.47 13.47
N ALA A 549 -9.45 -11.22 13.79
CA ALA A 549 -9.93 -10.89 15.13
C ALA A 549 -11.37 -11.37 15.30
N ASN B 54 37.13 -20.80 4.66
CA ASN B 54 36.85 -21.01 6.08
C ASN B 54 35.91 -19.98 6.67
N TYR B 55 35.17 -20.41 7.69
CA TYR B 55 34.18 -19.57 8.36
C TYR B 55 34.85 -18.68 9.40
N ALA B 56 35.72 -17.80 8.91
CA ALA B 56 36.31 -16.78 9.77
C ALA B 56 35.34 -15.64 10.03
N LEU B 57 34.24 -15.56 9.28
CA LEU B 57 33.19 -14.59 9.54
C LEU B 57 32.19 -15.09 10.58
N SER B 58 32.01 -16.41 10.69
CA SER B 58 31.37 -16.99 11.88
C SER B 58 31.84 -16.29 13.14
N ALA B 59 33.15 -16.32 13.39
CA ALA B 59 33.70 -15.80 14.63
C ALA B 59 33.52 -14.29 14.74
N GLN B 60 33.39 -13.59 13.61
CA GLN B 60 33.12 -12.16 13.66
C GLN B 60 31.66 -11.87 13.99
N GLN B 61 30.73 -12.61 13.39
CA GLN B 61 29.35 -12.46 13.81
C GLN B 61 29.20 -12.84 15.28
N LEU B 62 30.01 -13.78 15.75
CA LEU B 62 29.98 -14.12 17.17
C LEU B 62 30.53 -12.98 18.01
N LEU B 63 31.49 -12.23 17.47
CA LEU B 63 32.03 -11.08 18.18
C LEU B 63 30.99 -9.97 18.25
N ASN B 64 30.28 -9.72 17.14
CA ASN B 64 29.22 -8.73 17.14
C ASN B 64 28.13 -9.15 18.11
N ALA B 65 27.78 -10.44 18.12
CA ALA B 65 26.81 -10.97 19.07
C ALA B 65 27.24 -10.70 20.49
N SER B 66 28.53 -10.89 20.79
CA SER B 66 29.01 -10.74 22.16
C SER B 66 29.04 -9.27 22.60
N LYS B 67 29.41 -8.38 21.69
CA LYS B 67 29.24 -6.94 21.95
C LYS B 67 27.77 -6.58 22.18
N ILE B 68 26.86 -7.14 21.39
CA ILE B 68 25.44 -6.86 21.62
C ILE B 68 25.01 -7.42 22.97
N ASP B 69 25.49 -8.60 23.33
CA ASP B 69 25.24 -9.16 24.66
C ASP B 69 25.72 -8.21 25.75
N ASP B 70 26.88 -7.58 25.55
CA ASP B 70 27.41 -6.65 26.53
C ASP B 70 26.55 -5.40 26.63
N ILE B 71 26.16 -4.83 25.49
CA ILE B 71 25.21 -3.72 25.48
C ILE B 71 23.94 -4.09 26.24
N ASP B 72 23.37 -5.26 25.93
CA ASP B 72 22.12 -5.69 26.55
C ASP B 72 22.26 -5.84 28.05
N SER B 73 23.35 -6.46 28.51
CA SER B 73 23.55 -6.65 29.94
C SER B 73 23.82 -5.34 30.67
N MET B 74 24.57 -4.43 30.04
CA MET B 74 24.77 -3.10 30.61
C MET B 74 23.46 -2.36 30.80
N MET B 75 22.49 -2.58 29.92
CA MET B 75 21.20 -1.92 30.00
C MET B 75 20.13 -2.75 30.71
N GLY B 76 20.50 -3.85 31.35
CA GLY B 76 19.57 -4.57 32.20
C GLY B 76 18.89 -5.77 31.59
N PHE B 77 19.39 -6.28 30.46
CA PHE B 77 18.83 -7.47 29.82
C PHE B 77 19.85 -8.60 29.82
N GLU B 78 20.01 -9.23 30.99
CA GLU B 78 20.80 -10.44 31.11
C GLU B 78 20.03 -11.63 30.57
N ARG B 79 20.76 -12.61 30.05
CA ARG B 79 20.15 -13.84 29.56
C ARG B 79 19.62 -14.66 30.73
N TYR B 80 18.31 -14.89 30.75
CA TYR B 80 17.67 -15.76 31.73
C TYR B 80 17.48 -17.14 31.12
N VAL B 81 17.89 -18.17 31.87
CA VAL B 81 17.70 -19.56 31.46
C VAL B 81 16.81 -20.28 32.46
N PRO B 82 15.61 -20.70 32.06
CA PRO B 82 14.64 -21.25 33.03
C PRO B 82 15.10 -22.60 33.54
N PRO B 83 14.52 -23.11 34.62
CA PRO B 83 15.01 -24.38 35.16
C PRO B 83 14.66 -25.55 34.27
N GLN B 84 15.53 -26.57 34.33
CA GLN B 84 15.29 -27.87 33.74
C GLN B 84 14.43 -28.75 34.64
N TYR B 85 13.35 -29.29 34.08
CA TYR B 85 12.57 -30.31 34.78
C TYR B 85 11.70 -31.07 33.78
N ASN B 86 11.52 -32.37 34.02
CA ASN B 86 10.76 -33.25 33.14
C ASN B 86 9.34 -33.40 33.70
N GLY B 87 8.37 -32.88 32.96
CA GLY B 87 6.97 -33.00 33.35
C GLY B 87 6.06 -33.13 32.15
N ARG B 88 4.76 -32.96 32.36
CA ARG B 88 3.78 -33.03 31.28
C ARG B 88 3.57 -31.65 30.68
N PHE B 89 3.40 -31.62 29.37
CA PHE B 89 3.16 -30.36 28.65
C PHE B 89 1.71 -29.97 28.84
N ASP B 90 1.45 -29.07 29.79
CA ASP B 90 0.11 -28.62 30.10
C ASP B 90 0.08 -27.09 30.00
N ALA B 91 -0.89 -26.58 29.25
CA ALA B 91 -1.08 -25.14 29.11
C ALA B 91 -2.03 -24.57 30.16
N LYS B 92 -2.92 -25.39 30.72
CA LYS B 92 -3.82 -24.90 31.76
C LYS B 92 -3.07 -24.65 33.06
N ASP B 93 -2.01 -25.41 33.33
CA ASP B 93 -1.24 -25.28 34.56
C ASP B 93 0.06 -24.53 34.28
N ILE B 94 -0.09 -23.26 33.94
CA ILE B 94 1.06 -22.44 33.57
C ILE B 94 1.83 -21.97 34.80
N ASP B 95 1.13 -21.53 35.83
CA ASP B 95 1.80 -21.03 37.04
C ASP B 95 2.58 -22.12 37.76
N GLN B 96 2.32 -23.40 37.44
CA GLN B 96 3.02 -24.49 38.11
C GLN B 96 4.35 -24.79 37.43
N ILE B 97 4.40 -24.72 36.12
CA ILE B 97 5.60 -25.10 35.35
C ILE B 97 6.74 -24.15 35.71
N PRO B 98 7.95 -24.66 35.95
CA PRO B 98 9.06 -23.78 36.30
C PRO B 98 9.38 -22.81 35.16
N GLY B 99 9.43 -21.53 35.51
CA GLY B 99 9.74 -20.52 34.51
C GLY B 99 9.62 -19.14 35.11
N ARG B 100 9.65 -18.15 34.22
CA ARG B 100 9.56 -16.75 34.62
C ARG B 100 8.60 -16.01 33.71
N VAL B 101 7.66 -15.27 34.30
CA VAL B 101 6.64 -14.56 33.53
C VAL B 101 7.18 -13.21 33.10
N GLY B 102 6.93 -12.87 31.84
CA GLY B 102 7.41 -11.61 31.29
C GLY B 102 6.58 -11.16 30.11
N TRP B 103 6.53 -9.84 29.91
CA TRP B 103 5.91 -9.21 28.76
C TRP B 103 6.95 -8.94 27.67
N LEU B 104 6.73 -9.49 26.48
CA LEU B 104 7.70 -9.46 25.39
C LEU B 104 7.63 -8.13 24.62
N THR B 105 8.77 -7.47 24.45
CA THR B 105 8.79 -6.14 23.86
C THR B 105 9.66 -6.01 22.61
N ASN B 106 10.50 -6.99 22.29
CA ASN B 106 11.34 -6.88 21.11
C ASN B 106 11.94 -8.25 20.79
N MET B 107 12.47 -8.38 19.58
CA MET B 107 13.16 -9.60 19.17
C MET B 107 14.09 -9.30 18.01
N HIS B 108 15.22 -10.00 17.95
CA HIS B 108 16.18 -9.87 16.86
C HIS B 108 16.87 -11.20 16.63
N ALA B 109 17.13 -11.54 15.37
CA ALA B 109 18.02 -12.65 15.07
C ALA B 109 19.40 -12.42 15.66
N THR B 110 20.04 -13.51 16.08
CA THR B 110 21.40 -13.44 16.61
C THR B 110 22.07 -14.80 16.44
N LEU B 111 23.35 -14.87 16.81
CA LEU B 111 24.13 -16.10 16.76
C LEU B 111 24.79 -16.31 18.12
N VAL B 112 24.72 -17.54 18.64
CA VAL B 112 25.12 -17.83 20.01
C VAL B 112 26.02 -19.05 20.01
N SER B 113 27.01 -19.06 20.91
CA SER B 113 27.88 -20.21 21.10
C SER B 113 27.24 -21.20 22.06
N GLN B 114 27.70 -22.46 21.98
CA GLN B 114 27.37 -23.47 22.97
C GLN B 114 27.49 -22.91 24.39
N GLU B 115 26.44 -23.13 25.19
CA GLU B 115 26.53 -22.92 26.64
C GLU B 115 25.59 -23.87 27.38
N GLY B 138 29.00 -21.32 15.94
CA GLY B 138 27.86 -20.81 16.68
C GLY B 138 26.52 -21.29 16.16
N ILE B 139 25.48 -21.15 16.98
CA ILE B 139 24.14 -21.64 16.69
C ILE B 139 23.23 -20.45 16.49
N SER B 140 22.49 -20.44 15.37
CA SER B 140 21.56 -19.35 15.12
C SER B 140 20.35 -19.46 16.04
N GLY B 141 19.88 -18.30 16.49
CA GLY B 141 18.66 -18.22 17.27
C GLY B 141 18.16 -16.80 17.34
N VAL B 142 17.15 -16.59 18.18
CA VAL B 142 16.52 -15.29 18.34
C VAL B 142 16.46 -14.96 19.82
N ASP B 143 16.86 -13.74 20.16
CA ASP B 143 16.73 -13.19 21.51
C ASP B 143 15.38 -12.50 21.67
N PHE B 144 14.65 -12.84 22.72
CA PHE B 144 13.41 -12.19 23.08
C PHE B 144 13.62 -11.41 24.37
N TYR B 145 13.21 -10.14 24.37
CA TYR B 145 13.43 -9.21 25.46
C TYR B 145 12.14 -9.02 26.25
N PHE B 146 12.19 -9.24 27.57
CA PHE B 146 11.02 -9.23 28.41
C PHE B 146 11.16 -8.20 29.53
N LEU B 147 10.02 -7.61 29.89
CA LEU B 147 9.86 -6.82 31.11
C LEU B 147 9.07 -7.64 32.11
N ASP B 148 9.55 -7.71 33.34
CA ASP B 148 8.86 -8.51 34.34
C ASP B 148 7.74 -7.70 35.01
N GLU B 149 6.98 -8.38 35.87
CA GLU B 149 5.86 -7.80 36.62
C GLU B 149 6.29 -6.88 37.76
N GLU B 150 7.58 -6.87 38.12
CA GLU B 150 8.05 -6.12 39.28
C GLU B 150 8.77 -4.83 38.91
N GLY B 151 8.61 -4.33 37.68
CA GLY B 151 9.37 -3.18 37.25
C GLY B 151 10.77 -3.45 36.77
N GLY B 152 11.16 -4.71 36.61
CA GLY B 152 12.47 -5.08 36.14
C GLY B 152 12.43 -5.66 34.73
N SER B 153 13.57 -6.18 34.31
CA SER B 153 13.69 -6.65 32.93
C SER B 153 14.70 -7.78 32.85
N PHE B 154 14.55 -8.59 31.80
CA PHE B 154 15.50 -9.65 31.48
C PHE B 154 15.33 -10.03 30.02
N LYS B 155 16.28 -10.79 29.50
CA LYS B 155 16.18 -11.36 28.16
C LYS B 155 16.35 -12.88 28.21
N SER B 156 15.78 -13.55 27.22
CA SER B 156 15.91 -14.99 27.11
C SER B 156 15.98 -15.37 25.63
N THR B 157 16.57 -16.53 25.36
CA THR B 157 17.00 -16.88 24.01
C THR B 157 16.37 -18.19 23.56
N VAL B 158 15.90 -18.20 22.32
CA VAL B 158 15.34 -19.40 21.70
C VAL B 158 16.26 -19.80 20.56
N VAL B 159 16.59 -21.09 20.50
CA VAL B 159 17.30 -21.66 19.35
C VAL B 159 16.33 -22.44 18.47
N TYR B 160 16.60 -22.41 17.17
CA TYR B 160 15.72 -23.01 16.17
C TYR B 160 16.56 -23.27 14.93
N ASP B 161 16.41 -24.45 14.34
CA ASP B 161 17.05 -24.75 13.07
C ASP B 161 16.42 -23.99 11.90
N PRO B 162 17.18 -23.16 11.19
CA PRO B 162 16.70 -22.61 9.92
C PRO B 162 16.52 -23.70 8.86
N TYR B 163 15.56 -23.48 7.98
CA TYR B 163 15.22 -24.49 6.98
C TYR B 163 14.65 -23.84 5.72
N VAL B 174 11.91 -39.04 -6.34
CA VAL B 174 12.22 -38.13 -5.25
C VAL B 174 13.42 -38.66 -4.47
N ASN B 175 13.50 -39.98 -4.33
CA ASN B 175 14.58 -40.61 -3.60
C ASN B 175 15.94 -40.36 -4.25
N ASP B 176 15.96 -40.29 -5.59
CA ASP B 176 17.20 -39.97 -6.30
C ASP B 176 17.63 -38.54 -6.02
N VAL B 177 16.66 -37.62 -5.91
CA VAL B 177 17.01 -36.24 -5.58
C VAL B 177 17.64 -36.20 -4.19
N GLU B 178 17.01 -36.91 -3.23
CA GLU B 178 17.54 -36.98 -1.87
C GLU B 178 18.99 -37.44 -1.87
N GLU B 179 19.27 -38.53 -2.59
CA GLU B 179 20.62 -39.07 -2.60
C GLU B 179 21.60 -38.10 -3.26
N LEU B 180 21.20 -37.48 -4.37
CA LEU B 180 22.03 -36.46 -5.01
C LEU B 180 22.39 -35.33 -4.06
N VAL B 181 21.39 -34.78 -3.38
CA VAL B 181 21.61 -33.54 -2.63
C VAL B 181 22.32 -33.79 -1.31
N LYS B 182 22.05 -34.94 -0.66
CA LYS B 182 22.83 -35.35 0.50
C LYS B 182 24.33 -35.13 0.30
N LYS B 183 24.84 -35.55 -0.86
CA LYS B 183 26.24 -35.34 -1.21
C LYS B 183 26.53 -33.92 -1.71
N TYR B 184 25.78 -33.44 -2.71
CA TYR B 184 26.02 -32.09 -3.23
C TYR B 184 26.02 -31.01 -2.16
N LEU B 185 25.19 -31.15 -1.12
CA LEU B 185 25.08 -30.09 -0.12
C LEU B 185 25.73 -30.49 1.19
N GLU B 186 26.65 -31.46 1.15
CA GLU B 186 27.30 -31.96 2.37
C GLU B 186 27.94 -30.83 3.16
N SER B 187 28.49 -29.82 2.48
CA SER B 187 29.20 -28.75 3.16
C SER B 187 28.29 -27.76 3.87
N CYS B 188 26.97 -27.80 3.64
CA CYS B 188 26.08 -26.82 4.23
C CYS B 188 24.87 -27.42 4.95
N LEU B 189 24.50 -28.66 4.65
CA LEU B 189 23.19 -29.18 5.02
C LEU B 189 23.25 -29.78 6.42
N LYS B 190 22.21 -29.54 7.21
CA LYS B 190 22.13 -30.16 8.53
C LYS B 190 21.26 -31.40 8.54
N SER B 191 20.14 -31.39 7.81
CA SER B 191 19.27 -32.55 7.70
C SER B 191 18.20 -32.32 6.63
N SER B 217 16.97 -28.62 6.37
CA SER B 217 17.36 -27.87 7.56
C SER B 217 18.85 -27.54 7.55
N PHE B 218 19.22 -26.48 8.27
CA PHE B 218 20.56 -25.93 8.20
C PHE B 218 21.00 -25.52 9.60
N VAL B 219 22.31 -25.43 9.79
CA VAL B 219 22.86 -25.11 11.10
C VAL B 219 22.69 -23.63 11.42
N ASN B 220 22.82 -22.77 10.42
CA ASN B 220 22.64 -21.34 10.64
C ASN B 220 22.26 -20.65 9.33
N SER B 221 21.99 -19.36 9.43
CA SER B 221 21.50 -18.59 8.28
C SER B 221 22.55 -18.50 7.19
N ASN B 222 23.82 -18.37 7.59
CA ASN B 222 24.92 -18.38 6.63
C ASN B 222 24.94 -19.65 5.79
N GLN B 223 24.73 -20.81 6.41
CA GLN B 223 24.74 -22.03 5.62
C GLN B 223 23.56 -22.06 4.66
N LEU B 224 22.39 -21.59 5.11
CA LEU B 224 21.24 -21.49 4.22
C LEU B 224 21.59 -20.65 3.00
N PHE B 225 22.24 -19.51 3.24
CA PHE B 225 22.55 -18.57 2.16
C PHE B 225 23.61 -19.14 1.22
N GLU B 226 24.54 -19.94 1.75
CA GLU B 226 25.48 -20.65 0.89
C GLU B 226 24.76 -21.69 0.06
N ALA B 227 23.74 -22.35 0.63
CA ALA B 227 22.99 -23.31 -0.16
C ALA B 227 22.28 -22.59 -1.30
N ARG B 228 21.72 -21.41 -1.00
CA ARG B 228 20.99 -20.68 -2.03
C ARG B 228 21.92 -20.21 -3.14
N LYS B 229 23.13 -19.78 -2.78
CA LYS B 229 24.11 -19.39 -3.78
C LYS B 229 24.52 -20.56 -4.65
N LEU B 230 24.62 -21.76 -4.06
CA LEU B 230 24.88 -22.96 -4.84
C LEU B 230 23.65 -23.34 -5.66
N TYR B 270 9.10 -17.93 -1.79
CA TYR B 270 8.99 -17.00 -0.66
C TYR B 270 10.26 -16.98 0.18
N ASP B 271 10.48 -15.84 0.84
CA ASP B 271 11.70 -15.55 1.60
C ASP B 271 11.22 -15.11 2.98
N VAL B 272 11.18 -16.04 3.92
CA VAL B 272 10.72 -15.76 5.28
C VAL B 272 11.90 -15.25 6.12
N PRO B 273 11.79 -14.07 6.73
CA PRO B 273 12.91 -13.55 7.53
C PRO B 273 13.13 -14.46 8.74
N TYR B 274 14.38 -14.66 9.15
CA TYR B 274 14.63 -15.72 10.12
C TYR B 274 13.90 -15.45 11.43
N HIS B 275 13.96 -14.19 11.90
CA HIS B 275 13.26 -13.84 13.13
C HIS B 275 11.77 -14.05 12.97
N VAL B 276 11.26 -13.79 11.76
CA VAL B 276 9.85 -14.00 11.45
C VAL B 276 9.54 -15.48 11.45
N ARG B 277 10.43 -16.28 10.86
CA ARG B 277 10.23 -17.72 10.79
C ARG B 277 10.09 -18.30 12.19
N VAL B 278 10.90 -17.81 13.13
CA VAL B 278 10.82 -18.27 14.51
C VAL B 278 9.53 -17.79 15.18
N SER B 279 9.22 -16.50 15.03
CA SER B 279 7.98 -15.96 15.59
C SER B 279 6.75 -16.72 15.09
N ILE B 280 6.72 -17.09 13.82
CA ILE B 280 5.60 -17.84 13.26
C ILE B 280 5.57 -19.27 13.80
N ASP B 281 6.69 -19.99 13.69
CA ASP B 281 6.66 -21.41 14.01
C ASP B 281 6.42 -21.65 15.50
N LYS B 282 6.92 -20.76 16.36
CA LYS B 282 6.70 -20.91 17.79
C LYS B 282 5.42 -20.23 18.27
N ASP B 283 4.78 -19.43 17.41
CA ASP B 283 3.52 -18.75 17.72
C ASP B 283 3.70 -17.78 18.89
N ILE B 284 4.72 -16.93 18.77
CA ILE B 284 5.06 -15.95 19.78
C ILE B 284 4.85 -14.58 19.16
N ARG B 285 4.24 -13.66 19.92
CA ARG B 285 4.06 -12.30 19.43
C ARG B 285 4.41 -11.28 20.52
N VAL B 286 5.16 -10.25 20.12
CA VAL B 286 5.43 -9.14 21.01
C VAL B 286 4.11 -8.54 21.48
N GLY B 287 4.07 -8.07 22.72
CA GLY B 287 2.85 -7.51 23.27
C GLY B 287 2.00 -8.47 24.08
N LYS B 288 2.26 -9.76 23.98
CA LYS B 288 1.59 -10.78 24.77
C LYS B 288 2.51 -11.20 25.92
N TRP B 289 1.91 -11.91 26.89
CA TRP B 289 2.62 -12.31 28.10
C TRP B 289 2.96 -13.78 28.02
N TYR B 290 4.18 -14.12 28.43
CA TYR B 290 4.62 -15.51 28.37
C TYR B 290 5.31 -15.86 29.68
N LYS B 291 5.14 -17.10 30.12
CA LYS B 291 6.07 -17.70 31.05
C LYS B 291 7.12 -18.46 30.25
N VAL B 292 8.39 -18.08 30.45
CA VAL B 292 9.52 -18.76 29.83
C VAL B 292 9.87 -19.98 30.66
N THR B 293 9.83 -21.16 30.03
CA THR B 293 10.02 -22.46 30.67
C THR B 293 10.95 -23.27 29.78
N GLN B 294 11.40 -24.42 30.29
CA GLN B 294 12.27 -25.25 29.47
C GLN B 294 11.52 -25.77 28.25
N GLN B 295 10.22 -25.98 28.39
CA GLN B 295 9.40 -26.40 27.26
C GLN B 295 9.22 -25.28 26.24
N GLY B 296 9.42 -24.03 26.64
CA GLY B 296 9.21 -22.91 25.74
C GLY B 296 8.38 -21.83 26.38
N PHE B 297 7.90 -20.91 25.54
CA PHE B 297 7.15 -19.75 26.02
C PHE B 297 5.68 -20.15 26.08
N ILE B 298 5.05 -19.93 27.24
CA ILE B 298 3.64 -20.25 27.43
C ILE B 298 2.86 -18.96 27.54
N GLU B 299 2.00 -18.70 26.56
CA GLU B 299 1.18 -17.51 26.55
C GLU B 299 0.27 -17.49 27.77
N ASP B 300 0.27 -16.38 28.50
CA ASP B 300 -0.69 -16.15 29.58
C ASP B 300 -1.91 -15.42 29.03
N THR B 301 -2.93 -16.19 28.67
CA THR B 301 -4.21 -15.67 28.19
C THR B 301 -4.97 -14.89 29.27
N ARG B 302 -4.59 -15.02 30.54
CA ARG B 302 -5.23 -14.26 31.60
C ARG B 302 -4.82 -12.80 31.64
N LYS B 303 -3.63 -12.46 31.15
CA LYS B 303 -3.16 -11.08 31.15
C LYS B 303 -3.29 -10.50 29.75
N ILE B 304 -4.08 -9.43 29.61
CA ILE B 304 -4.28 -8.75 28.35
C ILE B 304 -3.79 -7.30 28.40
N ALA B 305 -4.12 -6.59 29.48
CA ALA B 305 -3.60 -5.25 29.70
C ALA B 305 -2.08 -5.20 29.54
N PHE B 306 -1.63 -4.26 28.71
CA PHE B 306 -0.20 -4.07 28.48
C PHE B 306 0.51 -3.63 29.75
N ALA B 307 1.78 -4.01 29.87
CA ALA B 307 2.69 -3.36 30.80
C ALA B 307 3.07 -1.97 30.28
N ASP B 308 3.85 -1.23 31.08
CA ASP B 308 4.18 0.15 30.77
C ASP B 308 5.67 0.29 30.51
N PRO B 309 6.11 0.36 29.25
CA PRO B 309 7.53 0.57 28.97
C PRO B 309 8.00 1.94 29.41
N VAL B 310 9.32 2.06 29.58
CA VAL B 310 9.95 3.37 29.67
C VAL B 310 10.00 3.97 28.26
N VAL B 311 9.40 5.14 28.08
CA VAL B 311 9.29 5.76 26.77
C VAL B 311 10.06 7.07 26.77
N MET B 312 11.00 7.23 25.84
CA MET B 312 11.71 8.48 25.65
C MET B 312 11.40 9.00 24.25
N ALA B 313 11.10 10.29 24.15
CA ALA B 313 10.97 10.97 22.87
C ALA B 313 11.95 12.13 22.84
N PHE B 314 12.62 12.36 21.71
CA PHE B 314 13.54 13.50 21.68
C PHE B 314 13.54 14.23 20.35
N ALA B 315 13.92 15.51 20.42
CA ALA B 315 14.14 16.37 19.26
C ALA B 315 15.41 17.17 19.52
N ILE B 316 16.28 17.25 18.52
CA ILE B 316 17.46 18.12 18.58
C ILE B 316 17.25 19.40 17.79
N ALA B 317 17.98 20.45 18.19
CA ALA B 317 18.08 21.69 17.44
C ALA B 317 19.57 21.93 17.18
N THR B 318 19.88 22.22 15.92
CA THR B 318 21.23 22.42 15.40
C THR B 318 21.37 23.76 14.69
N THR B 319 22.61 24.23 14.60
CA THR B 319 22.95 25.38 13.77
C THR B 319 22.85 25.04 12.28
N LYS B 320 22.77 26.08 11.47
CA LYS B 320 22.87 25.94 10.01
C LYS B 320 23.27 27.29 9.42
N PRO B 321 23.83 27.30 8.21
CA PRO B 321 24.11 28.59 7.57
C PRO B 321 22.86 29.25 7.05
N PRO B 322 22.86 30.58 6.94
CA PRO B 322 21.74 31.30 6.32
C PRO B 322 21.37 30.76 4.94
N LEU B 323 20.07 30.56 4.73
CA LEU B 323 19.47 30.07 3.49
C LEU B 323 19.97 28.70 3.05
N LYS B 324 20.78 28.02 3.84
CA LYS B 324 21.18 26.66 3.49
C LYS B 324 20.68 25.70 4.54
N PHE B 325 20.91 24.43 4.30
CA PHE B 325 20.52 23.38 5.21
C PHE B 325 21.61 23.09 6.23
N PRO B 326 21.24 22.58 7.41
CA PRO B 326 22.27 22.14 8.36
C PRO B 326 23.18 21.09 7.74
N ASP B 327 24.48 21.24 7.98
CA ASP B 327 25.45 20.23 7.56
C ASP B 327 26.29 19.83 8.76
N SER B 328 26.25 18.55 9.10
CA SER B 328 26.78 18.07 10.37
C SER B 328 28.30 18.02 10.40
N ALA B 329 28.95 18.13 9.24
CA ALA B 329 30.41 18.25 9.19
C ALA B 329 30.91 19.54 9.82
N VAL B 330 30.11 20.60 9.83
CA VAL B 330 30.59 21.89 10.34
C VAL B 330 29.59 22.54 11.29
N ASP B 331 28.30 22.30 11.08
CA ASP B 331 27.31 22.86 12.00
C ASP B 331 27.25 22.06 13.29
N GLN B 332 26.82 22.73 14.36
CA GLN B 332 26.84 22.16 15.69
C GLN B 332 25.42 22.02 16.23
N ILE B 333 25.24 21.09 17.16
CA ILE B 333 24.00 20.98 17.91
C ILE B 333 23.99 22.02 19.02
N MET B 334 22.91 22.79 19.11
CA MET B 334 22.80 23.82 20.15
C MET B 334 21.90 23.42 21.30
N MET B 335 20.87 22.60 21.05
CA MET B 335 20.03 22.11 22.15
C MET B 335 19.55 20.70 21.81
N ILE B 336 19.32 19.90 22.85
CA ILE B 336 18.52 18.69 22.72
C ILE B 336 17.40 18.67 23.76
N SER B 337 16.16 18.65 23.30
CA SER B 337 15.00 18.51 24.16
C SER B 337 14.52 17.05 24.13
N TYR B 338 13.99 16.57 25.26
CA TYR B 338 13.41 15.24 25.29
C TYR B 338 12.42 15.12 26.43
N MET B 339 11.61 14.07 26.37
CA MET B 339 10.69 13.68 27.42
C MET B 339 10.90 12.21 27.76
N ILE B 340 10.81 11.90 29.05
CA ILE B 340 10.86 10.53 29.55
C ILE B 340 9.64 10.30 30.42
N ASP B 341 8.74 9.40 29.97
CA ASP B 341 7.53 9.04 30.68
C ASP B 341 6.80 10.25 31.24
N GLY B 342 6.74 11.32 30.46
CA GLY B 342 5.91 12.46 30.77
C GLY B 342 6.63 13.57 31.52
N GLU B 343 7.95 13.45 31.70
CA GLU B 343 8.76 14.45 32.38
C GLU B 343 9.75 15.00 31.36
N GLY B 344 9.83 16.32 31.27
CA GLY B 344 10.64 16.96 30.25
C GLY B 344 12.04 17.33 30.72
N PHE B 345 12.98 17.28 29.79
CA PHE B 345 14.36 17.64 30.01
C PHE B 345 14.83 18.43 28.80
N LEU B 346 15.70 19.41 29.03
CA LEU B 346 16.32 20.16 27.95
C LEU B 346 17.79 20.37 28.26
N ILE B 347 18.67 19.92 27.37
CA ILE B 347 20.11 20.03 27.52
C ILE B 347 20.58 21.09 26.55
N THR B 348 21.52 21.92 26.99
CA THR B 348 21.90 23.15 26.30
C THR B 348 23.41 23.16 26.09
N ASN B 349 23.84 23.68 24.94
CA ASN B 349 25.26 23.82 24.61
C ASN B 349 25.64 25.29 24.71
N ARG B 350 26.25 25.67 25.83
CA ARG B 350 26.55 27.06 26.19
C ARG B 350 27.70 27.66 25.38
N GLU B 351 28.28 26.91 24.44
CA GLU B 351 29.13 27.54 23.44
C GLU B 351 28.31 28.40 22.48
N ILE B 352 27.00 28.17 22.41
CA ILE B 352 26.12 28.81 21.45
C ILE B 352 25.02 29.59 22.14
N ILE B 353 24.30 28.94 23.06
CA ILE B 353 23.25 29.60 23.83
C ILE B 353 23.90 30.52 24.86
N SER B 354 23.62 31.82 24.76
CA SER B 354 24.45 32.81 25.45
C SER B 354 24.03 33.05 26.89
N GLU B 355 23.02 32.37 27.42
CA GLU B 355 22.81 32.35 28.87
C GLU B 355 22.21 31.03 29.31
N ASP B 356 22.37 30.75 30.61
CA ASP B 356 21.75 29.59 31.26
C ASP B 356 20.23 29.70 31.27
N ILE B 357 19.54 28.70 30.72
CA ILE B 357 18.08 28.66 30.79
C ILE B 357 17.66 28.05 32.12
N GLU B 358 16.63 28.62 32.75
CA GLU B 358 16.06 28.12 33.98
C GLU B 358 14.83 27.25 33.74
N ASP B 359 14.50 26.44 34.75
CA ASP B 359 13.38 25.52 34.66
C ASP B 359 12.06 26.26 34.49
N PHE B 360 11.19 25.73 33.63
CA PHE B 360 9.87 26.32 33.47
C PHE B 360 8.91 25.26 32.96
N GLU B 361 7.63 25.60 32.96
CA GLU B 361 6.55 24.70 32.61
C GLU B 361 6.02 25.15 31.26
N TYR B 362 5.84 24.20 30.34
CA TYR B 362 5.01 24.43 29.16
C TYR B 362 4.02 23.29 28.96
N THR B 363 2.75 23.57 29.27
CA THR B 363 1.70 22.57 29.34
C THR B 363 0.52 23.15 28.55
N PRO B 364 0.38 22.81 27.27
CA PRO B 364 -0.63 23.50 26.45
C PRO B 364 -2.04 22.97 26.64
N LYS B 365 -2.19 21.79 27.21
CA LYS B 365 -3.47 21.24 27.63
C LYS B 365 -3.21 20.37 28.84
N PRO B 366 -4.17 20.24 29.76
CA PRO B 366 -3.93 19.39 30.95
C PRO B 366 -3.53 17.97 30.60
N GLU B 367 -4.11 17.42 29.53
CA GLU B 367 -3.67 16.12 28.99
C GLU B 367 -2.17 16.07 28.74
N TYR B 368 -1.55 17.19 28.38
CA TYR B 368 -0.13 17.19 28.02
C TYR B 368 0.78 17.93 29.01
N PRO B 369 0.98 17.42 30.24
CA PRO B 369 1.83 18.16 31.18
C PRO B 369 3.26 18.24 30.64
N GLY B 370 3.89 19.39 30.82
CA GLY B 370 5.31 19.49 30.52
C GLY B 370 6.18 20.27 31.47
N PHE B 371 6.74 19.63 32.50
CA PHE B 371 7.69 20.27 33.39
C PHE B 371 9.09 19.92 32.89
N PHE B 372 9.83 20.93 32.44
CA PHE B 372 11.17 20.72 31.89
C PHE B 372 12.27 21.09 32.89
N THR B 373 13.20 20.18 33.08
CA THR B 373 14.43 20.40 33.83
C THR B 373 15.56 20.71 32.86
N ILE B 374 16.40 21.69 33.19
CA ILE B 374 17.41 22.19 32.27
C ILE B 374 18.79 21.69 32.70
N PHE B 375 19.61 21.35 31.71
CA PHE B 375 21.00 20.95 31.88
C PHE B 375 21.86 21.88 31.03
N ASN B 376 22.37 22.94 31.62
CA ASN B 376 23.24 23.88 30.92
C ASN B 376 24.67 23.36 30.91
N GLU B 377 25.11 22.82 29.78
CA GLU B 377 26.43 22.21 29.68
C GLU B 377 27.38 23.21 29.03
N ASN B 378 28.66 23.08 29.33
CA ASN B 378 29.59 24.12 28.92
C ASN B 378 29.80 24.11 27.40
N ASP B 379 29.80 22.94 26.78
CA ASP B 379 30.04 22.85 25.36
C ASP B 379 29.35 21.60 24.80
N GLU B 380 29.65 21.29 23.54
CA GLU B 380 28.89 20.28 22.81
C GLU B 380 29.16 18.89 23.36
N VAL B 381 30.43 18.57 23.63
CA VAL B 381 30.81 17.23 24.04
C VAL B 381 30.19 16.91 25.39
N ALA B 382 30.12 17.88 26.29
CA ALA B 382 29.52 17.63 27.59
C ALA B 382 28.04 17.32 27.45
N LEU B 383 27.35 18.09 26.61
CA LEU B 383 25.94 17.81 26.32
C LEU B 383 25.75 16.40 25.78
N LEU B 384 26.60 15.98 24.84
CA LEU B 384 26.54 14.62 24.33
C LEU B 384 26.77 13.57 25.41
N GLN B 385 27.76 13.80 26.28
CA GLN B 385 28.08 12.81 27.30
C GLN B 385 26.99 12.73 28.35
N ARG B 386 26.43 13.88 28.73
CA ARG B 386 25.27 13.88 29.62
C ARG B 386 24.11 13.14 28.98
N PHE B 387 23.93 13.29 27.67
CA PHE B 387 22.82 12.64 26.98
C PHE B 387 22.98 11.13 26.97
N PHE B 388 24.13 10.64 26.51
CA PHE B 388 24.38 9.20 26.46
C PHE B 388 24.32 8.57 27.83
N GLU B 389 24.99 9.18 28.81
CA GLU B 389 24.97 8.65 30.16
C GLU B 389 23.57 8.65 30.74
N HIS B 390 22.79 9.73 30.53
CA HIS B 390 21.40 9.76 30.98
C HIS B 390 20.58 8.65 30.34
N ILE B 391 20.85 8.35 29.07
CA ILE B 391 20.13 7.27 28.40
C ILE B 391 20.46 5.93 29.05
N ARG B 392 21.74 5.70 29.31
CA ARG B 392 22.16 4.50 30.05
C ARG B 392 21.52 4.45 31.44
N ASP B 393 21.44 5.60 32.12
CA ASP B 393 20.79 5.68 33.44
C ASP B 393 19.33 5.25 33.38
N VAL B 394 18.59 5.71 32.37
CA VAL B 394 17.14 5.51 32.38
C VAL B 394 16.73 4.27 31.59
N ARG B 395 17.58 3.80 30.68
CA ARG B 395 17.37 2.57 29.92
C ARG B 395 16.08 2.60 29.12
N PRO B 396 15.92 3.51 28.15
CA PRO B 396 14.70 3.52 27.36
C PRO B 396 14.60 2.26 26.53
N THR B 397 13.37 1.73 26.39
CA THR B 397 13.11 0.70 25.40
C THR B 397 12.28 1.17 24.21
N VAL B 398 11.70 2.37 24.25
CA VAL B 398 11.33 3.11 23.04
C VAL B 398 12.04 4.45 23.04
N ILE B 399 12.66 4.79 21.92
CA ILE B 399 13.10 6.15 21.62
C ILE B 399 12.35 6.61 20.37
N SER B 400 11.63 7.72 20.49
CA SER B 400 10.83 8.25 19.39
C SER B 400 11.42 9.55 18.87
N THR B 401 11.22 9.79 17.57
CA THR B 401 11.62 11.04 16.94
C THR B 401 10.56 11.47 15.93
N PHE B 402 10.81 12.63 15.32
CA PHE B 402 10.10 13.08 14.12
C PHE B 402 11.14 13.33 13.03
N ASN B 403 11.23 12.42 12.05
CA ASN B 403 12.27 12.47 11.02
C ASN B 403 13.67 12.29 11.60
N GLY B 404 13.79 11.51 12.68
CA GLY B 404 15.11 11.24 13.21
C GLY B 404 15.97 10.34 12.33
N ASP B 405 15.36 9.52 11.49
CA ASP B 405 16.17 8.67 10.61
C ASP B 405 16.90 9.48 9.54
N PHE B 406 16.32 10.59 9.10
CA PHE B 406 16.93 11.44 8.09
C PHE B 406 17.64 12.67 8.64
N PHE B 407 17.24 13.19 9.80
CA PHE B 407 17.91 14.35 10.38
C PHE B 407 18.62 14.10 11.71
N ASP B 408 17.84 14.03 12.79
CA ASP B 408 18.34 13.91 14.16
C ASP B 408 19.51 12.93 14.29
N TRP B 409 19.25 11.65 13.99
CA TRP B 409 20.23 10.60 14.29
C TRP B 409 21.55 10.80 13.56
N PRO B 410 21.59 10.99 12.22
CA PRO B 410 22.89 11.18 11.58
C PRO B 410 23.65 12.40 12.10
N PHE B 411 22.94 13.46 12.48
CA PHE B 411 23.58 14.63 13.06
C PHE B 411 24.22 14.32 14.40
N ILE B 412 23.45 13.72 15.32
CA ILE B 412 24.00 13.27 16.59
C ILE B 412 25.21 12.36 16.39
N HIS B 413 25.08 11.39 15.48
CA HIS B 413 26.18 10.49 15.18
C HIS B 413 27.41 11.25 14.72
N ASN B 414 27.22 12.28 13.89
CA ASN B 414 28.37 12.96 13.29
C ASN B 414 29.05 13.88 14.29
N ARG B 415 28.29 14.54 15.17
CA ARG B 415 28.93 15.30 16.24
C ARG B 415 29.63 14.37 17.24
N SER B 416 29.04 13.21 17.52
CA SER B 416 29.68 12.23 18.38
C SER B 416 31.03 11.82 17.81
N LYS B 417 31.06 11.50 16.52
CA LYS B 417 32.27 11.18 15.79
C LYS B 417 33.29 12.31 15.85
N ILE B 418 32.83 13.56 15.70
CA ILE B 418 33.75 14.69 15.74
C ILE B 418 34.49 14.76 17.07
N HIS B 419 33.81 14.40 18.17
CA HIS B 419 34.44 14.39 19.48
C HIS B 419 35.05 13.05 19.85
N GLY B 420 35.32 12.19 18.87
CA GLY B 420 35.93 10.92 19.20
C GLY B 420 35.09 9.95 19.99
N LEU B 421 33.77 10.09 19.98
CA LEU B 421 32.91 9.14 20.66
C LEU B 421 32.36 8.11 19.70
N ASP B 422 32.13 6.90 20.23
CA ASP B 422 31.59 5.76 19.49
C ASP B 422 30.18 5.52 20.01
N MET B 423 29.18 5.94 19.22
CA MET B 423 27.80 5.95 19.69
C MET B 423 27.34 4.53 19.99
N PHE B 424 27.72 3.58 19.15
CA PHE B 424 27.38 2.19 19.38
C PHE B 424 27.86 1.73 20.76
N ASP B 425 29.11 2.06 21.10
CA ASP B 425 29.62 1.67 22.41
C ASP B 425 28.92 2.43 23.53
N GLU B 426 28.50 3.68 23.28
CA GLU B 426 27.91 4.48 24.36
C GLU B 426 26.47 4.11 24.67
N ILE B 427 25.64 3.84 23.66
CA ILE B 427 24.24 3.55 23.89
C ILE B 427 23.67 2.50 22.94
N GLY B 428 24.52 1.91 22.10
CA GLY B 428 24.12 0.73 21.36
C GLY B 428 23.31 1.00 20.12
N PHE B 429 23.28 2.24 19.64
CA PHE B 429 22.61 2.60 18.39
C PHE B 429 23.63 2.75 17.28
N ALA B 430 23.27 2.26 16.10
CA ALA B 430 24.09 2.33 14.89
C ALA B 430 23.16 2.28 13.69
N PRO B 431 23.62 2.75 12.52
CA PRO B 431 22.81 2.60 11.32
C PRO B 431 22.70 1.16 10.87
N ASP B 432 21.51 0.81 10.37
CA ASP B 432 21.20 -0.50 9.81
C ASP B 432 21.34 -0.50 8.29
N ALA B 433 20.90 -1.61 7.68
CA ALA B 433 21.08 -1.81 6.26
C ALA B 433 20.39 -0.73 5.41
N GLU B 434 19.34 -0.10 5.94
CA GLU B 434 18.68 0.98 5.24
C GLU B 434 19.34 2.33 5.49
N GLY B 435 20.45 2.36 6.23
CA GLY B 435 21.00 3.62 6.70
C GLY B 435 20.22 4.22 7.85
N GLU B 436 19.28 3.48 8.41
CA GLU B 436 18.48 3.92 9.55
C GLU B 436 19.12 3.46 10.86
N TYR B 437 18.87 4.23 11.91
CA TYR B 437 19.48 4.01 13.22
C TYR B 437 18.60 3.14 14.11
N LYS B 438 19.14 1.99 14.52
CA LYS B 438 18.42 0.93 15.20
C LYS B 438 19.28 0.41 16.34
N SER B 439 18.63 -0.05 17.41
CA SER B 439 19.29 -0.86 18.41
C SER B 439 18.56 -2.17 18.62
N SER B 440 19.18 -3.04 19.42
CA SER B 440 18.56 -4.31 19.81
C SER B 440 17.52 -4.11 20.89
N TYR B 441 17.85 -3.33 21.92
CA TYR B 441 17.05 -3.28 23.12
C TYR B 441 16.02 -2.15 23.11
N CYS B 442 16.10 -1.24 22.15
CA CYS B 442 15.25 -0.07 22.14
C CYS B 442 14.78 0.25 20.73
N SER B 443 13.46 0.30 20.55
CA SER B 443 12.86 0.59 19.25
C SER B 443 13.09 2.04 18.88
N HIS B 444 13.33 2.29 17.59
CA HIS B 444 13.38 3.65 17.06
C HIS B 444 12.09 3.99 16.32
N MET B 445 11.21 4.75 16.99
CA MET B 445 9.89 5.06 16.47
C MET B 445 9.91 6.46 15.87
N ASP B 446 10.20 6.53 14.57
CA ASP B 446 10.19 7.81 13.86
C ASP B 446 8.74 8.11 13.51
N CYS B 447 8.16 9.11 14.19
CA CYS B 447 6.74 9.42 14.00
C CYS B 447 6.43 9.83 12.56
N PHE B 448 7.39 10.45 11.86
CA PHE B 448 7.18 10.81 10.46
C PHE B 448 6.81 9.61 9.58
N ARG B 449 7.36 8.44 9.88
CA ARG B 449 7.00 7.24 9.11
C ARG B 449 5.53 6.90 9.28
N TRP B 450 5.03 6.99 10.53
CA TRP B 450 3.62 6.73 10.78
C TRP B 450 2.75 7.78 10.11
N VAL B 451 3.15 9.05 10.21
CA VAL B 451 2.44 10.13 9.53
C VAL B 451 2.28 9.80 8.05
N LYS B 452 3.39 9.47 7.38
CA LYS B 452 3.33 9.25 5.94
C LYS B 452 2.54 7.99 5.57
N ARG B 453 2.63 6.94 6.38
CA ARG B 453 2.01 5.68 5.96
C ARG B 453 0.56 5.53 6.41
N ASP B 454 0.25 5.91 7.64
CA ASP B 454 -0.97 5.49 8.34
C ASP B 454 -1.87 6.63 8.77
N SER B 455 -1.40 7.88 8.78
CA SER B 455 -2.20 8.97 9.31
C SER B 455 -3.35 9.34 8.39
N TYR B 456 -3.25 9.01 7.10
CA TYR B 456 -4.21 9.42 6.07
C TYR B 456 -4.23 10.93 5.86
N LEU B 457 -3.11 11.61 6.17
CA LEU B 457 -3.11 13.04 5.91
C LEU B 457 -2.50 13.35 4.54
N PRO B 458 -3.01 14.39 3.86
CA PRO B 458 -2.37 14.85 2.62
C PRO B 458 -0.97 15.38 2.86
N GLN B 459 -0.13 15.25 1.83
CA GLN B 459 1.27 15.69 1.93
C GLN B 459 1.37 17.15 2.34
N GLY B 460 0.40 17.98 1.93
CA GLY B 460 0.34 19.36 2.36
C GLY B 460 0.20 19.54 3.86
N SER B 461 -0.25 18.51 4.57
CA SER B 461 -0.40 18.53 6.02
C SER B 461 0.56 17.58 6.74
N GLN B 462 1.72 17.30 6.16
CA GLN B 462 2.66 16.36 6.75
C GLN B 462 3.79 17.04 7.52
N GLY B 463 3.76 18.36 7.66
CA GLY B 463 4.68 19.02 8.56
C GLY B 463 4.33 18.80 10.01
N LEU B 464 5.34 18.94 10.88
CA LEU B 464 5.13 18.73 12.31
C LEU B 464 4.02 19.62 12.84
N LYS B 465 4.00 20.88 12.38
CA LYS B 465 2.96 21.83 12.79
C LYS B 465 1.58 21.29 12.45
N ALA B 466 1.36 20.95 11.18
CA ALA B 466 0.07 20.45 10.74
C ALA B 466 -0.29 19.11 11.39
N VAL B 467 0.70 18.25 11.65
CA VAL B 467 0.37 17.00 12.33
C VAL B 467 -0.07 17.30 13.76
N THR B 468 0.57 18.25 14.41
CA THR B 468 0.20 18.59 15.78
C THR B 468 -1.22 19.11 15.81
N GLN B 469 -1.54 20.01 14.87
CA GLN B 469 -2.86 20.62 14.83
C GLN B 469 -3.94 19.58 14.51
N SER B 470 -3.67 18.70 13.55
CA SER B 470 -4.65 17.70 13.14
C SER B 470 -4.91 16.69 14.24
N LYS B 471 -3.86 16.20 14.90
CA LYS B 471 -3.98 15.00 15.71
C LYS B 471 -4.07 15.28 17.20
N LEU B 472 -3.41 16.33 17.69
CA LEU B 472 -3.45 16.67 19.10
C LEU B 472 -4.36 17.85 19.42
N GLY B 473 -4.73 18.65 18.42
CA GLY B 473 -5.84 19.57 18.57
C GLY B 473 -5.47 20.89 19.20
N TYR B 474 -4.24 21.37 18.98
CA TYR B 474 -3.80 22.64 19.54
C TYR B 474 -2.71 23.20 18.63
N ASN B 475 -2.31 24.43 18.89
CA ASN B 475 -1.46 25.18 17.98
C ASN B 475 -0.09 25.40 18.60
N PRO B 476 0.94 24.69 18.17
CA PRO B 476 2.23 24.75 18.85
C PRO B 476 3.00 26.02 18.51
N ILE B 477 4.10 26.23 19.23
CA ILE B 477 4.96 27.38 18.99
C ILE B 477 5.68 27.21 17.66
N GLU B 478 5.76 28.29 16.88
CA GLU B 478 6.34 28.26 15.55
C GLU B 478 7.46 29.28 15.47
N LEU B 479 8.56 28.91 14.80
CA LEU B 479 9.72 29.80 14.69
C LEU B 479 10.43 29.57 13.37
N ASP B 480 10.68 30.66 12.63
CA ASP B 480 11.40 30.60 11.37
C ASP B 480 12.81 30.03 11.58
N PRO B 481 13.22 29.01 10.82
CA PRO B 481 14.55 28.41 11.03
C PRO B 481 15.71 29.37 10.87
N GLU B 482 15.61 30.32 9.94
CA GLU B 482 16.65 31.36 9.78
C GLU B 482 16.87 32.17 11.04
N LEU B 483 15.90 32.24 11.93
CA LEU B 483 16.06 33.00 13.15
C LEU B 483 16.63 32.18 14.29
N MET B 484 16.78 30.87 14.11
CA MET B 484 17.14 30.03 15.24
C MET B 484 18.58 30.26 15.68
N THR B 485 19.49 30.39 14.70
CA THR B 485 20.89 30.65 15.06
C THR B 485 21.06 32.02 15.71
N PRO B 486 20.67 33.14 15.08
CA PRO B 486 20.79 34.44 15.77
C PRO B 486 20.10 34.51 17.13
N TYR B 487 18.88 33.96 17.25
CA TYR B 487 18.20 33.99 18.54
C TYR B 487 18.93 33.18 19.61
N ALA B 488 19.67 32.15 19.20
CA ALA B 488 20.50 31.41 20.13
C ALA B 488 21.32 32.39 20.96
N PHE B 489 21.90 33.37 20.28
CA PHE B 489 22.63 34.42 20.97
C PHE B 489 21.66 35.42 21.60
N GLU B 490 20.73 35.94 20.79
CA GLU B 490 19.93 37.11 21.17
C GLU B 490 18.68 36.81 22.01
N LYS B 491 17.95 35.73 21.75
CA LYS B 491 16.69 35.46 22.47
C LYS B 491 16.54 34.00 22.85
N PRO B 492 17.40 33.50 23.73
CA PRO B 492 17.52 32.04 23.92
C PRO B 492 16.28 31.40 24.54
N GLN B 493 15.54 32.13 25.37
CA GLN B 493 14.32 31.60 25.97
C GLN B 493 13.24 31.27 24.94
N HIS B 494 13.05 32.10 23.93
CA HIS B 494 12.01 31.80 22.95
C HIS B 494 12.38 30.56 22.14
N LEU B 495 13.64 30.49 21.68
CA LEU B 495 14.12 29.29 21.00
C LEU B 495 13.93 28.06 21.87
N SER B 496 14.17 28.18 23.17
CA SER B 496 14.03 27.01 24.03
C SER B 496 12.56 26.65 24.24
N GLU B 497 11.68 27.64 24.18
CA GLU B 497 10.26 27.34 24.26
C GLU B 497 9.80 26.59 23.03
N TYR B 498 10.33 26.97 21.87
CA TYR B 498 10.02 26.24 20.64
C TYR B 498 10.53 24.80 20.75
N SER B 499 11.79 24.64 21.18
CA SER B 499 12.38 23.31 21.29
C SER B 499 11.53 22.41 22.18
N VAL B 500 11.16 22.91 23.36
CA VAL B 500 10.43 22.03 24.27
C VAL B 500 9.01 21.81 23.76
N SER B 501 8.44 22.78 23.04
CA SER B 501 7.12 22.54 22.45
C SER B 501 7.19 21.38 21.46
N ASP B 502 8.24 21.37 20.63
CA ASP B 502 8.55 20.23 19.78
C ASP B 502 8.61 18.92 20.56
N ALA B 503 9.32 18.93 21.69
CA ALA B 503 9.46 17.69 22.44
C ALA B 503 8.13 17.25 23.05
N VAL B 504 7.30 18.20 23.47
CA VAL B 504 6.01 17.86 24.06
C VAL B 504 5.12 17.25 22.99
N ALA B 505 5.08 17.90 21.82
CA ALA B 505 4.23 17.41 20.75
C ALA B 505 4.65 16.01 20.36
N THR B 506 5.97 15.76 20.26
CA THR B 506 6.43 14.47 19.77
C THR B 506 6.12 13.38 20.77
N TYR B 507 6.38 13.66 22.06
CA TYR B 507 6.10 12.68 23.11
C TYR B 507 4.62 12.30 23.13
N TYR B 508 3.74 13.30 23.15
CA TYR B 508 2.35 12.95 23.36
C TYR B 508 1.70 12.45 22.06
N LEU B 509 2.22 12.86 20.91
CA LEU B 509 1.80 12.25 19.65
C LEU B 509 2.11 10.76 19.65
N TYR B 510 3.32 10.40 20.08
CA TYR B 510 3.69 9.00 20.18
C TYR B 510 2.80 8.25 21.17
N MET B 511 2.66 8.79 22.38
CA MET B 511 1.93 8.10 23.44
C MET B 511 0.45 7.93 23.11
N LYS B 512 -0.18 8.92 22.49
CA LYS B 512 -1.62 8.84 22.28
C LYS B 512 -2.03 8.09 21.03
N TYR B 513 -1.20 8.11 19.99
CA TYR B 513 -1.56 7.53 18.69
C TYR B 513 -0.64 6.40 18.25
N VAL B 514 0.68 6.61 18.30
CA VAL B 514 1.60 5.67 17.66
C VAL B 514 1.81 4.44 18.53
N HIS B 515 2.03 4.64 19.83
CA HIS B 515 2.35 3.53 20.72
C HIS B 515 1.25 2.46 20.75
N PRO B 516 -0.01 2.79 21.10
CA PRO B 516 -1.04 1.74 21.10
C PRO B 516 -1.20 1.04 19.76
N PHE B 517 -1.18 1.80 18.66
CA PHE B 517 -1.41 1.22 17.35
C PHE B 517 -0.30 0.25 16.96
N ILE B 518 0.95 0.70 17.04
CA ILE B 518 2.07 -0.13 16.61
C ILE B 518 2.20 -1.36 17.50
N PHE B 519 2.18 -1.17 18.82
CA PHE B 519 2.28 -2.32 19.72
C PHE B 519 1.12 -3.32 19.58
N SER B 520 -0.11 -2.82 19.40
CA SER B 520 -1.21 -3.75 19.18
C SER B 520 -1.07 -4.50 17.86
N LEU B 521 -0.64 -3.81 16.79
CA LEU B 521 -0.33 -4.52 15.56
C LEU B 521 0.74 -5.58 15.78
N CYS B 522 1.76 -5.25 16.59
CA CYS B 522 2.78 -6.23 16.99
C CYS B 522 2.20 -7.44 17.71
N THR B 523 1.07 -7.30 18.41
CA THR B 523 0.55 -8.46 19.12
C THR B 523 -0.01 -9.54 18.20
N ILE B 524 -0.19 -9.26 16.93
CA ILE B 524 -0.63 -10.26 15.95
C ILE B 524 0.32 -10.42 14.77
N ILE B 525 1.19 -9.45 14.49
CA ILE B 525 2.15 -9.56 13.38
C ILE B 525 3.53 -9.92 13.92
N PRO B 526 4.22 -10.86 13.26
CA PRO B 526 5.47 -11.45 13.77
C PRO B 526 6.69 -10.59 13.44
N LEU B 527 6.68 -9.36 13.95
CA LEU B 527 7.72 -8.39 13.66
C LEU B 527 7.97 -7.58 14.93
N ASN B 528 9.14 -6.97 15.00
CA ASN B 528 9.41 -6.04 16.07
C ASN B 528 8.78 -4.69 15.75
N PRO B 529 8.71 -3.78 16.73
CA PRO B 529 8.07 -2.48 16.46
C PRO B 529 8.68 -1.74 15.27
N ASP B 530 10.02 -1.69 15.19
CA ASP B 530 10.69 -1.04 14.06
C ASP B 530 10.16 -1.52 12.71
N GLU B 531 10.01 -2.83 12.53
CA GLU B 531 9.66 -3.33 11.20
C GLU B 531 8.19 -3.10 10.90
N THR B 532 7.33 -3.44 11.87
CA THR B 532 5.90 -3.22 11.68
C THR B 532 5.61 -1.74 11.42
N LEU B 533 6.38 -0.85 12.05
CA LEU B 533 6.32 0.56 11.72
C LEU B 533 6.79 0.85 10.30
N ARG B 534 7.81 0.15 9.82
CA ARG B 534 8.50 0.62 8.62
C ARG B 534 8.20 -0.15 7.33
N LYS B 535 7.80 -1.42 7.40
CA LYS B 535 7.57 -2.17 6.17
C LYS B 535 6.45 -1.57 5.33
N GLY B 536 6.55 -1.75 4.01
CA GLY B 536 5.42 -1.44 3.15
C GLY B 536 4.17 -2.18 3.55
N THR B 537 3.02 -1.55 3.31
CA THR B 537 1.74 -2.23 3.51
C THR B 537 1.58 -3.49 2.66
N GLY B 538 2.12 -3.50 1.44
CA GLY B 538 2.10 -4.74 0.68
C GLY B 538 2.83 -5.88 1.37
N THR B 539 4.00 -5.59 1.94
CA THR B 539 4.73 -6.62 2.65
C THR B 539 4.01 -7.03 3.93
N LEU B 540 3.37 -6.08 4.62
CA LEU B 540 2.56 -6.41 5.79
C LEU B 540 1.45 -7.40 5.46
N CYS B 541 0.68 -7.12 4.40
CA CYS B 541 -0.31 -8.08 3.92
C CYS B 541 0.32 -9.43 3.64
N GLU B 542 1.42 -9.43 2.89
CA GLU B 542 2.12 -10.67 2.59
C GLU B 542 2.45 -11.44 3.87
N MET B 543 2.90 -10.72 4.91
CA MET B 543 3.33 -11.36 6.15
C MET B 543 2.13 -11.95 6.89
N LEU B 544 1.02 -11.23 6.93
CA LEU B 544 -0.19 -11.76 7.54
C LEU B 544 -0.63 -13.05 6.84
N LEU B 545 -0.56 -13.06 5.51
CA LEU B 545 -1.03 -14.24 4.80
C LEU B 545 -0.10 -15.41 5.06
N MET B 546 1.20 -15.11 5.16
CA MET B 546 2.21 -16.11 5.46
C MET B 546 1.96 -16.72 6.84
N VAL B 547 1.57 -15.88 7.81
CA VAL B 547 1.25 -16.35 9.16
C VAL B 547 0.07 -17.32 9.13
N GLN B 548 -1.02 -16.93 8.46
CA GLN B 548 -2.20 -17.80 8.48
C GLN B 548 -1.92 -19.15 7.85
N ALA B 549 -1.10 -19.20 6.81
CA ALA B 549 -0.81 -20.47 6.14
C ALA B 549 0.07 -21.36 7.01
N SER C 2 43.80 -31.95 -43.63
CA SER C 2 42.83 -31.06 -44.28
C SER C 2 42.27 -31.69 -45.55
N ILE C 3 41.41 -30.95 -46.23
CA ILE C 3 40.76 -31.41 -47.45
C ILE C 3 41.15 -30.49 -48.59
N ASN C 4 41.74 -31.06 -49.64
CA ASN C 4 42.03 -30.28 -50.83
C ASN C 4 40.75 -30.01 -51.60
N LEU C 5 40.61 -28.79 -52.10
CA LEU C 5 39.39 -28.34 -52.76
C LEU C 5 39.67 -28.12 -54.24
N HIS C 6 38.88 -28.75 -55.09
CA HIS C 6 39.02 -28.64 -56.53
C HIS C 6 37.68 -28.25 -57.15
N SER C 7 37.78 -27.63 -58.32
CA SER C 7 36.61 -27.14 -59.03
C SER C 7 36.70 -27.54 -60.50
N ALA C 8 35.57 -27.98 -61.05
CA ALA C 8 35.50 -28.27 -62.47
C ALA C 8 35.29 -26.97 -63.25
N PRO C 9 35.86 -26.87 -64.46
CA PRO C 9 35.65 -25.64 -65.25
C PRO C 9 34.22 -25.45 -65.71
N GLU C 10 33.42 -26.51 -65.71
CA GLU C 10 32.02 -26.41 -66.11
C GLU C 10 31.19 -27.31 -65.21
N TYR C 11 30.08 -26.76 -64.70
CA TYR C 11 29.20 -27.49 -63.80
C TYR C 11 27.94 -27.93 -64.53
N ASP C 12 27.42 -29.09 -64.13
CA ASP C 12 26.21 -29.64 -64.74
C ASP C 12 24.97 -29.01 -64.11
N PRO C 13 24.15 -28.28 -64.88
CA PRO C 13 22.91 -27.71 -64.32
C PRO C 13 21.78 -28.71 -64.15
N SER C 14 22.00 -29.99 -64.43
CA SER C 14 20.96 -30.99 -64.24
C SER C 14 20.73 -31.29 -62.77
N TYR C 15 21.75 -31.12 -61.94
CA TYR C 15 21.63 -31.33 -60.50
C TYR C 15 20.84 -30.19 -59.89
N LYS C 16 19.84 -30.53 -59.07
CA LYS C 16 19.00 -29.52 -58.44
C LYS C 16 18.70 -29.93 -57.01
N LEU C 17 18.77 -28.95 -56.12
CA LEU C 17 18.52 -29.18 -54.70
C LEU C 17 17.02 -29.16 -54.43
N ILE C 18 16.51 -30.19 -53.76
CA ILE C 18 15.09 -30.26 -53.40
C ILE C 18 15.01 -30.39 -51.88
N GLN C 19 14.09 -29.67 -51.27
CA GLN C 19 13.97 -29.69 -49.82
C GLN C 19 13.29 -30.97 -49.35
N LEU C 20 13.73 -31.47 -48.20
CA LEU C 20 13.32 -32.78 -47.68
C LEU C 20 12.56 -32.62 -46.38
N THR C 21 11.26 -32.90 -46.42
CA THR C 21 10.46 -33.01 -45.20
C THR C 21 10.67 -34.37 -44.55
N PRO C 22 10.44 -34.47 -43.24
CA PRO C 22 10.61 -35.77 -42.55
C PRO C 22 9.80 -36.91 -43.19
N GLU C 23 8.58 -36.64 -43.64
CA GLU C 23 7.77 -37.68 -44.27
C GLU C 23 8.38 -38.11 -45.60
N LEU C 24 8.75 -37.15 -46.44
CA LEU C 24 9.45 -37.48 -47.67
C LEU C 24 10.80 -38.11 -47.38
N LEU C 25 11.48 -37.62 -46.34
CA LEU C 25 12.76 -38.21 -45.93
C LEU C 25 12.60 -39.68 -45.55
N ASP C 26 11.44 -40.06 -45.01
CA ASP C 26 11.20 -41.46 -44.67
C ASP C 26 10.75 -42.27 -45.88
N ILE C 27 9.94 -41.66 -46.76
CA ILE C 27 9.49 -42.38 -47.96
C ILE C 27 10.66 -42.69 -48.86
N ILE C 28 11.60 -41.76 -48.99
CA ILE C 28 12.77 -42.00 -49.81
C ILE C 28 13.68 -43.03 -49.15
N GLN C 29 13.88 -42.94 -47.84
CA GLN C 29 14.72 -43.87 -47.11
C GLN C 29 13.98 -45.17 -46.82
N ASP C 30 13.08 -45.57 -47.72
CA ASP C 30 12.30 -46.79 -47.58
C ASP C 30 12.82 -47.82 -48.58
N PRO C 31 13.60 -48.81 -48.14
CA PRO C 31 14.18 -49.78 -49.09
C PRO C 31 13.22 -50.86 -49.58
N VAL C 32 11.96 -50.87 -49.13
CA VAL C 32 11.06 -51.94 -49.52
C VAL C 32 10.33 -51.64 -50.82
N GLN C 33 10.12 -50.37 -51.17
CA GLN C 33 9.41 -50.00 -52.39
C GLN C 33 10.08 -48.77 -53.00
N ASN C 34 10.71 -48.95 -54.16
CA ASN C 34 11.22 -47.82 -54.91
C ASN C 34 10.12 -47.20 -55.77
N HIS C 35 10.43 -46.03 -56.33
CA HIS C 35 9.52 -45.31 -57.22
C HIS C 35 8.18 -45.02 -56.55
N GLN C 36 8.26 -44.38 -55.38
CA GLN C 36 7.07 -44.01 -54.62
C GLN C 36 6.73 -42.54 -54.74
N LEU C 37 7.60 -41.72 -55.34
CA LEU C 37 7.35 -40.32 -55.57
C LEU C 37 7.33 -40.04 -57.07
N ARG C 38 6.57 -39.02 -57.47
CA ARG C 38 6.35 -38.75 -58.89
C ARG C 38 6.17 -37.26 -59.14
N PHE C 39 6.92 -36.72 -60.11
CA PHE C 39 6.82 -35.30 -60.48
C PHE C 39 5.73 -35.15 -61.53
N LYS C 40 4.52 -34.83 -61.10
CA LYS C 40 3.38 -34.67 -61.98
C LYS C 40 3.12 -33.20 -62.30
N SER C 41 2.49 -32.98 -63.46
CA SER C 41 2.05 -31.66 -63.89
C SER C 41 1.20 -31.80 -65.15
N LEU C 42 0.47 -30.73 -65.46
CA LEU C 42 -0.45 -30.68 -66.59
C LEU C 42 0.26 -30.58 -67.93
N ASP C 43 0.90 -29.45 -68.22
CA ASP C 43 1.44 -29.20 -69.55
C ASP C 43 2.96 -29.12 -69.54
N LYS C 44 3.54 -28.43 -70.53
CA LYS C 44 4.98 -28.40 -70.69
C LYS C 44 5.52 -26.98 -70.80
N ASP C 45 4.77 -25.97 -70.33
CA ASP C 45 5.27 -24.60 -70.38
C ASP C 45 4.50 -23.64 -69.48
N LYS C 46 3.43 -24.10 -68.84
CA LYS C 46 2.58 -23.17 -68.09
C LYS C 46 2.31 -23.62 -66.67
N SER C 47 1.88 -24.86 -66.48
CA SER C 47 1.37 -25.32 -65.19
C SER C 47 2.48 -25.58 -64.18
N GLU C 48 2.11 -25.59 -62.90
CA GLU C 48 3.01 -25.83 -61.80
C GLU C 48 3.42 -27.31 -61.73
N VAL C 49 4.37 -27.60 -60.85
CA VAL C 49 4.90 -28.95 -60.68
C VAL C 49 4.65 -29.44 -59.26
N VAL C 50 4.17 -30.68 -59.16
CA VAL C 50 3.90 -31.30 -57.87
C VAL C 50 4.67 -32.62 -57.80
N LEU C 51 4.85 -33.08 -56.58
CA LEU C 51 5.44 -34.37 -56.26
C LEU C 51 4.41 -35.14 -55.45
N CYS C 52 3.93 -36.23 -56.01
CA CYS C 52 2.88 -37.02 -55.40
C CYS C 52 3.39 -38.40 -55.03
N SER C 53 2.91 -38.90 -53.89
CA SER C 53 3.04 -40.29 -53.53
C SER C 53 1.74 -41.01 -53.95
N HIS C 54 1.44 -42.12 -53.29
CA HIS C 54 0.19 -42.82 -53.56
C HIS C 54 -1.02 -42.14 -52.93
N ASP C 55 -0.82 -41.16 -52.05
CA ASP C 55 -1.94 -40.57 -51.34
C ASP C 55 -1.75 -39.12 -50.94
N LYS C 56 -0.60 -38.49 -51.23
CA LYS C 56 -0.33 -37.12 -50.84
C LYS C 56 0.15 -36.33 -52.05
N THR C 57 0.37 -35.03 -51.82
CA THR C 57 0.75 -34.10 -52.89
C THR C 57 1.56 -32.97 -52.28
N TRP C 58 2.62 -32.56 -52.97
CA TRP C 58 3.42 -31.42 -52.56
C TRP C 58 3.72 -30.56 -53.77
N VAL C 59 3.64 -29.25 -53.62
CA VAL C 59 3.95 -28.32 -54.70
C VAL C 59 5.41 -27.87 -54.54
N LEU C 60 6.04 -27.56 -55.67
CA LEU C 60 7.44 -27.10 -55.69
C LEU C 60 7.50 -25.58 -55.75
N LYS C 61 8.46 -25.00 -55.00
CA LYS C 61 8.64 -23.55 -54.93
C LYS C 61 10.13 -23.24 -54.96
N GLN C 62 10.58 -22.46 -55.94
CA GLN C 62 12.01 -22.18 -56.12
C GLN C 62 12.38 -20.87 -55.44
N ARG C 63 13.46 -20.89 -54.67
CA ARG C 63 13.93 -19.73 -53.92
C ARG C 63 15.40 -19.53 -54.21
N LYS C 64 15.75 -18.38 -54.78
CA LYS C 64 17.13 -18.05 -55.06
C LYS C 64 17.78 -17.35 -53.88
N HIS C 65 19.09 -17.52 -53.76
CA HIS C 65 19.87 -16.94 -52.68
C HIS C 65 21.11 -16.27 -53.27
N SER C 66 21.78 -15.47 -52.43
CA SER C 66 22.92 -14.66 -52.85
C SER C 66 24.26 -15.31 -52.53
N ASN C 67 24.25 -16.57 -52.11
CA ASN C 67 25.47 -17.25 -51.72
C ASN C 67 25.92 -18.22 -52.82
N THR C 68 27.20 -18.55 -52.79
CA THR C 68 27.77 -19.53 -53.72
C THR C 68 27.67 -20.91 -53.07
N VAL C 69 26.80 -21.75 -53.61
CA VAL C 69 26.55 -23.09 -53.10
C VAL C 69 27.08 -24.08 -54.11
N LEU C 70 28.21 -24.73 -53.77
CA LEU C 70 28.96 -25.58 -54.69
C LEU C 70 28.94 -27.02 -54.18
N LEU C 71 28.38 -27.92 -54.99
CA LEU C 71 28.33 -29.33 -54.62
C LEU C 71 29.66 -30.00 -54.91
N MET C 72 30.15 -30.80 -53.95
CA MET C 72 31.49 -31.39 -54.00
C MET C 72 31.39 -32.91 -53.88
N ARG C 73 32.27 -33.60 -54.60
CA ARG C 73 32.36 -35.06 -54.54
C ARG C 73 33.79 -35.52 -54.29
N GLU C 74 33.91 -36.70 -53.68
CA GLU C 74 35.20 -37.30 -53.39
C GLU C 74 35.65 -38.13 -54.58
N PHE C 75 36.90 -37.94 -54.99
CA PHE C 75 37.47 -38.68 -56.10
C PHE C 75 38.82 -39.24 -55.69
N VAL C 76 39.38 -40.08 -56.54
CA VAL C 76 40.71 -40.67 -56.36
C VAL C 76 41.62 -40.03 -57.40
N PRO C 77 42.72 -39.39 -56.98
CA PRO C 77 43.56 -38.68 -57.95
C PRO C 77 44.21 -39.63 -58.95
N GLU C 78 44.07 -39.32 -60.24
CA GLU C 78 44.76 -40.10 -61.26
C GLU C 78 46.27 -39.99 -61.10
N GLN C 79 46.75 -38.83 -60.66
CA GLN C 79 48.14 -38.59 -60.33
C GLN C 79 48.21 -37.93 -58.96
N PRO C 80 49.26 -38.23 -58.18
CA PRO C 80 49.34 -37.70 -56.81
C PRO C 80 49.38 -36.18 -56.80
N ILE C 81 48.53 -35.59 -55.96
CA ILE C 81 48.44 -34.14 -55.83
C ILE C 81 49.62 -33.68 -54.98
N THR C 82 50.59 -33.04 -55.61
CA THR C 82 51.80 -32.57 -54.93
C THR C 82 51.90 -31.06 -55.06
N PHE C 83 52.12 -30.38 -53.95
CA PHE C 83 52.30 -28.93 -53.93
C PHE C 83 53.03 -28.55 -52.65
N ASP C 84 53.81 -27.48 -52.73
CA ASP C 84 54.53 -26.97 -51.56
C ASP C 84 53.54 -26.24 -50.66
N GLU C 85 53.44 -26.67 -49.41
CA GLU C 85 52.66 -25.95 -48.42
C GLU C 85 53.62 -25.06 -47.65
N THR C 86 53.66 -23.79 -48.03
CA THR C 86 54.52 -22.84 -47.33
C THR C 86 53.94 -22.47 -45.98
N LEU C 87 52.61 -22.38 -45.88
CA LEU C 87 51.96 -22.11 -44.61
C LEU C 87 52.19 -23.27 -43.66
N LEU C 88 52.75 -22.98 -42.49
CA LEU C 88 53.07 -23.99 -41.50
C LEU C 88 52.09 -24.06 -40.34
N PHE C 89 51.25 -23.04 -40.19
CA PHE C 89 50.33 -22.95 -39.05
C PHE C 89 48.90 -22.95 -39.57
N GLY C 90 48.10 -23.91 -39.10
CA GLY C 90 46.69 -23.96 -39.42
C GLY C 90 46.28 -24.94 -40.49
N LEU C 91 47.21 -25.72 -41.03
CA LEU C 91 46.91 -26.62 -42.14
C LEU C 91 47.57 -27.96 -41.88
N SER C 92 46.76 -29.01 -41.79
CA SER C 92 47.24 -30.37 -41.60
C SER C 92 47.56 -31.00 -42.95
N LYS C 93 48.12 -32.20 -42.91
CA LYS C 93 48.48 -32.89 -44.14
C LYS C 93 47.24 -33.28 -44.91
N PRO C 94 47.15 -32.97 -46.21
CA PRO C 94 45.92 -33.30 -46.96
C PRO C 94 45.81 -34.80 -47.18
N TYR C 95 44.65 -35.34 -46.81
CA TYR C 95 44.37 -36.77 -46.95
C TYR C 95 43.20 -37.11 -47.86
N MET C 96 42.40 -36.12 -48.27
CA MET C 96 41.27 -36.37 -49.17
C MET C 96 41.15 -35.24 -50.17
N ASP C 97 40.59 -35.55 -51.33
CA ASP C 97 40.42 -34.58 -52.41
C ASP C 97 38.97 -34.62 -52.90
N VAL C 98 38.39 -33.42 -53.06
CA VAL C 98 37.01 -33.27 -53.50
C VAL C 98 36.98 -32.25 -54.64
N VAL C 99 36.02 -32.41 -55.54
CA VAL C 99 35.86 -31.55 -56.69
C VAL C 99 34.43 -31.02 -56.74
N GLY C 100 34.30 -29.74 -57.08
CA GLY C 100 33.00 -29.17 -57.33
C GLY C 100 32.46 -29.58 -58.68
N PHE C 101 31.30 -30.24 -58.69
CA PHE C 101 30.68 -30.67 -59.94
C PHE C 101 29.47 -29.86 -60.33
N ALA C 102 28.88 -29.09 -59.41
CA ALA C 102 27.73 -28.27 -59.73
C ALA C 102 27.71 -27.07 -58.80
N LYS C 103 26.98 -26.03 -59.22
CA LYS C 103 26.91 -24.77 -58.49
C LYS C 103 25.45 -24.33 -58.47
N THR C 104 24.77 -24.60 -57.37
CA THR C 104 23.36 -24.27 -57.23
C THR C 104 23.24 -22.87 -56.67
N GLU C 105 22.46 -22.03 -57.35
CA GLU C 105 22.16 -20.67 -56.90
C GLU C 105 20.71 -20.55 -56.44
N SER C 106 20.02 -21.66 -56.27
CA SER C 106 18.64 -21.66 -55.81
C SER C 106 18.33 -23.01 -55.19
N GLU C 107 17.29 -23.03 -54.37
CA GLU C 107 16.80 -24.25 -53.74
C GLU C 107 15.36 -24.48 -54.17
N PHE C 108 14.92 -25.72 -54.09
CA PHE C 108 13.57 -26.12 -54.47
C PHE C 108 12.86 -26.70 -53.25
N GLU C 109 11.86 -25.98 -52.77
CA GLU C 109 11.09 -26.30 -51.57
C GLU C 109 9.84 -27.09 -51.96
N THR C 110 9.35 -27.88 -51.00
CA THR C 110 8.16 -28.69 -51.18
C THR C 110 7.18 -28.39 -50.06
N ARG C 111 5.95 -28.01 -50.42
CA ARG C 111 4.91 -27.75 -49.42
C ARG C 111 3.62 -28.44 -49.83
N GLU C 112 2.98 -29.12 -48.88
CA GLU C 112 1.81 -29.94 -49.21
C GLU C 112 0.72 -29.09 -49.85
N THR C 113 -0.03 -29.70 -50.77
CA THR C 113 -1.02 -28.98 -51.55
C THR C 113 -2.16 -29.91 -51.93
N HIS C 114 -3.08 -29.40 -52.75
CA HIS C 114 -4.28 -30.10 -53.16
C HIS C 114 -4.40 -30.05 -54.67
N GLY C 115 -5.19 -30.97 -55.23
CA GLY C 115 -5.22 -31.18 -56.66
C GLY C 115 -6.61 -31.12 -57.24
N GLU C 116 -6.65 -30.82 -58.55
CA GLU C 116 -7.86 -30.84 -59.36
C GLU C 116 -7.56 -31.56 -60.68
N LEU C 117 -8.63 -31.89 -61.41
CA LEU C 117 -8.51 -32.59 -62.67
C LEU C 117 -8.53 -31.60 -63.82
N ASN C 118 -7.99 -32.04 -64.97
CA ASN C 118 -7.98 -31.23 -66.19
C ASN C 118 -8.89 -31.89 -67.21
N LEU C 119 -10.07 -31.32 -67.41
CA LEU C 119 -11.06 -31.82 -68.37
C LEU C 119 -11.08 -31.01 -69.66
N ASN C 120 -9.91 -30.66 -70.19
CA ASN C 120 -9.82 -29.88 -71.41
C ASN C 120 -10.25 -30.70 -72.63
N SER C 121 -9.48 -31.73 -72.95
CA SER C 121 -9.79 -32.58 -74.08
C SER C 121 -10.60 -33.80 -73.66
N VAL C 143 -6.88 -37.05 -78.65
CA VAL C 143 -7.69 -37.89 -77.77
C VAL C 143 -6.84 -38.43 -76.62
N ILE C 144 -7.35 -38.28 -75.40
CA ILE C 144 -6.60 -38.73 -74.21
C ILE C 144 -6.51 -40.24 -74.18
N GLY C 145 -7.65 -40.92 -74.31
CA GLY C 145 -7.66 -42.37 -74.38
C GLY C 145 -7.85 -43.08 -73.06
N THR C 146 -6.82 -43.08 -72.22
CA THR C 146 -6.82 -43.81 -70.97
C THR C 146 -6.85 -42.86 -69.78
N LEU C 147 -7.13 -43.43 -68.61
CA LEU C 147 -7.21 -42.65 -67.39
C LEU C 147 -5.84 -42.29 -66.84
N GLU C 148 -4.83 -43.13 -67.09
CA GLU C 148 -3.47 -42.79 -66.66
C GLU C 148 -2.95 -41.56 -67.37
N GLU C 149 -3.40 -41.32 -68.60
CA GLU C 149 -3.01 -40.12 -69.33
C GLU C 149 -3.80 -38.90 -68.88
N LEU C 150 -4.97 -39.09 -68.26
CA LEU C 150 -5.73 -37.96 -67.73
C LEU C 150 -5.18 -37.55 -66.37
N LEU C 151 -4.96 -38.52 -65.48
CA LEU C 151 -4.21 -38.25 -64.25
C LEU C 151 -2.77 -37.85 -64.55
N GLU C 152 -2.31 -38.06 -65.79
CA GLU C 152 -0.99 -37.58 -66.20
C GLU C 152 -0.97 -36.07 -66.33
N ASN C 153 -1.75 -35.52 -67.25
CA ASN C 153 -1.81 -34.09 -67.49
C ASN C 153 -2.93 -33.48 -66.65
N SER C 154 -2.74 -33.53 -65.33
CA SER C 154 -3.66 -32.95 -64.37
C SER C 154 -2.92 -32.65 -63.08
N PRO C 155 -3.01 -31.42 -62.57
CA PRO C 155 -2.33 -31.09 -61.31
C PRO C 155 -3.01 -31.75 -60.12
N CYS C 156 -2.72 -33.03 -59.90
CA CYS C 156 -3.39 -33.79 -58.86
C CYS C 156 -2.57 -35.05 -58.56
N SER C 157 -2.93 -35.73 -57.48
CA SER C 157 -2.28 -36.98 -57.10
C SER C 157 -3.04 -38.15 -57.73
N ALA C 158 -2.81 -39.36 -57.22
CA ALA C 158 -3.46 -40.55 -57.72
C ALA C 158 -4.83 -40.79 -57.07
N LEU C 159 -4.87 -40.80 -55.73
CA LEU C 159 -6.11 -41.13 -55.02
C LEU C 159 -7.15 -40.03 -55.21
N GLU C 160 -6.75 -38.77 -55.06
CA GLU C 160 -7.68 -37.66 -55.29
C GLU C 160 -8.21 -37.69 -56.72
N GLY C 161 -7.37 -38.05 -57.68
CA GLY C 161 -7.81 -38.07 -59.07
C GLY C 161 -8.87 -39.12 -59.33
N ILE C 162 -8.66 -40.34 -58.83
CA ILE C 162 -9.65 -41.39 -59.05
C ILE C 162 -10.92 -41.09 -58.27
N SER C 163 -10.79 -40.48 -57.08
CA SER C 163 -11.98 -40.11 -56.31
C SER C 163 -12.82 -39.07 -57.03
N LYS C 164 -12.17 -38.04 -57.61
CA LYS C 164 -12.92 -37.03 -58.33
C LYS C 164 -13.48 -37.57 -59.64
N TRP C 165 -12.74 -38.45 -60.31
CA TRP C 165 -13.24 -39.09 -61.53
C TRP C 165 -14.46 -39.93 -61.23
N HIS C 166 -14.51 -40.58 -60.07
CA HIS C 166 -15.71 -41.29 -59.66
C HIS C 166 -16.82 -40.32 -59.24
N LYS C 167 -16.45 -39.16 -58.71
CA LYS C 167 -17.45 -38.20 -58.24
C LYS C 167 -18.15 -37.50 -59.40
N ILE C 168 -17.47 -37.32 -60.54
CA ILE C 168 -18.04 -36.61 -61.67
C ILE C 168 -18.65 -37.55 -62.70
N GLY C 169 -18.68 -38.84 -62.42
CA GLY C 169 -19.28 -39.79 -63.35
C GLY C 169 -18.58 -39.89 -64.69
N GLY C 170 -17.25 -39.81 -64.71
CA GLY C 170 -16.54 -39.89 -65.97
C GLY C 170 -16.44 -41.33 -66.46
N SER C 171 -16.15 -41.46 -67.75
CA SER C 171 -16.08 -42.78 -68.36
C SER C 171 -15.17 -42.79 -69.59
N CYS C 178 -14.24 -39.85 -71.39
CA CYS C 178 -15.45 -39.02 -71.51
C CYS C 178 -16.12 -38.82 -70.16
N ILE C 179 -17.20 -38.03 -70.15
CA ILE C 179 -17.92 -37.70 -68.93
C ILE C 179 -19.41 -37.81 -69.23
N LEU C 180 -20.11 -38.64 -68.46
CA LEU C 180 -21.54 -38.82 -68.67
C LEU C 180 -22.31 -37.59 -68.22
N SER C 181 -23.26 -37.15 -69.05
CA SER C 181 -24.15 -36.07 -68.66
C SER C 181 -25.09 -36.52 -67.55
N GLN C 182 -25.71 -35.55 -66.88
CA GLN C 182 -26.58 -35.86 -65.76
C GLN C 182 -27.77 -36.72 -66.19
N ASP C 183 -28.44 -36.32 -67.27
CA ASP C 183 -29.60 -37.08 -67.75
C ASP C 183 -29.22 -38.51 -68.09
N PHE C 184 -28.09 -38.71 -68.76
CA PHE C 184 -27.71 -40.07 -69.13
C PHE C 184 -27.20 -40.86 -67.94
N LEU C 185 -26.44 -40.23 -67.04
CA LEU C 185 -25.96 -40.93 -65.86
C LEU C 185 -27.11 -41.37 -64.96
N PHE C 186 -28.20 -40.61 -64.95
CA PHE C 186 -29.28 -40.92 -64.03
C PHE C 186 -30.36 -41.78 -64.67
N LYS C 187 -30.51 -41.72 -65.99
CA LYS C 187 -31.25 -42.76 -66.69
C LYS C 187 -30.51 -44.09 -66.59
N ALA C 188 -29.18 -44.05 -66.53
CA ALA C 188 -28.41 -45.28 -66.37
C ALA C 188 -28.52 -45.80 -64.95
N LEU C 189 -28.55 -44.90 -63.96
CA LEU C 189 -28.84 -45.33 -62.60
C LEU C 189 -30.23 -45.98 -62.51
N HIS C 190 -31.23 -45.37 -63.14
CA HIS C 190 -32.59 -45.93 -63.07
C HIS C 190 -32.66 -47.29 -63.75
N VAL C 191 -32.15 -47.41 -64.97
CA VAL C 191 -32.17 -48.68 -65.68
C VAL C 191 -31.33 -49.72 -64.94
N LEU C 192 -30.22 -49.29 -64.34
CA LEU C 192 -29.38 -50.21 -63.57
C LEU C 192 -30.14 -50.75 -62.36
N LEU C 193 -30.83 -49.87 -61.62
CA LEU C 193 -31.61 -50.34 -60.48
C LEU C 193 -32.72 -51.27 -60.94
N MET C 194 -33.39 -50.93 -62.04
CA MET C 194 -34.47 -51.77 -62.56
C MET C 194 -33.95 -53.16 -62.92
N SER C 195 -32.82 -53.23 -63.60
CA SER C 195 -32.26 -54.52 -64.02
C SER C 195 -31.74 -55.31 -62.82
N ALA C 196 -31.09 -54.62 -61.87
CA ALA C 196 -30.55 -55.31 -60.70
C ALA C 196 -31.65 -55.90 -59.83
N MET C 197 -32.76 -55.16 -59.67
CA MET C 197 -33.88 -55.68 -58.90
C MET C 197 -34.67 -56.73 -59.66
N ALA C 198 -34.77 -56.60 -60.98
CA ALA C 198 -35.52 -57.57 -61.77
C ALA C 198 -34.89 -58.96 -61.72
N GLU C 199 -33.57 -59.02 -61.77
CA GLU C 199 -32.85 -60.28 -61.68
C GLU C 199 -32.53 -60.68 -60.25
N SER C 200 -32.99 -59.91 -59.26
CA SER C 200 -32.76 -60.20 -57.85
C SER C 200 -31.26 -60.33 -57.56
N LEU C 201 -30.50 -59.35 -58.05
CA LEU C 201 -29.06 -59.34 -57.82
C LEU C 201 -28.76 -59.16 -56.34
N ASP C 202 -27.75 -59.89 -55.86
CA ASP C 202 -27.39 -59.84 -54.45
C ASP C 202 -26.94 -58.44 -54.08
N LEU C 203 -27.52 -57.90 -53.00
CA LEU C 203 -27.17 -56.56 -52.59
C LEU C 203 -25.77 -56.49 -51.99
N GLN C 204 -25.26 -57.61 -51.48
CA GLN C 204 -24.01 -57.55 -50.72
C GLN C 204 -22.78 -57.66 -51.63
N HIS C 205 -22.87 -58.45 -52.69
CA HIS C 205 -21.75 -58.66 -53.59
C HIS C 205 -22.23 -58.47 -55.03
N LEU C 206 -21.69 -57.45 -55.69
CA LEU C 206 -22.02 -57.14 -57.08
C LEU C 206 -20.73 -56.90 -57.85
N ASN C 207 -20.71 -57.34 -59.10
CA ASN C 207 -19.59 -57.11 -60.00
C ASN C 207 -20.12 -56.51 -61.30
N VAL C 208 -19.19 -56.03 -62.13
CA VAL C 208 -19.57 -55.35 -63.36
C VAL C 208 -20.18 -56.33 -64.36
N GLU C 209 -19.67 -57.56 -64.39
CA GLU C 209 -20.12 -58.53 -65.39
C GLU C 209 -21.58 -58.92 -65.17
N ASP C 210 -21.94 -59.27 -63.93
CA ASP C 210 -23.32 -59.67 -63.66
C ASP C 210 -24.30 -58.54 -63.96
N THR C 211 -23.97 -57.32 -63.54
CA THR C 211 -24.86 -56.19 -63.77
C THR C 211 -24.97 -55.86 -65.26
N HIS C 212 -23.85 -55.92 -65.99
CA HIS C 212 -23.89 -55.64 -67.41
C HIS C 212 -24.71 -56.69 -68.16
N HIS C 213 -24.60 -57.96 -67.76
CA HIS C 213 -25.42 -58.98 -68.37
C HIS C 213 -26.89 -58.83 -67.98
N ALA C 214 -27.15 -58.28 -66.79
CA ALA C 214 -28.53 -58.04 -66.39
C ALA C 214 -29.16 -56.88 -67.15
N VAL C 215 -28.35 -55.88 -67.53
CA VAL C 215 -28.90 -54.74 -68.27
C VAL C 215 -29.19 -55.13 -69.72
N GLY C 216 -28.16 -55.60 -70.43
CA GLY C 216 -28.32 -55.96 -71.82
C GLY C 216 -28.65 -57.42 -72.04
N LYS C 217 -29.67 -57.93 -71.35
CA LYS C 217 -30.07 -59.32 -71.48
C LYS C 217 -31.08 -59.52 -72.60
N ASP C 218 -32.12 -58.68 -72.65
CA ASP C 218 -33.17 -58.80 -73.65
C ASP C 218 -33.20 -57.61 -74.61
N ILE C 219 -32.09 -56.90 -74.76
CA ILE C 219 -31.98 -55.80 -75.69
C ILE C 219 -30.73 -56.00 -76.54
N GLU C 220 -30.76 -55.42 -77.73
CA GLU C 220 -29.69 -55.60 -78.71
C GLU C 220 -28.51 -54.68 -78.40
N ASP C 221 -27.34 -55.06 -78.92
CA ASP C 221 -26.12 -54.33 -78.62
C ASP C 221 -26.01 -53.02 -79.40
N GLU C 222 -26.61 -52.93 -80.58
CA GLU C 222 -26.56 -51.68 -81.33
C GLU C 222 -27.29 -50.56 -80.61
N PHE C 223 -28.38 -50.87 -79.92
CA PHE C 223 -29.11 -49.90 -79.13
C PHE C 223 -28.82 -50.04 -77.63
N ASN C 224 -27.67 -50.59 -77.27
CA ASN C 224 -27.26 -50.76 -75.89
C ASN C 224 -26.04 -49.89 -75.60
N PRO C 225 -26.23 -48.63 -75.22
CA PRO C 225 -25.08 -47.81 -74.84
C PRO C 225 -24.49 -48.18 -73.49
N TYR C 226 -25.21 -48.97 -72.68
CA TYR C 226 -24.75 -49.35 -71.35
C TYR C 226 -23.72 -50.47 -71.49
N THR C 227 -22.51 -50.08 -71.85
CA THR C 227 -21.41 -51.04 -71.89
C THR C 227 -20.89 -51.27 -70.47
N ARG C 228 -19.86 -52.11 -70.35
CA ARG C 228 -19.30 -52.42 -69.04
C ARG C 228 -18.64 -51.20 -68.40
N GLU C 229 -18.02 -50.34 -69.22
CA GLU C 229 -17.43 -49.12 -68.67
C GLU C 229 -18.48 -48.21 -68.06
N ILE C 230 -19.64 -48.08 -68.73
CA ILE C 230 -20.71 -47.24 -68.20
C ILE C 230 -21.24 -47.81 -66.89
N ILE C 231 -21.33 -49.14 -66.80
CA ILE C 231 -21.79 -49.77 -65.57
C ILE C 231 -20.81 -49.50 -64.43
N GLU C 232 -19.52 -49.69 -64.71
CA GLU C 232 -18.50 -49.40 -63.70
C GLU C 232 -18.54 -47.94 -63.28
N THR C 233 -18.83 -47.03 -64.22
CA THR C 233 -18.92 -45.61 -63.91
C THR C 233 -20.09 -45.33 -62.98
N VAL C 234 -21.27 -45.87 -63.30
CA VAL C 234 -22.44 -45.66 -62.44
C VAL C 234 -22.19 -46.24 -61.06
N LEU C 235 -21.53 -47.40 -61.00
CA LEU C 235 -21.17 -47.99 -59.71
C LEU C 235 -20.27 -47.07 -58.92
N ASN C 236 -19.16 -46.63 -59.53
CA ASN C 236 -18.22 -45.76 -58.83
C ASN C 236 -18.84 -44.41 -58.47
N LYS C 237 -19.90 -44.00 -59.17
CA LYS C 237 -20.56 -42.74 -58.83
C LYS C 237 -21.48 -42.91 -57.63
N PHE C 238 -22.31 -43.96 -57.65
CA PHE C 238 -23.30 -44.17 -56.60
C PHE C 238 -22.87 -45.21 -55.57
N ALA C 239 -21.61 -45.64 -55.62
CA ALA C 239 -21.10 -46.61 -54.67
C ALA C 239 -19.58 -46.56 -54.70
N VAL C 240 -18.97 -47.21 -53.72
CA VAL C 240 -17.51 -47.36 -53.67
C VAL C 240 -17.18 -48.83 -53.58
N GLN C 241 -16.03 -49.21 -54.13
CA GLN C 241 -15.61 -50.62 -54.14
C GLN C 241 -14.62 -50.92 -53.02
N THR C 249 -16.04 -56.09 -54.17
CA THR C 249 -17.31 -55.64 -54.75
C THR C 249 -17.62 -54.20 -54.35
N TRP C 250 -18.46 -53.53 -55.15
CA TRP C 250 -18.88 -52.17 -54.86
C TRP C 250 -19.91 -52.19 -53.73
N ARG C 251 -19.54 -51.67 -52.57
CA ARG C 251 -20.47 -51.65 -51.44
C ARG C 251 -21.58 -50.63 -51.69
N LEU C 252 -22.78 -50.97 -51.23
CA LEU C 252 -23.96 -50.14 -51.46
C LEU C 252 -23.93 -48.91 -50.57
N ARG C 253 -24.02 -47.73 -51.20
CA ARG C 253 -24.16 -46.49 -50.45
C ARG C 253 -25.64 -46.11 -50.58
N ILE C 254 -26.44 -46.59 -49.64
CA ILE C 254 -27.89 -46.40 -49.65
C ILE C 254 -28.20 -44.91 -49.50
N PRO C 255 -27.71 -44.24 -48.45
CA PRO C 255 -28.08 -42.82 -48.28
C PRO C 255 -27.67 -41.98 -49.47
N PHE C 256 -26.49 -42.24 -50.02
CA PHE C 256 -25.99 -41.45 -51.14
C PHE C 256 -26.95 -41.54 -52.32
N ILE C 257 -27.37 -42.77 -52.68
CA ILE C 257 -28.19 -42.95 -53.87
C ILE C 257 -29.59 -42.40 -53.63
N ALA C 258 -30.18 -42.69 -52.47
CA ALA C 258 -31.54 -42.26 -52.20
C ALA C 258 -31.64 -40.74 -52.14
N GLN C 259 -30.74 -40.12 -51.36
CA GLN C 259 -30.73 -38.67 -51.25
C GLN C 259 -30.45 -38.02 -52.61
N TRP C 260 -29.57 -38.63 -53.41
CA TRP C 260 -29.25 -38.10 -54.73
C TRP C 260 -30.49 -38.09 -55.62
N TYR C 261 -31.23 -39.21 -55.61
CA TYR C 261 -32.47 -39.30 -56.36
C TYR C 261 -33.47 -38.26 -55.87
N GLY C 262 -33.55 -38.06 -54.56
CA GLY C 262 -34.42 -37.03 -54.03
C GLY C 262 -34.05 -35.64 -54.51
N ILE C 263 -32.74 -35.36 -54.59
CA ILE C 263 -32.28 -34.07 -55.11
C ILE C 263 -32.69 -33.92 -56.56
N GLN C 264 -32.61 -35.00 -57.34
CA GLN C 264 -33.07 -34.92 -58.73
C GLN C 264 -34.57 -34.65 -58.80
N ALA C 265 -35.35 -35.26 -57.92
CA ALA C 265 -36.78 -34.98 -57.86
C ALA C 265 -37.04 -33.52 -57.52
N LEU C 266 -36.21 -32.96 -56.61
CA LEU C 266 -36.30 -31.53 -56.31
C LEU C 266 -36.00 -30.69 -57.55
N ARG C 267 -34.98 -31.06 -58.31
CA ARG C 267 -34.67 -30.36 -59.55
C ARG C 267 -35.78 -30.49 -60.58
N LYS C 268 -36.59 -31.54 -60.49
CA LYS C 268 -37.64 -31.73 -61.48
C LYS C 268 -38.97 -31.09 -61.09
N TYR C 269 -39.24 -30.93 -59.79
CA TYR C 269 -40.55 -30.43 -59.36
C TYR C 269 -40.49 -29.00 -58.85
N VAL C 270 -39.71 -28.71 -57.80
CA VAL C 270 -39.73 -27.36 -57.22
C VAL C 270 -38.62 -26.50 -57.80
N SER C 271 -38.11 -26.87 -58.97
CA SER C 271 -37.20 -25.98 -59.67
C SER C 271 -37.95 -24.79 -60.27
N GLY C 272 -39.27 -24.84 -60.31
CA GLY C 272 -40.09 -23.78 -60.85
C GLY C 272 -40.94 -23.10 -59.81
N ILE C 273 -41.76 -23.86 -59.09
CA ILE C 273 -42.72 -23.31 -58.14
C ILE C 273 -42.38 -23.76 -56.73
N SER C 274 -42.64 -22.87 -55.78
CA SER C 274 -42.63 -23.27 -54.38
C SER C 274 -43.99 -23.86 -54.02
N MET C 275 -44.02 -24.65 -52.96
CA MET C 275 -45.24 -25.28 -52.51
C MET C 275 -45.16 -25.46 -51.00
N PRO C 276 -46.30 -25.60 -50.33
CA PRO C 276 -46.28 -25.89 -48.89
C PRO C 276 -45.50 -27.16 -48.59
N ILE C 277 -45.07 -27.29 -47.34
CA ILE C 277 -44.23 -28.41 -46.93
C ILE C 277 -44.96 -29.74 -47.11
N ASP C 278 -46.22 -29.80 -46.64
CA ASP C 278 -46.93 -31.08 -46.61
C ASP C 278 -47.27 -31.57 -48.02
N GLU C 279 -47.93 -30.73 -48.83
CA GLU C 279 -48.34 -31.16 -50.15
C GLU C 279 -47.14 -31.50 -51.03
N PHE C 280 -46.06 -30.73 -50.91
CA PHE C 280 -44.89 -31.07 -51.71
C PHE C 280 -44.16 -32.28 -51.16
N LEU C 281 -44.19 -32.51 -49.84
CA LEU C 281 -43.68 -33.77 -49.33
C LEU C 281 -44.44 -34.94 -49.94
N ILE C 282 -45.76 -34.79 -50.09
CA ILE C 282 -46.56 -35.83 -50.70
C ILE C 282 -46.14 -36.04 -52.16
N LYS C 283 -46.10 -34.96 -52.93
CA LYS C 283 -45.82 -35.08 -54.36
C LYS C 283 -44.38 -35.50 -54.64
N TRP C 284 -43.43 -35.11 -53.78
CA TRP C 284 -42.05 -35.56 -53.91
C TRP C 284 -41.92 -37.03 -53.54
N LYS C 285 -42.46 -37.42 -52.38
CA LYS C 285 -42.42 -38.81 -51.97
C LYS C 285 -43.10 -39.71 -52.99
N SER C 286 -44.03 -39.15 -53.78
CA SER C 286 -44.72 -39.93 -54.79
C SER C 286 -43.77 -40.40 -55.89
N LEU C 287 -42.73 -39.61 -56.18
CA LEU C 287 -41.74 -40.03 -57.17
C LEU C 287 -40.73 -40.95 -56.50
N PHE C 288 -40.41 -42.06 -57.16
CA PHE C 288 -39.52 -43.05 -56.58
C PHE C 288 -38.83 -43.85 -57.68
N PRO C 289 -37.65 -44.41 -57.39
CA PRO C 289 -37.05 -45.40 -58.29
C PRO C 289 -37.89 -46.66 -58.33
N PRO C 290 -37.41 -47.74 -58.98
CA PRO C 290 -38.18 -49.00 -58.96
C PRO C 290 -38.33 -49.64 -57.58
N PHE C 291 -38.01 -50.93 -57.50
CA PHE C 291 -38.45 -51.75 -56.37
C PHE C 291 -37.76 -51.39 -55.06
N PHE C 292 -36.50 -50.94 -55.09
CA PHE C 292 -35.76 -50.77 -53.84
C PHE C 292 -36.35 -49.64 -53.01
N PRO C 293 -36.63 -49.87 -51.73
CA PRO C 293 -37.26 -48.83 -50.90
C PRO C 293 -36.28 -47.75 -50.49
N CYS C 294 -36.86 -46.62 -50.05
CA CYS C 294 -36.11 -45.46 -49.59
C CYS C 294 -36.77 -44.86 -48.36
N ASP C 295 -36.01 -44.71 -47.29
CA ASP C 295 -36.48 -44.05 -46.08
C ASP C 295 -36.20 -42.56 -46.14
N ILE C 296 -37.07 -41.78 -45.51
CA ILE C 296 -36.93 -40.33 -45.48
C ILE C 296 -36.49 -39.90 -44.08
N ASP C 297 -35.90 -38.71 -44.01
CA ASP C 297 -35.42 -38.15 -42.76
C ASP C 297 -35.34 -36.64 -42.92
N ILE C 298 -35.32 -35.94 -41.78
CA ILE C 298 -35.14 -34.50 -41.82
C ILE C 298 -33.76 -34.13 -42.34
N ASP C 299 -32.78 -35.04 -42.21
CA ASP C 299 -31.44 -34.76 -42.72
C ASP C 299 -31.37 -34.90 -44.23
N MET C 300 -32.00 -35.93 -44.79
CA MET C 300 -32.06 -36.06 -46.24
C MET C 300 -32.79 -34.88 -46.87
N LEU C 301 -33.86 -34.42 -46.23
CA LEU C 301 -34.62 -33.27 -46.71
C LEU C 301 -33.99 -31.98 -46.18
N ARG C 302 -32.73 -31.78 -46.54
CA ARG C 302 -31.96 -30.65 -46.04
C ARG C 302 -30.75 -30.43 -46.94
N GLY C 303 -30.46 -29.17 -47.22
CA GLY C 303 -29.31 -28.79 -48.00
C GLY C 303 -29.55 -28.60 -49.48
N TYR C 304 -30.77 -28.83 -49.96
CA TYR C 304 -31.07 -28.67 -51.37
C TYR C 304 -32.43 -28.05 -51.62
N HIS C 305 -33.06 -27.49 -50.59
CA HIS C 305 -34.29 -26.73 -50.74
C HIS C 305 -34.32 -25.67 -49.64
N PHE C 306 -35.33 -24.81 -49.70
CA PHE C 306 -35.46 -23.76 -48.70
C PHE C 306 -36.93 -23.51 -48.40
N LYS C 307 -37.20 -22.96 -47.23
CA LYS C 307 -38.55 -22.67 -46.79
C LYS C 307 -38.85 -21.18 -46.83
N LYS C 311 -43.36 -22.69 -43.60
CA LYS C 311 -44.18 -23.86 -43.90
C LYS C 311 -44.19 -24.16 -45.39
N THR C 312 -43.20 -23.65 -46.11
CA THR C 312 -43.08 -23.80 -47.55
C THR C 312 -41.81 -24.57 -47.88
N VAL C 313 -41.63 -24.89 -49.17
CA VAL C 313 -40.45 -25.60 -49.63
C VAL C 313 -40.24 -25.36 -51.12
N GLN C 314 -39.02 -25.00 -51.50
CA GLN C 314 -38.67 -24.79 -52.90
C GLN C 314 -37.20 -25.15 -53.08
N TYR C 315 -36.88 -25.67 -54.27
CA TYR C 315 -35.53 -26.11 -54.56
C TYR C 315 -34.55 -24.94 -54.60
N ILE C 316 -33.30 -25.23 -54.24
CA ILE C 316 -32.22 -24.25 -54.27
C ILE C 316 -30.91 -25.00 -54.50
N ALA C 317 -29.99 -24.35 -55.21
CA ALA C 317 -28.70 -24.93 -55.55
C ALA C 317 -27.58 -24.10 -54.91
N LYS C 318 -26.47 -24.77 -54.61
CA LYS C 318 -25.38 -24.12 -53.88
C LYS C 318 -24.46 -23.35 -54.82
N SER C 319 -24.19 -23.88 -56.02
CA SER C 319 -23.27 -23.25 -56.94
C SER C 319 -23.82 -21.97 -57.57
N THR C 320 -25.08 -21.63 -57.32
CA THR C 320 -25.70 -20.45 -57.93
C THR C 320 -25.73 -19.24 -57.01
N LEU C 321 -25.45 -19.43 -55.72
CA LEU C 321 -25.42 -18.30 -54.80
C LEU C 321 -24.17 -17.45 -55.05
N PRO C 322 -24.23 -16.16 -54.74
CA PRO C 322 -23.05 -15.30 -54.89
C PRO C 322 -21.90 -15.78 -54.02
N MET C 323 -20.72 -15.91 -54.63
CA MET C 323 -19.56 -16.48 -53.95
C MET C 323 -19.02 -15.60 -52.84
N ASP C 324 -19.49 -14.35 -52.72
CA ASP C 324 -19.05 -13.50 -51.61
C ASP C 324 -19.79 -13.87 -50.34
N PRO C 325 -19.10 -14.03 -49.21
CA PRO C 325 -19.77 -14.53 -48.00
C PRO C 325 -20.87 -13.61 -47.48
N LYS C 326 -20.57 -12.33 -47.31
CA LYS C 326 -21.54 -11.40 -46.73
C LYS C 326 -22.78 -11.31 -47.62
N GLU C 327 -22.58 -11.16 -48.94
CA GLU C 327 -23.72 -11.08 -49.85
C GLU C 327 -24.44 -12.41 -49.96
N ARG C 328 -23.72 -13.52 -49.81
CA ARG C 328 -24.38 -14.83 -49.83
C ARG C 328 -25.33 -14.98 -48.66
N PHE C 329 -24.86 -14.67 -47.44
CA PHE C 329 -25.73 -14.71 -46.28
C PHE C 329 -26.85 -13.68 -46.40
N LYS C 330 -26.59 -12.54 -47.05
CA LYS C 330 -27.61 -11.54 -47.27
C LYS C 330 -28.75 -12.09 -48.13
N VAL C 331 -28.41 -12.69 -49.27
CA VAL C 331 -29.42 -13.23 -50.16
C VAL C 331 -30.15 -14.40 -49.51
N LEU C 332 -29.42 -15.25 -48.78
CA LEU C 332 -30.08 -16.35 -48.08
C LEU C 332 -31.09 -15.84 -47.06
N PHE C 333 -30.72 -14.81 -46.29
CA PHE C 333 -31.66 -14.18 -45.36
C PHE C 333 -32.82 -13.52 -46.10
N ARG C 334 -32.58 -13.05 -47.32
CA ARG C 334 -33.65 -12.47 -48.12
C ARG C 334 -34.59 -13.54 -48.67
N LEU C 335 -34.11 -14.78 -48.77
CA LEU C 335 -34.96 -15.85 -49.30
C LEU C 335 -35.95 -16.34 -48.24
N GLN C 336 -35.45 -16.65 -47.04
CA GLN C 336 -36.29 -17.13 -45.95
C GLN C 336 -36.26 -16.13 -44.82
N SER C 337 -37.44 -15.82 -44.28
CA SER C 337 -37.49 -15.04 -43.05
C SER C 337 -36.89 -15.82 -41.88
N GLN C 338 -37.03 -17.15 -41.89
CA GLN C 338 -36.52 -18.01 -40.84
C GLN C 338 -35.89 -19.24 -41.46
N TRP C 339 -34.71 -19.61 -40.96
CA TRP C 339 -33.99 -20.78 -41.44
C TRP C 339 -33.93 -21.84 -40.35
N ASP C 340 -33.62 -23.07 -40.76
CA ASP C 340 -33.44 -24.18 -39.85
C ASP C 340 -31.96 -24.54 -39.75
N LEU C 341 -31.56 -25.05 -38.59
CA LEU C 341 -30.16 -25.40 -38.37
C LEU C 341 -29.75 -26.57 -39.27
N GLU C 342 -30.54 -27.64 -39.28
CA GLU C 342 -30.20 -28.79 -40.11
C GLU C 342 -30.32 -28.50 -41.60
N ASP C 343 -31.14 -27.51 -41.97
CA ASP C 343 -31.33 -27.18 -43.38
C ASP C 343 -30.29 -26.19 -43.91
N ILE C 344 -29.64 -25.43 -43.04
CA ILE C 344 -28.65 -24.46 -43.47
C ILE C 344 -27.23 -24.87 -43.10
N LYS C 345 -27.05 -25.79 -42.16
CA LYS C 345 -25.70 -26.23 -41.78
C LYS C 345 -24.90 -26.80 -42.94
N PRO C 346 -25.44 -27.72 -43.77
CA PRO C 346 -24.69 -28.13 -44.97
C PRO C 346 -24.63 -27.06 -46.05
N LEU C 347 -25.43 -26.00 -45.95
CA LEU C 347 -25.44 -24.93 -46.94
C LEU C 347 -24.36 -23.89 -46.73
N ILE C 348 -23.55 -24.01 -45.68
CA ILE C 348 -22.59 -22.96 -45.36
C ILE C 348 -21.22 -23.53 -45.03
N GLU C 349 -21.13 -24.86 -44.89
CA GLU C 349 -19.85 -25.47 -44.57
C GLU C 349 -18.86 -25.36 -45.73
N GLU C 350 -19.36 -25.48 -46.97
CA GLU C 350 -18.49 -25.42 -48.13
C GLU C 350 -18.17 -23.99 -48.55
N LEU C 351 -18.95 -23.01 -48.09
CA LEU C 351 -18.79 -21.63 -48.54
C LEU C 351 -17.51 -21.01 -47.98
N ASN C 352 -17.48 -20.78 -46.68
CA ASN C 352 -16.36 -20.10 -46.06
C ASN C 352 -15.18 -21.06 -45.96
N SER C 353 -14.00 -20.60 -46.41
CA SER C 353 -12.81 -21.41 -46.48
C SER C 353 -11.83 -21.12 -45.33
N ARG C 354 -12.31 -20.54 -44.24
CA ARG C 354 -11.42 -20.23 -43.12
C ARG C 354 -11.00 -21.50 -42.39
N GLY C 355 -11.87 -22.49 -42.34
CA GLY C 355 -11.57 -23.71 -41.60
C GLY C 355 -11.81 -23.62 -40.12
N MET C 356 -12.48 -22.57 -39.66
CA MET C 356 -12.78 -22.40 -38.25
C MET C 356 -13.99 -23.25 -37.86
N LYS C 357 -14.40 -23.13 -36.60
CA LYS C 357 -15.49 -23.94 -36.09
C LYS C 357 -16.82 -23.51 -36.71
N ILE C 358 -17.78 -24.45 -36.68
CA ILE C 358 -19.07 -24.24 -37.33
C ILE C 358 -19.85 -23.12 -36.64
N ASP C 359 -19.91 -23.15 -35.30
CA ASP C 359 -20.64 -22.12 -34.57
C ASP C 359 -20.03 -20.75 -34.78
N SER C 360 -18.69 -20.69 -34.83
CA SER C 360 -18.02 -19.43 -35.14
C SER C 360 -18.43 -18.94 -36.53
N PHE C 361 -18.42 -19.84 -37.51
CA PHE C 361 -18.89 -19.51 -38.86
C PHE C 361 -20.29 -18.92 -38.83
N ILE C 362 -21.17 -19.52 -38.02
CA ILE C 362 -22.57 -19.11 -37.98
C ILE C 362 -22.72 -17.72 -37.36
N MET C 363 -22.20 -17.55 -36.14
CA MET C 363 -22.27 -16.25 -35.48
C MET C 363 -21.58 -15.16 -36.29
N LYS C 364 -20.58 -15.54 -37.08
CA LYS C 364 -19.73 -14.63 -37.84
C LYS C 364 -20.51 -13.70 -38.76
N TYR C 365 -20.87 -14.19 -39.94
CA TYR C 365 -21.49 -13.35 -40.95
C TYR C 365 -22.97 -13.12 -40.71
N ALA C 366 -23.49 -13.57 -39.56
CA ALA C 366 -24.90 -13.40 -39.25
C ALA C 366 -25.11 -13.18 -37.76
N ARG C 367 -26.15 -13.81 -37.22
CA ARG C 367 -26.52 -13.70 -35.81
C ARG C 367 -27.58 -14.72 -35.45
N ARG C 368 -27.36 -15.46 -34.36
CA ARG C 368 -28.26 -16.56 -34.01
C ARG C 368 -29.48 -16.04 -33.26
N LYS C 369 -30.44 -16.94 -33.08
CA LYS C 369 -31.67 -16.66 -32.33
C LYS C 369 -32.35 -17.98 -32.02
N ARG C 370 -31.81 -18.71 -31.04
CA ARG C 370 -32.24 -20.08 -30.77
C ARG C 370 -33.67 -20.10 -30.22
N LEU C 371 -34.24 -21.29 -30.21
CA LEU C 371 -35.53 -21.55 -29.57
C LEU C 371 -35.44 -22.88 -28.84
N GLY C 372 -36.60 -23.46 -28.52
CA GLY C 372 -36.60 -24.68 -27.71
C GLY C 372 -36.15 -25.90 -28.48
N LYS C 373 -36.74 -26.13 -29.66
CA LYS C 373 -36.47 -27.36 -30.41
C LYS C 373 -35.05 -27.37 -30.97
N LYS C 374 -34.73 -26.42 -31.83
CA LYS C 374 -33.44 -26.40 -32.52
C LYS C 374 -32.98 -24.95 -32.71
N THR C 375 -31.68 -24.76 -32.66
CA THR C 375 -31.08 -23.43 -32.77
C THR C 375 -31.26 -22.92 -34.19
N VAL C 376 -32.29 -22.11 -34.41
CA VAL C 376 -32.56 -21.54 -35.72
C VAL C 376 -31.88 -20.17 -35.82
N VAL C 377 -32.01 -19.51 -36.96
CA VAL C 377 -31.29 -18.28 -37.24
C VAL C 377 -32.19 -17.32 -38.02
N THR C 378 -31.99 -16.02 -37.76
CA THR C 378 -32.62 -14.92 -38.46
C THR C 378 -31.67 -13.74 -38.40
N SER C 379 -31.88 -12.77 -39.31
CA SER C 379 -31.09 -11.55 -39.35
C SER C 379 -32.05 -10.37 -39.47
N ARG C 380 -32.40 -9.78 -38.32
CA ARG C 380 -33.19 -8.55 -38.26
C ARG C 380 -34.50 -8.66 -39.00
N PRO D 2 3.85 -33.84 -69.08
CA PRO D 2 4.72 -34.99 -68.77
C PRO D 2 4.95 -35.21 -67.27
N SER D 3 5.51 -36.37 -66.93
CA SER D 3 5.77 -36.75 -65.54
C SER D 3 6.81 -37.86 -65.54
N VAL D 4 7.58 -37.92 -64.46
CA VAL D 4 8.61 -38.93 -64.35
C VAL D 4 8.89 -39.16 -62.86
N ASP D 5 9.18 -40.41 -62.53
CA ASP D 5 9.45 -40.84 -61.16
C ASP D 5 10.85 -40.46 -60.71
N ILE D 6 10.99 -40.32 -59.40
CA ILE D 6 12.29 -40.10 -58.77
C ILE D 6 12.96 -41.45 -58.54
N ASP D 7 14.14 -41.63 -59.11
CA ASP D 7 14.89 -42.85 -58.93
C ASP D 7 15.76 -42.69 -57.69
N ALA D 8 15.50 -43.49 -56.67
CA ALA D 8 16.27 -43.43 -55.43
C ALA D 8 16.90 -44.78 -55.10
N SER D 9 16.98 -45.67 -56.09
CA SER D 9 17.55 -47.00 -55.83
C SER D 9 19.03 -46.92 -55.53
N GLN D 10 19.78 -46.16 -56.34
CA GLN D 10 21.21 -46.07 -56.13
C GLN D 10 21.53 -45.39 -54.80
N TRP D 11 20.81 -44.31 -54.47
CA TRP D 11 21.07 -43.61 -53.21
C TRP D 11 20.76 -44.51 -52.02
N GLN D 12 19.71 -45.33 -52.12
CA GLN D 12 19.37 -46.24 -51.03
C GLN D 12 20.41 -47.35 -50.89
N LYS D 13 20.83 -47.93 -52.01
CA LYS D 13 21.84 -48.99 -51.96
C LYS D 13 23.13 -48.46 -51.36
N LEU D 14 23.55 -47.27 -51.78
CA LEU D 14 24.80 -46.70 -51.28
C LEU D 14 24.69 -46.30 -49.82
N THR D 15 23.53 -45.79 -49.40
CA THR D 15 23.35 -45.43 -48.00
C THR D 15 23.38 -46.67 -47.11
N GLN D 16 22.67 -47.72 -47.50
CA GLN D 16 22.65 -48.95 -46.72
C GLN D 16 24.02 -49.62 -46.69
N SER D 17 24.77 -49.54 -47.79
CA SER D 17 26.06 -50.21 -47.85
C SER D 17 27.20 -49.42 -47.20
N ARG D 18 27.01 -48.16 -46.86
CA ARG D 18 28.09 -47.37 -46.28
C ARG D 18 27.76 -46.99 -44.84
N GLU D 19 28.82 -46.74 -44.06
CA GLU D 19 28.72 -46.53 -42.63
C GLU D 19 27.98 -45.23 -42.30
N LYS D 20 27.64 -45.09 -41.02
CA LYS D 20 26.92 -43.92 -40.52
C LYS D 20 27.79 -42.66 -40.61
N GLN D 21 27.11 -41.51 -40.70
CA GLN D 21 27.78 -40.23 -40.85
C GLN D 21 28.57 -39.87 -39.60
N THR D 22 29.84 -39.52 -39.78
CA THR D 22 30.72 -39.18 -38.66
C THR D 22 30.94 -37.67 -38.56
N THR D 23 31.43 -37.05 -39.63
CA THR D 23 31.67 -35.62 -39.68
C THR D 23 30.58 -34.93 -40.51
N VAL D 24 30.87 -33.73 -41.02
CA VAL D 24 29.92 -33.01 -41.84
C VAL D 24 29.79 -33.67 -43.21
N ILE D 25 30.85 -34.36 -43.64
CA ILE D 25 30.82 -35.12 -44.88
C ILE D 25 29.77 -36.21 -44.79
N THR D 26 28.87 -36.25 -45.76
CA THR D 26 27.83 -37.27 -45.80
C THR D 26 28.43 -38.66 -46.01
N PRO D 27 27.69 -39.71 -45.63
CA PRO D 27 28.16 -41.08 -45.86
C PRO D 27 28.49 -41.43 -47.30
N LEU D 28 27.97 -40.68 -48.28
CA LEU D 28 28.25 -40.93 -49.68
C LEU D 28 29.52 -40.23 -50.16
N GLY D 29 30.16 -39.45 -49.30
CA GLY D 29 31.43 -38.84 -49.64
C GLY D 29 31.10 -37.58 -50.41
N MET D 30 30.28 -36.75 -49.77
CA MET D 30 29.74 -35.54 -50.35
C MET D 30 29.65 -34.48 -49.27
N MET D 31 29.91 -33.23 -49.66
CA MET D 31 29.86 -32.13 -48.72
C MET D 31 29.29 -30.91 -49.41
N MET D 32 28.97 -29.90 -48.61
CA MET D 32 28.50 -28.63 -49.11
C MET D 32 29.35 -27.50 -48.55
N LEU D 33 29.90 -26.70 -49.44
CA LEU D 33 30.59 -25.47 -49.08
C LEU D 33 29.74 -24.31 -49.59
N GLU D 34 29.49 -23.34 -48.73
CA GLU D 34 28.69 -22.18 -49.06
C GLU D 34 29.49 -20.95 -48.70
N ILE D 35 29.56 -20.01 -49.62
CA ILE D 35 30.30 -18.79 -49.44
C ILE D 35 29.42 -17.59 -49.75
N GLN D 36 29.37 -16.66 -48.80
CA GLN D 36 28.66 -15.41 -48.92
C GLN D 36 29.48 -14.50 -49.86
N GLY D 37 29.36 -14.77 -51.15
CA GLY D 37 30.11 -14.05 -52.14
C GLY D 37 30.14 -14.79 -53.46
N GLU D 38 30.95 -14.25 -54.38
CA GLU D 38 31.14 -14.82 -55.72
C GLU D 38 32.53 -15.40 -55.77
N LEU D 39 32.63 -16.69 -56.14
CA LEU D 39 33.92 -17.35 -56.28
C LEU D 39 34.58 -17.00 -57.60
N GLU D 40 35.59 -16.13 -57.55
CA GLU D 40 36.25 -15.65 -58.75
C GLU D 40 37.34 -16.67 -59.15
N LEU D 41 37.07 -17.43 -60.20
CA LEU D 41 38.03 -18.38 -60.74
C LEU D 41 38.48 -17.96 -62.13
N PRO D 42 39.67 -18.37 -62.56
CA PRO D 42 40.13 -18.02 -63.91
C PRO D 42 39.15 -18.50 -64.97
N LYS D 43 39.05 -17.72 -66.04
CA LYS D 43 38.14 -18.07 -67.13
C LYS D 43 38.72 -19.10 -68.09
N ASP D 44 40.04 -19.33 -68.06
CA ASP D 44 40.69 -20.27 -68.97
C ASP D 44 41.63 -21.17 -68.17
N PHE D 45 41.12 -22.32 -67.73
CA PHE D 45 41.93 -23.27 -66.97
C PHE D 45 43.05 -23.87 -67.82
N ALA D 46 42.76 -24.14 -69.10
CA ALA D 46 43.73 -24.82 -69.97
C ALA D 46 45.02 -24.01 -70.12
N SER D 47 44.90 -22.69 -70.26
CA SER D 47 46.09 -21.85 -70.45
C SER D 47 46.96 -21.84 -69.21
N LEU D 48 46.35 -21.72 -68.03
CA LEU D 48 47.11 -21.64 -66.80
C LEU D 48 47.65 -22.99 -66.36
N ALA D 49 47.03 -24.08 -66.81
CA ALA D 49 47.52 -25.41 -66.44
C ALA D 49 48.88 -25.66 -67.05
N ARG D 50 49.18 -25.02 -68.19
CA ARG D 50 50.48 -25.14 -68.82
C ARG D 50 51.53 -24.32 -68.08
N ARG D 51 51.09 -23.23 -67.44
CA ARG D 51 51.96 -22.34 -66.68
C ARG D 51 52.13 -22.78 -65.25
N ASP D 52 51.42 -23.83 -64.85
CA ASP D 52 51.47 -24.34 -63.49
C ASP D 52 52.87 -24.84 -63.14
N SER D 53 53.40 -24.36 -62.04
CA SER D 53 54.69 -24.79 -61.56
C SER D 53 54.51 -25.83 -60.47
N PRO D 54 55.50 -26.70 -60.27
CA PRO D 54 55.39 -27.71 -59.20
C PRO D 54 55.14 -27.13 -57.82
N ASN D 55 55.68 -25.96 -57.53
CA ASN D 55 55.45 -25.32 -56.23
C ASN D 55 53.98 -24.95 -56.03
N GLU D 56 53.31 -24.45 -57.08
CA GLU D 56 51.92 -24.02 -56.92
C GLU D 56 50.96 -25.19 -56.79
N GLY D 57 51.09 -26.18 -57.67
CA GLY D 57 50.19 -27.34 -57.65
C GLY D 57 48.72 -26.96 -57.72
N ARG D 58 48.39 -26.00 -58.59
CA ARG D 58 47.05 -25.42 -58.65
C ARG D 58 46.11 -26.14 -59.60
N PHE D 59 46.63 -26.93 -60.53
CA PHE D 59 45.82 -27.62 -61.53
C PHE D 59 46.21 -29.09 -61.65
N SER D 60 45.20 -29.91 -61.93
CA SER D 60 45.41 -31.34 -62.16
C SER D 60 44.36 -31.83 -63.13
N GLU D 61 44.59 -33.01 -63.70
CA GLU D 61 43.63 -33.64 -64.60
C GLU D 61 42.90 -34.79 -63.91
N GLN D 62 41.56 -34.76 -63.97
CA GLN D 62 40.73 -35.81 -63.40
C GLN D 62 39.64 -36.16 -64.40
N ASP D 63 39.69 -37.38 -64.94
CA ASP D 63 38.68 -37.89 -65.87
C ASP D 63 38.46 -36.94 -67.04
N GLY D 64 39.54 -36.43 -67.60
CA GLY D 64 39.46 -35.56 -68.75
C GLY D 64 39.09 -34.12 -68.45
N GLU D 65 38.96 -33.75 -67.17
CA GLU D 65 38.60 -32.39 -66.78
C GLU D 65 39.75 -31.76 -66.02
N THR D 66 40.09 -30.53 -66.36
CA THR D 66 41.15 -29.80 -65.68
C THR D 66 40.59 -29.13 -64.44
N LEU D 67 40.95 -29.66 -63.28
CA LEU D 67 40.47 -29.17 -61.99
C LEU D 67 41.50 -28.19 -61.45
N ILE D 68 40.99 -27.13 -60.82
CA ILE D 68 41.83 -26.15 -60.14
C ILE D 68 41.75 -26.38 -58.64
N ARG D 69 42.91 -26.37 -57.97
CA ARG D 69 42.97 -26.44 -56.52
C ARG D 69 42.87 -25.01 -56.01
N PHE D 70 41.69 -24.61 -55.54
CA PHE D 70 41.46 -23.21 -55.23
C PHE D 70 41.53 -22.90 -53.73
N GLY D 71 41.55 -23.90 -52.86
CA GLY D 71 41.60 -23.60 -51.44
C GLY D 71 41.71 -24.84 -50.58
N SER D 72 41.60 -24.60 -49.28
CA SER D 72 41.66 -25.61 -48.23
C SER D 72 40.58 -25.30 -47.20
N LEU D 73 40.00 -26.36 -46.63
CA LEU D 73 38.96 -26.21 -45.61
C LEU D 73 39.37 -26.88 -44.31
N GLN D 74 39.18 -26.18 -43.19
CA GLN D 74 39.56 -26.70 -41.87
C GLN D 74 38.37 -26.59 -40.94
N ILE D 75 37.87 -27.75 -40.49
CA ILE D 75 36.70 -27.86 -39.63
C ILE D 75 37.14 -28.12 -38.20
N ASP D 76 36.84 -27.19 -37.29
CA ASP D 76 37.10 -27.34 -35.86
C ASP D 76 35.75 -27.32 -35.14
N GLY D 77 35.11 -28.49 -35.08
CA GLY D 77 33.80 -28.62 -34.48
C GLY D 77 32.75 -27.87 -35.28
N GLU D 78 32.10 -26.91 -34.64
CA GLU D 78 31.16 -26.05 -35.36
C GLU D 78 31.89 -24.96 -36.11
N ARG D 79 33.05 -24.55 -35.61
CA ARG D 79 33.83 -23.49 -36.23
C ARG D 79 34.46 -24.01 -37.52
N ALA D 80 34.58 -23.13 -38.51
CA ALA D 80 35.21 -23.50 -39.76
C ALA D 80 36.03 -22.35 -40.30
N THR D 81 37.15 -22.69 -40.94
CA THR D 81 38.00 -21.69 -41.56
C THR D 81 38.30 -22.14 -42.98
N LEU D 82 38.19 -21.19 -43.91
CA LEU D 82 38.35 -21.45 -45.33
C LEU D 82 39.54 -20.65 -45.85
N PHE D 83 40.51 -21.35 -46.42
CA PHE D 83 41.63 -20.72 -47.09
C PHE D 83 41.32 -20.74 -48.58
N VAL D 84 41.43 -19.59 -49.23
CA VAL D 84 41.17 -19.47 -50.65
C VAL D 84 42.42 -18.89 -51.31
N GLY D 85 42.84 -19.55 -52.39
CA GLY D 85 44.06 -19.15 -53.06
C GLY D 85 45.20 -19.37 -52.08
N LYS D 86 46.12 -18.45 -52.10
CA LYS D 86 47.29 -18.45 -51.25
C LYS D 86 47.19 -17.37 -50.19
N LYS D 87 46.25 -16.44 -50.37
CA LYS D 87 46.21 -15.20 -49.62
C LYS D 87 44.90 -14.90 -48.88
N GLN D 88 43.94 -15.83 -48.83
CA GLN D 88 42.67 -15.48 -48.18
C GLN D 88 42.27 -16.48 -47.10
N ARG D 89 41.74 -15.95 -46.00
CA ARG D 89 41.20 -16.73 -44.91
C ARG D 89 39.86 -16.15 -44.48
N LEU D 90 38.83 -17.00 -44.46
CA LEU D 90 37.45 -16.64 -44.13
C LEU D 90 37.00 -17.45 -42.93
N LEU D 91 36.34 -16.80 -41.98
CA LEU D 91 35.80 -17.47 -40.80
C LEU D 91 34.31 -17.73 -40.95
N GLY D 92 33.90 -18.97 -40.67
CA GLY D 92 32.51 -19.36 -40.79
C GLY D 92 32.12 -20.48 -39.84
N LYS D 93 30.97 -21.10 -40.09
CA LYS D 93 30.43 -22.12 -39.20
C LYS D 93 29.81 -23.25 -40.00
N VAL D 94 29.77 -24.44 -39.41
CA VAL D 94 28.99 -25.54 -39.94
C VAL D 94 27.63 -25.49 -39.27
N THR D 95 26.57 -25.21 -40.04
CA THR D 95 25.23 -25.06 -39.49
C THR D 95 24.29 -26.10 -40.09
N LYS D 96 23.44 -26.67 -39.23
CA LYS D 96 22.42 -27.59 -39.72
C LYS D 96 21.22 -26.88 -40.31
N LEU D 97 20.90 -27.21 -41.55
CA LEU D 97 19.72 -26.64 -42.19
C LEU D 97 18.47 -27.23 -41.55
N ASP D 98 17.53 -26.37 -41.20
CA ASP D 98 16.25 -26.84 -40.69
C ASP D 98 15.52 -27.72 -41.70
N VAL D 99 15.52 -27.35 -42.98
CA VAL D 99 14.92 -28.25 -43.95
C VAL D 99 16.04 -28.80 -44.84
N PRO D 100 16.35 -30.10 -44.72
CA PRO D 100 17.37 -30.75 -45.56
C PRO D 100 17.05 -30.66 -47.04
N MET D 101 18.10 -30.62 -47.85
CA MET D 101 17.93 -30.52 -49.29
C MET D 101 18.42 -31.77 -50.03
N GLY D 102 17.60 -32.21 -50.98
CA GLY D 102 17.83 -33.39 -51.80
C GLY D 102 18.39 -32.98 -53.16
N ILE D 103 19.51 -33.58 -53.54
CA ILE D 103 20.08 -33.33 -54.85
C ILE D 103 19.47 -34.28 -55.86
N MET D 104 18.92 -33.69 -56.93
CA MET D 104 18.17 -34.42 -57.94
C MET D 104 18.79 -34.09 -59.29
N HIS D 105 19.22 -35.11 -60.00
CA HIS D 105 19.79 -34.97 -61.33
C HIS D 105 18.71 -35.12 -62.38
N PHE D 106 18.46 -34.05 -63.14
CA PHE D 106 17.43 -34.08 -64.18
C PHE D 106 18.15 -34.39 -65.49
N ASN D 107 18.09 -35.65 -65.88
CA ASN D 107 18.67 -36.14 -67.12
C ASN D 107 17.74 -35.72 -68.24
N SER D 108 18.11 -34.62 -68.90
CA SER D 108 17.28 -34.05 -69.97
C SER D 108 17.11 -35.04 -71.11
N LYS D 109 18.15 -35.84 -71.39
CA LYS D 109 18.08 -36.79 -72.50
C LYS D 109 16.87 -37.69 -72.38
N ASP D 110 16.71 -38.35 -71.23
CA ASP D 110 15.63 -39.29 -71.02
C ASP D 110 14.52 -38.70 -70.16
N ASN D 111 14.63 -37.42 -69.80
CA ASN D 111 13.70 -36.77 -68.88
C ASN D 111 13.53 -37.60 -67.60
N LYS D 112 14.65 -38.09 -67.06
CA LYS D 112 14.63 -38.90 -65.85
C LYS D 112 15.28 -38.13 -64.71
N VAL D 113 14.74 -38.26 -63.51
CA VAL D 113 15.32 -37.59 -62.35
C VAL D 113 15.84 -38.65 -61.39
N GLU D 114 17.08 -38.47 -60.92
CA GLU D 114 17.75 -39.41 -60.03
C GLU D 114 18.22 -38.74 -58.76
N LEU D 115 17.92 -39.33 -57.60
CA LEU D 115 18.40 -38.81 -56.33
C LEU D 115 19.90 -39.04 -56.19
N VAL D 116 20.65 -37.95 -56.06
CA VAL D 116 22.09 -38.06 -55.92
C VAL D 116 22.59 -38.18 -54.48
N ASP D 117 22.22 -37.21 -53.64
CA ASP D 117 22.61 -37.19 -52.24
C ASP D 117 21.76 -36.21 -51.46
N VAL D 118 21.96 -36.20 -50.14
CA VAL D 118 21.31 -35.30 -49.21
C VAL D 118 22.36 -34.45 -48.51
N MET D 119 22.07 -33.16 -48.38
CA MET D 119 22.95 -32.12 -47.84
C MET D 119 23.61 -32.52 -46.54
N LYS D 120 22.82 -32.64 -45.47
CA LYS D 120 23.30 -33.11 -44.18
C LYS D 120 24.34 -32.12 -43.63
N TYR D 121 23.85 -30.95 -43.21
CA TYR D 121 24.65 -29.85 -42.67
C TYR D 121 25.29 -29.06 -43.81
N LYS D 122 25.76 -27.84 -43.53
CA LYS D 122 26.52 -27.08 -44.53
C LYS D 122 27.58 -26.21 -43.86
N VAL D 123 28.66 -25.98 -44.58
CA VAL D 123 29.73 -25.11 -44.12
C VAL D 123 29.59 -23.75 -44.80
N ILE D 124 29.13 -22.76 -44.02
CA ILE D 124 28.75 -21.43 -44.49
C ILE D 124 29.77 -20.44 -43.94
N PHE D 125 30.07 -19.39 -44.70
CA PHE D 125 31.05 -18.38 -44.28
C PHE D 125 30.48 -16.97 -44.45
N LYS D 126 30.09 -16.36 -43.33
CA LYS D 126 29.43 -15.06 -43.33
C LYS D 126 30.33 -13.90 -42.90
N ASP D 127 31.59 -14.12 -42.55
CA ASP D 127 32.42 -13.04 -42.04
C ASP D 127 33.47 -12.64 -43.07
N ARG D 128 33.91 -11.38 -42.98
CA ARG D 128 34.86 -10.84 -43.95
C ARG D 128 36.18 -11.61 -43.99
N PRO D 129 36.69 -11.96 -45.17
CA PRO D 129 37.98 -12.65 -45.24
C PRO D 129 39.09 -11.81 -44.60
N LEU D 130 40.01 -12.49 -43.93
CA LEU D 130 41.11 -11.80 -43.26
C LEU D 130 42.43 -12.17 -43.93
N PRO D 131 43.50 -11.41 -43.66
CA PRO D 131 44.83 -11.87 -44.06
C PRO D 131 45.17 -13.22 -43.42
N ILE D 132 46.11 -13.91 -44.04
CA ILE D 132 46.42 -15.29 -43.67
C ILE D 132 46.99 -15.33 -42.25
N ILE E 10 43.13 -16.25 -58.15
CA ILE E 10 42.06 -17.08 -57.63
C ILE E 10 41.64 -16.48 -56.30
N TRP E 11 40.36 -16.15 -56.13
CA TRP E 11 39.93 -15.56 -54.87
C TRP E 11 38.41 -15.61 -54.74
N VAL E 12 37.95 -15.22 -53.56
CA VAL E 12 36.53 -15.13 -53.21
C VAL E 12 36.16 -13.67 -53.05
N LYS E 13 35.17 -13.21 -53.83
CA LYS E 13 34.62 -11.86 -53.65
C LYS E 13 33.54 -11.87 -52.57
N TYR E 14 33.89 -11.39 -51.39
CA TYR E 14 33.01 -11.47 -50.22
C TYR E 14 31.76 -10.59 -50.32
N ASN E 15 30.59 -11.20 -50.08
CA ASN E 15 29.34 -10.49 -49.91
C ASN E 15 29.22 -10.08 -48.44
N GLU E 16 28.95 -8.79 -48.18
CA GLU E 16 28.90 -8.29 -46.81
C GLU E 16 27.85 -9.00 -45.96
N GLY E 17 26.72 -9.40 -46.54
CA GLY E 17 25.75 -10.10 -45.73
C GLY E 17 25.05 -11.22 -46.49
N PHE E 18 23.92 -11.70 -45.99
CA PHE E 18 23.23 -12.81 -46.64
C PHE E 18 21.75 -12.48 -46.78
N SER E 19 21.23 -12.68 -47.99
CA SER E 19 19.82 -12.45 -48.29
C SER E 19 19.25 -13.67 -48.98
N ASN E 20 18.06 -14.09 -48.55
CA ASN E 20 17.28 -15.09 -49.25
C ASN E 20 16.01 -14.40 -49.73
N ALA E 21 15.74 -14.49 -51.02
CA ALA E 21 14.57 -13.83 -51.56
C ALA E 21 13.27 -14.52 -51.12
N VAL E 22 12.16 -13.80 -51.35
CA VAL E 22 10.85 -14.32 -51.03
C VAL E 22 10.59 -15.58 -51.84
N ARG E 23 10.00 -16.59 -51.22
CA ARG E 23 9.65 -17.82 -51.92
C ARG E 23 8.76 -17.50 -53.12
N LYS E 24 9.03 -18.17 -54.25
CA LYS E 24 8.28 -18.00 -55.49
C LYS E 24 7.64 -19.31 -55.95
N ASN E 25 6.55 -19.19 -56.71
CA ASN E 25 5.93 -20.36 -57.31
C ASN E 25 6.80 -20.96 -58.42
N VAL E 26 6.55 -22.24 -58.74
CA VAL E 26 7.29 -22.98 -59.75
C VAL E 26 6.38 -23.48 -60.85
N THR E 27 6.78 -23.23 -62.09
CA THR E 27 6.13 -23.73 -63.28
C THR E 27 6.94 -24.91 -63.80
N TRP E 28 6.39 -25.60 -64.82
CA TRP E 28 7.10 -26.75 -65.39
C TRP E 28 8.43 -26.34 -66.00
N ASN E 29 8.47 -25.16 -66.63
CA ASN E 29 9.70 -24.72 -67.27
C ASN E 29 10.78 -24.36 -66.25
N ASN E 30 10.43 -24.02 -65.01
CA ASN E 30 11.46 -23.69 -64.04
C ASN E 30 12.35 -24.90 -63.71
N LEU E 31 11.77 -26.11 -63.72
CA LEU E 31 12.56 -27.30 -63.44
C LEU E 31 13.31 -27.78 -64.68
N TRP E 32 12.63 -27.85 -65.82
CA TRP E 32 13.24 -28.26 -67.08
C TRP E 32 13.47 -27.02 -67.92
N GLU E 33 14.66 -26.44 -67.78
CA GLU E 33 15.04 -25.24 -68.51
C GLU E 33 15.61 -25.62 -69.86
N SER F 2 -32.29 55.14 39.08
CA SER F 2 -30.86 55.22 38.82
C SER F 2 -30.10 55.64 40.07
N ILE F 3 -28.78 55.79 39.92
CA ILE F 3 -27.91 56.19 41.02
C ILE F 3 -27.23 57.49 40.65
N ASN F 4 -27.45 58.53 41.46
CA ASN F 4 -26.74 59.78 41.25
C ASN F 4 -25.29 59.65 41.70
N LEU F 5 -24.38 60.21 40.90
CA LEU F 5 -22.96 60.06 41.11
C LEU F 5 -22.32 61.40 41.46
N HIS F 6 -21.59 61.42 42.57
CA HIS F 6 -20.90 62.61 43.03
C HIS F 6 -19.44 62.30 43.27
N SER F 7 -18.59 63.31 43.17
CA SER F 7 -17.16 63.14 43.33
C SER F 7 -16.62 64.23 44.25
N ALA F 8 -15.74 63.85 45.16
CA ALA F 8 -15.09 64.84 45.99
C ALA F 8 -13.91 65.47 45.25
N PRO F 9 -13.65 66.76 45.44
CA PRO F 9 -12.50 67.39 44.76
C PRO F 9 -11.16 66.88 45.27
N GLU F 10 -11.13 66.27 46.45
CA GLU F 10 -9.91 65.70 47.01
C GLU F 10 -10.26 64.38 47.68
N TYR F 11 -9.46 63.36 47.40
CA TYR F 11 -9.68 62.03 47.96
C TYR F 11 -8.67 61.76 49.06
N ASP F 12 -9.09 60.98 50.05
CA ASP F 12 -8.23 60.65 51.17
C ASP F 12 -7.30 59.51 50.74
N PRO F 13 -5.98 59.71 50.73
CA PRO F 13 -5.08 58.65 50.29
C PRO F 13 -4.93 57.56 51.34
N SER F 14 -5.70 57.68 52.42
CA SER F 14 -5.68 56.66 53.45
C SER F 14 -6.36 55.36 53.01
N TYR F 15 -7.37 55.45 52.15
CA TYR F 15 -8.05 54.26 51.64
C TYR F 15 -7.25 53.58 50.53
N LYS F 16 -7.06 52.28 50.67
CA LYS F 16 -6.27 51.49 49.72
C LYS F 16 -6.89 50.11 49.56
N LEU F 17 -6.94 49.62 48.33
CA LEU F 17 -7.52 48.32 48.04
C LEU F 17 -6.54 47.19 48.33
N ILE F 18 -7.02 46.16 49.03
CA ILE F 18 -6.22 44.99 49.39
C ILE F 18 -6.92 43.75 48.81
N GLN F 19 -6.12 42.84 48.25
CA GLN F 19 -6.66 41.59 47.74
C GLN F 19 -6.91 40.64 48.90
N LEU F 20 -8.01 39.89 48.81
CA LEU F 20 -8.40 38.96 49.86
C LEU F 20 -8.41 37.55 49.29
N THR F 21 -7.46 36.74 49.74
CA THR F 21 -7.48 35.33 49.42
C THR F 21 -8.53 34.65 50.27
N PRO F 22 -9.04 33.49 49.83
CA PRO F 22 -10.09 32.81 50.63
C PRO F 22 -9.73 32.62 52.09
N GLU F 23 -8.47 32.29 52.40
CA GLU F 23 -8.08 32.11 53.79
C GLU F 23 -8.09 33.44 54.54
N LEU F 24 -7.51 34.48 53.95
CA LEU F 24 -7.56 35.81 54.56
C LEU F 24 -9.00 36.33 54.59
N LEU F 25 -9.76 36.07 53.52
CA LEU F 25 -11.17 36.47 53.49
C LEU F 25 -11.96 35.82 54.62
N ASP F 26 -11.57 34.61 55.02
CA ASP F 26 -12.25 33.94 56.12
C ASP F 26 -11.75 34.43 57.48
N ILE F 27 -10.45 34.70 57.60
CA ILE F 27 -9.90 35.19 58.87
C ILE F 27 -10.49 36.56 59.21
N ILE F 28 -10.64 37.43 58.21
CA ILE F 28 -11.21 38.75 58.47
C ILE F 28 -12.68 38.63 58.81
N GLN F 29 -13.43 37.80 58.09
CA GLN F 29 -14.85 37.61 58.32
C GLN F 29 -15.11 36.64 59.47
N ASP F 30 -14.24 36.63 60.48
CA ASP F 30 -14.40 35.73 61.62
C ASP F 30 -14.87 36.53 62.83
N PRO F 31 -16.15 36.45 63.19
CA PRO F 31 -16.67 37.23 64.32
C PRO F 31 -16.35 36.65 65.69
N VAL F 32 -15.69 35.49 65.76
CA VAL F 32 -15.41 34.88 67.06
C VAL F 32 -14.11 35.42 67.66
N GLN F 33 -13.16 35.84 66.82
CA GLN F 33 -11.88 36.37 67.29
C GLN F 33 -11.49 37.52 66.37
N ASN F 34 -11.51 38.74 66.90
CA ASN F 34 -11.01 39.88 66.16
C ASN F 34 -9.50 39.98 66.36
N HIS F 35 -8.87 40.86 65.58
CA HIS F 35 -7.43 41.13 65.67
C HIS F 35 -6.63 39.85 65.44
N GLN F 36 -6.89 39.18 64.33
CA GLN F 36 -6.20 37.95 63.98
C GLN F 36 -5.15 38.13 62.90
N LEU F 37 -5.08 39.30 62.28
CA LEU F 37 -4.06 39.62 61.29
C LEU F 37 -3.23 40.79 61.78
N ARG F 38 -1.97 40.83 61.33
CA ARG F 38 -1.01 41.80 61.86
C ARG F 38 -0.04 42.20 60.75
N PHE F 39 0.12 43.50 60.52
CA PHE F 39 1.02 44.00 59.49
C PHE F 39 2.41 44.19 60.08
N LYS F 40 3.25 43.17 59.95
CA LYS F 40 4.59 43.19 60.51
C LYS F 40 5.60 43.63 59.46
N SER F 41 6.71 44.19 59.94
CA SER F 41 7.83 44.60 59.10
C SER F 41 8.98 44.97 60.02
N LEU F 42 10.18 45.01 59.45
CA LEU F 42 11.38 45.34 60.22
C LEU F 42 11.41 46.82 60.53
N ASP F 43 11.61 47.65 59.51
CA ASP F 43 11.79 49.08 59.73
C ASP F 43 10.65 49.85 59.09
N LYS F 44 10.87 51.13 58.80
CA LYS F 44 9.80 51.99 58.31
C LYS F 44 10.19 52.71 57.02
N ASP F 45 11.18 52.20 56.28
CA ASP F 45 11.59 52.84 55.03
C ASP F 45 12.38 51.91 54.12
N LYS F 46 12.69 50.70 54.59
CA LYS F 46 13.57 49.82 53.82
C LYS F 46 12.96 48.44 53.62
N SER F 47 12.51 47.82 54.70
CA SER F 47 12.10 46.42 54.65
C SER F 47 10.72 46.28 54.02
N GLU F 48 10.45 45.06 53.57
CA GLU F 48 9.16 44.72 52.98
C GLU F 48 8.08 44.68 54.08
N VAL F 49 6.83 44.55 53.66
CA VAL F 49 5.69 44.54 54.56
C VAL F 49 5.01 43.18 54.42
N VAL F 50 4.73 42.54 55.56
CA VAL F 50 4.07 41.24 55.59
C VAL F 50 2.84 41.33 56.49
N LEU F 51 1.95 40.37 56.30
CA LEU F 51 0.76 40.19 57.11
C LEU F 51 0.81 38.80 57.70
N CYS F 52 0.89 38.71 59.02
CA CYS F 52 1.00 37.45 59.73
C CYS F 52 -0.24 37.22 60.60
N SER F 53 -0.67 35.97 60.64
CA SER F 53 -1.63 35.52 61.64
C SER F 53 -0.84 34.91 62.80
N HIS F 54 -1.47 34.01 63.55
CA HIS F 54 -0.74 33.32 64.60
C HIS F 54 0.20 32.26 64.06
N ASP F 55 0.10 31.90 62.77
CA ASP F 55 0.90 30.81 62.24
C ASP F 55 1.25 30.92 60.77
N LYS F 56 0.80 31.94 60.05
CA LYS F 56 1.07 32.06 58.62
C LYS F 56 1.62 33.45 58.30
N THR F 57 1.98 33.65 57.04
CA THR F 57 2.61 34.88 56.59
C THR F 57 2.34 35.11 55.10
N TRP F 58 2.04 36.35 54.74
CA TRP F 58 1.87 36.75 53.34
C TRP F 58 2.58 38.08 53.13
N VAL F 59 3.28 38.23 52.01
CA VAL F 59 3.99 39.45 51.69
C VAL F 59 3.08 40.34 50.84
N LEU F 60 3.27 41.66 50.97
CA LEU F 60 2.48 42.64 50.24
C LEU F 60 3.23 43.12 48.99
N LYS F 61 2.50 43.22 47.89
CA LYS F 61 3.04 43.67 46.60
C LYS F 61 2.02 44.58 45.94
N GLN F 62 2.40 45.81 45.63
CA GLN F 62 1.48 46.81 45.10
C GLN F 62 1.56 46.83 43.58
N ARG F 63 0.40 46.84 42.93
CA ARG F 63 0.32 46.84 41.48
C ARG F 63 -0.56 48.00 41.05
N LYS F 64 0.02 48.93 40.30
CA LYS F 64 -0.70 50.08 39.79
C LYS F 64 -1.30 49.77 38.42
N HIS F 65 -2.41 50.43 38.11
CA HIS F 65 -3.13 50.21 36.87
C HIS F 65 -3.46 51.55 36.22
N SER F 66 -3.91 51.48 34.97
CA SER F 66 -4.20 52.68 34.19
C SER F 66 -5.68 53.02 34.19
N ASN F 67 -6.50 52.34 34.99
CA ASN F 67 -7.93 52.61 35.05
C ASN F 67 -8.30 53.44 36.28
N THR F 68 -9.46 54.07 36.20
CA THR F 68 -9.99 54.86 37.30
C THR F 68 -10.88 53.95 38.16
N VAL F 69 -10.41 53.64 39.36
CA VAL F 69 -11.15 52.82 40.31
C VAL F 69 -11.53 53.75 41.46
N LEU F 70 -12.80 54.10 41.55
CA LEU F 70 -13.25 55.12 42.48
C LEU F 70 -14.18 54.50 43.51
N LEU F 71 -13.76 54.53 44.77
CA LEU F 71 -14.56 54.01 45.86
C LEU F 71 -15.56 55.07 46.34
N MET F 72 -16.79 54.62 46.59
CA MET F 72 -17.94 55.48 46.83
C MET F 72 -18.57 55.18 48.18
N ARG F 73 -19.19 56.19 48.77
CA ARG F 73 -19.97 56.04 49.99
C ARG F 73 -21.37 56.61 49.78
N GLU F 74 -22.36 55.96 50.40
CA GLU F 74 -23.75 56.38 50.34
C GLU F 74 -24.11 57.15 51.61
N PHE F 75 -24.71 58.32 51.43
CA PHE F 75 -25.10 59.20 52.52
C PHE F 75 -26.51 59.71 52.24
N VAL F 76 -27.01 60.54 53.14
CA VAL F 76 -28.31 61.18 52.98
C VAL F 76 -28.04 62.64 52.61
N PRO F 77 -28.55 63.12 51.48
CA PRO F 77 -28.20 64.47 51.03
C PRO F 77 -28.69 65.54 52.00
N GLU F 78 -27.80 66.47 52.34
CA GLU F 78 -28.18 67.60 53.18
C GLU F 78 -29.27 68.44 52.53
N GLN F 79 -29.22 68.57 51.21
CA GLN F 79 -30.26 69.22 50.43
C GLN F 79 -30.65 68.32 49.27
N PRO F 80 -31.92 68.31 48.88
CA PRO F 80 -32.37 67.40 47.82
C PRO F 80 -31.65 67.69 46.51
N ILE F 81 -31.13 66.62 45.89
CA ILE F 81 -30.41 66.73 44.63
C ILE F 81 -31.45 66.91 43.52
N THR F 82 -31.54 68.12 42.96
CA THR F 82 -32.51 68.46 41.94
C THR F 82 -31.78 68.86 40.67
N PHE F 83 -32.19 68.29 39.54
CA PHE F 83 -31.59 68.62 38.25
C PHE F 83 -32.57 68.25 37.15
N ASP F 84 -32.52 69.01 36.06
CA ASP F 84 -33.36 68.75 34.90
C ASP F 84 -32.79 67.57 34.13
N GLU F 85 -33.61 66.53 33.95
CA GLU F 85 -33.25 65.40 33.10
C GLU F 85 -33.89 65.63 31.74
N THR F 86 -33.09 66.10 30.78
CA THR F 86 -33.60 66.32 29.43
C THR F 86 -33.76 65.01 28.69
N LEU F 87 -32.85 64.06 28.92
CA LEU F 87 -32.94 62.74 28.29
C LEU F 87 -34.15 61.97 28.80
N LEU F 88 -34.98 61.48 27.87
CA LEU F 88 -36.19 60.77 28.23
C LEU F 88 -36.08 59.25 28.07
N PHE F 89 -35.08 58.76 27.35
CA PHE F 89 -34.94 57.33 27.05
C PHE F 89 -33.64 56.81 27.63
N GLY F 90 -33.74 55.78 28.47
CA GLY F 90 -32.58 55.09 28.99
C GLY F 90 -32.15 55.44 30.40
N LEU F 91 -32.88 56.33 31.09
CA LEU F 91 -32.50 56.78 32.42
C LEU F 91 -33.74 56.79 33.30
N SER F 92 -33.71 56.01 34.38
CA SER F 92 -34.81 55.99 35.32
C SER F 92 -34.61 57.08 36.39
N LYS F 93 -35.61 57.23 37.23
CA LYS F 93 -35.54 58.24 38.28
C LYS F 93 -34.50 57.83 39.32
N PRO F 94 -33.57 58.71 39.69
CA PRO F 94 -32.54 58.36 40.67
C PRO F 94 -33.13 58.21 42.06
N TYR F 95 -32.81 57.10 42.73
CA TYR F 95 -33.33 56.82 44.05
C TYR F 95 -32.26 56.81 45.14
N MET F 96 -30.98 56.83 44.77
CA MET F 96 -29.90 56.88 45.74
C MET F 96 -28.82 57.82 45.24
N ASP F 97 -28.07 58.40 46.19
CA ASP F 97 -27.02 59.36 45.89
C ASP F 97 -25.73 58.92 46.58
N VAL F 98 -24.62 58.94 45.84
CA VAL F 98 -23.33 58.47 46.32
C VAL F 98 -22.26 59.50 46.02
N VAL F 99 -21.21 59.51 46.85
CA VAL F 99 -20.07 60.43 46.69
C VAL F 99 -18.79 59.61 46.69
N GLY F 100 -17.85 59.97 45.81
CA GLY F 100 -16.55 59.33 45.80
C GLY F 100 -15.69 59.81 46.95
N PHE F 101 -15.20 58.88 47.78
CA PHE F 101 -14.37 59.27 48.91
C PHE F 101 -12.90 58.97 48.70
N ALA F 102 -12.56 58.13 47.72
CA ALA F 102 -11.17 57.81 47.45
C ALA F 102 -11.03 57.47 45.97
N LYS F 103 -9.79 57.52 45.49
CA LYS F 103 -9.49 57.26 44.08
C LYS F 103 -8.25 56.38 44.06
N THR F 104 -8.45 55.07 43.97
CA THR F 104 -7.36 54.12 43.98
C THR F 104 -6.86 53.85 42.57
N GLU F 105 -5.57 54.01 42.36
CA GLU F 105 -4.91 53.66 41.10
C GLU F 105 -3.99 52.45 41.26
N SER F 106 -4.10 51.74 42.39
CA SER F 106 -3.29 50.57 42.63
C SER F 106 -3.98 49.68 43.65
N GLU F 107 -3.60 48.41 43.64
CA GLU F 107 -4.10 47.42 44.59
C GLU F 107 -2.91 46.79 45.31
N PHE F 108 -3.19 46.21 46.47
CA PHE F 108 -2.16 45.58 47.31
C PHE F 108 -2.45 44.09 47.40
N GLU F 109 -1.57 43.30 46.80
CA GLU F 109 -1.69 41.85 46.71
C GLU F 109 -0.92 41.20 47.84
N THR F 110 -1.34 39.99 48.21
CA THR F 110 -0.69 39.21 49.26
C THR F 110 -0.32 37.84 48.72
N ARG F 111 0.95 37.47 48.86
CA ARG F 111 1.43 36.18 48.39
C ARG F 111 2.21 35.49 49.51
N GLU F 112 1.92 34.20 49.72
CA GLU F 112 2.46 33.49 50.88
C GLU F 112 3.99 33.51 50.92
N THR F 113 4.54 33.58 52.12
CA THR F 113 5.98 33.68 52.29
C THR F 113 6.38 33.10 53.65
N HIS F 114 7.68 33.15 53.93
CA HIS F 114 8.27 32.65 55.16
C HIS F 114 9.22 33.72 55.68
N GLY F 115 9.54 33.66 56.98
CA GLY F 115 10.24 34.74 57.63
C GLY F 115 11.50 34.31 58.37
N GLU F 116 12.38 35.29 58.55
CA GLU F 116 13.57 35.21 59.39
C GLU F 116 13.62 36.44 60.29
N LEU F 117 14.50 36.40 61.29
CA LEU F 117 14.52 37.44 62.30
C LEU F 117 15.54 38.54 61.98
N ASN F 118 15.34 39.69 62.61
CA ASN F 118 16.27 40.81 62.54
C ASN F 118 16.93 40.97 63.90
N LEU F 119 18.20 40.56 63.99
CA LEU F 119 18.98 40.65 65.22
C LEU F 119 19.90 41.87 65.20
N ASN F 120 19.38 43.03 64.77
CA ASN F 120 20.19 44.24 64.71
C ASN F 120 20.55 44.74 66.10
N SER F 121 19.55 45.13 66.88
CA SER F 121 19.78 45.61 68.23
C SER F 121 19.65 44.45 69.24
N VAL F 143 17.71 49.78 73.30
CA VAL F 143 17.52 48.42 73.78
C VAL F 143 16.12 47.95 73.43
N ILE F 144 16.04 46.75 72.84
CA ILE F 144 14.76 46.21 72.42
C ILE F 144 13.90 45.85 73.64
N GLY F 145 14.47 45.09 74.57
CA GLY F 145 13.80 44.78 75.81
C GLY F 145 13.01 43.49 75.84
N THR F 146 11.86 43.46 75.17
CA THR F 146 10.96 42.32 75.21
C THR F 146 10.91 41.62 73.86
N LEU F 147 10.33 40.41 73.87
CA LEU F 147 10.22 39.63 72.64
C LEU F 147 9.12 40.15 71.73
N GLU F 148 8.08 40.76 72.29
CA GLU F 148 7.03 41.35 71.45
C GLU F 148 7.60 42.49 70.61
N GLU F 149 8.64 43.16 71.10
CA GLU F 149 9.32 44.19 70.32
C GLU F 149 10.36 43.63 69.35
N LEU F 150 10.87 42.41 69.59
CA LEU F 150 11.82 41.83 68.65
C LEU F 150 11.12 41.15 67.47
N LEU F 151 10.10 40.31 67.74
CA LEU F 151 9.26 39.84 66.64
C LEU F 151 8.58 41.00 65.96
N GLU F 152 8.61 42.16 66.59
CA GLU F 152 8.17 43.38 65.94
C GLU F 152 9.14 43.78 64.84
N ASN F 153 10.39 44.04 65.22
CA ASN F 153 11.43 44.42 64.25
C ASN F 153 12.14 43.18 63.73
N SER F 154 11.38 42.34 63.03
CA SER F 154 11.91 41.14 62.37
C SER F 154 10.98 40.69 61.26
N PRO F 155 11.48 40.50 60.03
CA PRO F 155 10.61 40.02 58.95
C PRO F 155 10.24 38.55 59.10
N CYS F 156 9.29 38.24 59.98
CA CYS F 156 8.93 36.87 60.28
C CYS F 156 7.59 36.85 60.98
N SER F 157 7.03 35.64 61.14
CA SER F 157 5.77 35.46 61.83
C SER F 157 6.01 35.22 63.31
N ALA F 158 4.98 34.73 64.01
CA ALA F 158 5.08 34.45 65.43
C ALA F 158 5.61 33.05 65.72
N LEU F 159 4.98 32.01 65.15
CA LEU F 159 5.38 30.64 65.46
C LEU F 159 6.77 30.32 64.92
N GLU F 160 7.03 30.69 63.66
CA GLU F 160 8.36 30.51 63.09
C GLU F 160 9.40 31.27 63.90
N GLY F 161 9.04 32.46 64.39
CA GLY F 161 9.98 33.26 65.16
C GLY F 161 10.38 32.58 66.46
N ILE F 162 9.39 32.08 67.22
CA ILE F 162 9.71 31.42 68.48
C ILE F 162 10.42 30.10 68.23
N SER F 163 10.08 29.40 67.15
CA SER F 163 10.79 28.16 66.84
C SER F 163 12.26 28.44 66.53
N LYS F 164 12.54 29.48 65.76
CA LYS F 164 13.93 29.82 65.45
C LYS F 164 14.67 30.34 66.66
N TRP F 165 13.96 31.10 67.52
CA TRP F 165 14.57 31.59 68.75
C TRP F 165 14.95 30.46 69.69
N HIS F 166 14.12 29.40 69.73
CA HIS F 166 14.48 28.22 70.51
C HIS F 166 15.59 27.43 69.81
N LYS F 167 15.68 27.51 68.49
CA LYS F 167 16.68 26.74 67.77
C LYS F 167 18.09 27.31 67.97
N ILE F 168 18.21 28.61 68.21
CA ILE F 168 19.52 29.26 68.34
C ILE F 168 19.96 29.38 69.80
N GLY F 169 19.20 28.85 70.74
CA GLY F 169 19.58 28.93 72.14
C GLY F 169 19.62 30.35 72.68
N GLY F 170 18.73 31.22 72.20
CA GLY F 170 18.71 32.60 72.64
C GLY F 170 18.05 32.79 73.99
N SER F 171 18.29 33.96 74.56
CA SER F 171 17.74 34.32 75.88
C SER F 171 17.61 35.83 76.04
N CYS F 178 19.54 38.76 73.57
CA CYS F 178 20.90 38.26 73.51
C CYS F 178 20.91 36.83 73.00
N ILE F 179 22.12 36.29 72.79
CA ILE F 179 22.29 34.97 72.21
C ILE F 179 23.42 34.24 72.91
N LEU F 180 23.13 33.05 73.44
CA LEU F 180 24.15 32.23 74.08
C LEU F 180 25.11 31.66 73.04
N SER F 181 26.40 31.73 73.32
CA SER F 181 27.41 31.13 72.45
C SER F 181 27.35 29.59 72.51
N GLN F 182 27.95 28.96 71.49
CA GLN F 182 27.94 27.50 71.41
C GLN F 182 28.64 26.88 72.62
N ASP F 183 29.84 27.35 72.93
CA ASP F 183 30.54 26.85 74.11
C ASP F 183 29.71 27.06 75.36
N PHE F 184 29.11 28.25 75.52
CA PHE F 184 28.30 28.49 76.70
C PHE F 184 26.94 27.80 76.62
N LEU F 185 26.32 27.76 75.42
CA LEU F 185 25.03 27.08 75.31
C LEU F 185 25.15 25.60 75.61
N PHE F 186 26.29 24.98 75.29
CA PHE F 186 26.45 23.56 75.55
C PHE F 186 27.18 23.24 76.85
N LYS F 187 27.93 24.17 77.42
CA LYS F 187 28.23 24.03 78.84
C LYS F 187 26.96 24.13 79.65
N ALA F 188 25.99 24.91 79.15
CA ALA F 188 24.71 25.05 79.84
C ALA F 188 23.81 23.84 79.59
N LEU F 189 23.81 23.30 78.37
CA LEU F 189 23.13 22.03 78.11
C LEU F 189 23.76 20.90 78.92
N HIS F 190 25.09 20.88 79.02
CA HIS F 190 25.80 19.86 79.77
C HIS F 190 25.46 19.95 81.26
N VAL F 191 25.55 21.16 81.83
CA VAL F 191 25.19 21.36 83.24
C VAL F 191 23.72 21.09 83.48
N LEU F 192 22.86 21.42 82.50
CA LEU F 192 21.43 21.15 82.61
C LEU F 192 21.17 19.66 82.68
N LEU F 193 21.81 18.90 81.79
CA LEU F 193 21.67 17.44 81.81
C LEU F 193 22.26 16.86 83.09
N MET F 194 23.41 17.38 83.53
CA MET F 194 24.05 16.88 84.74
C MET F 194 23.16 17.10 85.96
N SER F 195 22.56 18.29 86.08
CA SER F 195 21.70 18.58 87.22
C SER F 195 20.38 17.82 87.13
N ALA F 196 19.82 17.70 85.92
CA ALA F 196 18.56 16.99 85.76
C ALA F 196 18.72 15.51 86.06
N MET F 197 19.83 14.90 85.64
CA MET F 197 20.08 13.50 85.94
C MET F 197 20.49 13.31 87.40
N ALA F 198 21.20 14.28 87.97
CA ALA F 198 21.63 14.17 89.37
C ALA F 198 20.43 14.19 90.31
N GLU F 199 19.43 15.04 90.01
CA GLU F 199 18.22 15.11 90.82
C GLU F 199 17.15 14.12 90.37
N SER F 200 17.44 13.30 89.35
CA SER F 200 16.52 12.28 88.85
C SER F 200 15.17 12.89 88.46
N LEU F 201 15.22 13.97 87.69
CA LEU F 201 14.02 14.64 87.21
C LEU F 201 13.23 13.74 86.25
N LEU F 252 11.65 14.91 77.00
CA LEU F 252 12.84 14.70 76.21
C LEU F 252 12.54 13.75 75.04
N ARG F 253 12.73 14.27 73.82
CA ARG F 253 12.54 13.51 72.58
C ARG F 253 13.91 13.25 71.95
N ILE F 254 14.24 11.96 71.78
CA ILE F 254 15.59 11.58 71.35
C ILE F 254 15.98 12.12 69.97
N PRO F 255 15.20 11.94 68.90
CA PRO F 255 15.76 12.15 67.55
C PRO F 255 16.38 13.52 67.28
N PHE F 256 15.63 14.61 67.49
CA PHE F 256 16.18 15.94 67.22
C PHE F 256 17.30 16.30 68.20
N ILE F 257 17.07 16.07 69.50
CA ILE F 257 17.97 16.59 70.53
C ILE F 257 19.31 15.86 70.53
N ALA F 258 19.30 14.54 70.35
CA ALA F 258 20.52 13.74 70.50
C ALA F 258 21.58 14.12 69.46
N GLN F 259 21.17 14.24 68.20
CA GLN F 259 22.12 14.57 67.13
C GLN F 259 22.80 15.92 67.35
N TRP F 260 22.10 16.88 67.96
CA TRP F 260 22.63 18.22 68.14
C TRP F 260 23.95 18.23 68.91
N TYR F 261 24.04 17.45 69.99
CA TYR F 261 25.30 17.33 70.72
C TYR F 261 26.40 16.78 69.82
N GLY F 262 26.08 15.77 69.01
CA GLY F 262 27.05 15.25 68.07
C GLY F 262 27.51 16.29 67.05
N ILE F 263 26.58 17.14 66.60
CA ILE F 263 26.94 18.22 65.68
C ILE F 263 27.91 19.18 66.36
N GLN F 264 27.70 19.46 67.64
CA GLN F 264 28.66 20.29 68.36
C GLN F 264 30.01 19.61 68.46
N ALA F 265 30.01 18.29 68.69
CA ALA F 265 31.29 17.58 68.71
C ALA F 265 31.99 17.67 67.35
N LEU F 266 31.21 17.64 66.26
CA LEU F 266 31.77 17.86 64.93
C LEU F 266 32.39 19.24 64.83
N ARG F 267 31.70 20.27 65.33
CA ARG F 267 32.26 21.62 65.33
C ARG F 267 33.50 21.74 66.20
N LYS F 268 33.64 20.85 67.18
CA LYS F 268 34.77 20.94 68.11
C LYS F 268 35.98 20.13 67.68
N TYR F 269 35.80 19.06 66.90
CA TYR F 269 36.93 18.19 66.57
C TYR F 269 37.39 18.33 65.12
N VAL F 270 36.53 18.08 64.15
CA VAL F 270 36.94 18.08 62.74
C VAL F 270 36.69 19.44 62.09
N SER F 271 36.61 20.49 62.90
CA SER F 271 36.52 21.83 62.33
C SER F 271 37.84 22.31 61.73
N GLY F 272 38.94 21.62 62.00
CA GLY F 272 40.22 22.01 61.44
C GLY F 272 40.80 20.99 60.48
N ILE F 273 41.00 19.76 60.97
CA ILE F 273 41.61 18.71 60.19
C ILE F 273 40.62 17.57 60.01
N SER F 274 40.70 16.90 58.88
CA SER F 274 39.94 15.68 58.63
C SER F 274 40.65 14.47 59.24
N MET F 275 39.89 13.39 59.39
CA MET F 275 40.40 12.16 59.96
C MET F 275 39.66 11.00 59.30
N PRO F 276 40.24 9.80 59.32
CA PRO F 276 39.52 8.63 58.78
C PRO F 276 38.19 8.41 59.48
N ILE F 277 37.31 7.68 58.79
CA ILE F 277 35.96 7.46 59.32
C ILE F 277 36.02 6.70 60.64
N ASP F 278 36.83 5.65 60.70
CA ASP F 278 36.82 4.78 61.87
C ASP F 278 37.38 5.49 63.09
N GLU F 279 38.59 6.06 62.98
CA GLU F 279 39.22 6.69 64.13
C GLU F 279 38.43 7.89 64.64
N PHE F 280 37.85 8.66 63.72
CA PHE F 280 37.07 9.81 64.16
C PHE F 280 35.71 9.40 64.72
N LEU F 281 35.09 8.34 64.18
CA LEU F 281 33.91 7.79 64.83
C LEU F 281 34.23 7.35 66.25
N ILE F 282 35.41 6.79 66.45
CA ILE F 282 35.83 6.36 67.79
C ILE F 282 35.96 7.58 68.71
N LYS F 283 36.68 8.58 68.25
CA LYS F 283 36.92 9.75 69.09
C LYS F 283 35.64 10.50 69.39
N TRP F 284 34.66 10.45 68.47
CA TRP F 284 33.36 11.04 68.75
C TRP F 284 32.59 10.21 69.76
N LYS F 285 32.52 8.89 69.55
CA LYS F 285 31.79 8.01 70.46
C LYS F 285 32.36 8.06 71.87
N SER F 286 33.65 8.38 72.01
CA SER F 286 34.21 8.51 73.35
C SER F 286 33.61 9.68 74.11
N LEU F 287 33.25 10.75 73.42
CA LEU F 287 32.60 11.89 74.05
C LEU F 287 31.10 11.66 74.13
N PHE F 288 30.54 11.99 75.30
CA PHE F 288 29.13 11.75 75.56
C PHE F 288 28.66 12.75 76.60
N PRO F 289 27.36 13.04 76.66
CA PRO F 289 26.80 13.76 77.81
C PRO F 289 26.95 12.95 79.07
N PRO F 290 26.39 13.39 80.21
CA PRO F 290 26.47 12.58 81.43
C PRO F 290 25.75 11.23 81.35
N PHE F 291 24.88 10.97 82.33
CA PHE F 291 24.40 9.62 82.57
C PHE F 291 23.48 9.14 81.44
N PHE F 292 22.75 10.05 80.82
CA PHE F 292 21.74 9.65 79.85
C PHE F 292 22.41 9.04 78.61
N PRO F 293 22.02 7.84 78.20
CA PRO F 293 22.67 7.21 77.05
C PRO F 293 22.19 7.79 75.73
N CYS F 294 22.96 7.52 74.68
CA CYS F 294 22.64 8.00 73.35
C CYS F 294 22.93 6.90 72.34
N ASP F 295 21.93 6.55 71.54
CA ASP F 295 22.10 5.58 70.47
C ASP F 295 22.49 6.31 69.19
N ILE F 296 23.30 5.64 68.37
CA ILE F 296 23.78 6.22 67.13
C ILE F 296 23.13 5.50 65.96
N ASP F 297 23.16 6.17 64.80
CA ASP F 297 22.57 5.63 63.58
C ASP F 297 23.25 6.29 62.40
N ILE F 298 23.13 5.65 61.23
CA ILE F 298 23.67 6.23 60.01
C ILE F 298 22.94 7.50 59.62
N ASP F 299 21.69 7.68 60.08
CA ASP F 299 20.95 8.89 59.78
C ASP F 299 21.42 10.07 60.62
N MET F 300 21.70 9.83 61.92
CA MET F 300 22.27 10.89 62.75
C MET F 300 23.60 11.36 62.21
N LEU F 301 24.42 10.43 61.70
CA LEU F 301 25.72 10.76 61.12
C LEU F 301 25.55 11.13 59.64
N ARG F 302 24.79 12.19 59.40
CA ARG F 302 24.46 12.61 58.05
C ARG F 302 23.97 14.06 58.08
N GLY F 303 24.44 14.83 57.10
CA GLY F 303 23.99 16.21 56.95
C GLY F 303 24.87 17.24 57.62
N TYR F 304 25.94 16.82 58.31
CA TYR F 304 26.80 17.77 59.01
C TYR F 304 28.28 17.42 58.88
N HIS F 305 28.64 16.50 57.99
CA HIS F 305 30.03 16.19 57.71
C HIS F 305 30.14 15.72 56.27
N PHE F 306 31.37 15.49 55.82
CA PHE F 306 31.61 15.02 54.47
C PHE F 306 32.79 14.06 54.47
N LYS F 307 32.84 13.22 53.45
CA LYS F 307 33.91 12.23 53.31
C LYS F 307 34.90 12.63 52.21
N LYS F 311 36.90 7.14 52.74
CA LYS F 311 36.95 6.55 54.07
C LYS F 311 37.34 7.57 55.13
N THR F 312 37.13 8.85 54.82
CA THR F 312 37.49 9.94 55.70
C THR F 312 36.24 10.69 56.13
N VAL F 313 36.42 11.64 57.04
CA VAL F 313 35.30 12.42 57.57
C VAL F 313 35.79 13.76 58.11
N GLN F 314 35.11 14.85 57.74
CA GLN F 314 35.47 16.18 58.21
C GLN F 314 34.20 17.01 58.32
N TYR F 315 34.20 17.94 59.28
CA TYR F 315 33.03 18.78 59.53
C TYR F 315 32.77 19.73 58.36
N ILE F 316 31.50 20.06 58.17
CA ILE F 316 31.08 21.01 57.15
C ILE F 316 29.76 21.64 57.59
N ALA F 317 29.56 22.89 57.21
CA ALA F 317 28.37 23.65 57.58
C ALA F 317 27.56 24.00 56.32
N LYS F 318 26.24 24.10 56.49
CA LYS F 318 25.33 24.29 55.36
C LYS F 318 25.17 25.76 54.95
N SER F 319 25.08 26.67 55.92
CA SER F 319 24.88 28.07 55.60
C SER F 319 26.10 28.73 54.98
N THR F 320 27.21 28.00 54.90
CA THR F 320 28.48 28.53 54.41
C THR F 320 28.78 28.16 52.97
N LEU F 321 28.03 27.23 52.37
CA LEU F 321 28.22 26.91 50.97
C LEU F 321 27.69 28.05 50.11
N PRO F 322 28.20 28.21 48.88
CA PRO F 322 27.70 29.27 48.00
C PRO F 322 26.21 29.11 47.73
N MET F 323 25.46 30.19 47.94
CA MET F 323 24.01 30.12 47.84
C MET F 323 23.52 29.91 46.41
N ASP F 324 24.40 30.02 45.43
CA ASP F 324 24.01 29.73 44.05
C ASP F 324 24.02 28.21 43.83
N PRO F 325 22.98 27.64 43.23
CA PRO F 325 22.90 26.17 43.15
C PRO F 325 24.04 25.54 42.37
N LYS F 326 24.34 26.04 41.17
CA LYS F 326 25.36 25.41 40.33
C LYS F 326 26.72 25.43 41.01
N GLU F 327 27.13 26.58 41.56
CA GLU F 327 28.41 26.65 42.24
C GLU F 327 28.41 25.87 43.55
N ARG F 328 27.25 25.79 44.22
CA ARG F 328 27.17 25.02 45.45
C ARG F 328 27.43 23.54 45.18
N PHE F 329 26.71 22.98 44.21
CA PHE F 329 26.96 21.59 43.83
C PHE F 329 28.35 21.40 43.23
N LYS F 330 28.89 22.42 42.57
CA LYS F 330 30.25 22.34 42.03
C LYS F 330 31.26 22.18 43.17
N VAL F 331 31.17 23.03 44.20
CA VAL F 331 32.10 22.94 45.32
C VAL F 331 31.89 21.63 46.08
N LEU F 332 30.63 21.20 46.23
CA LEU F 332 30.36 19.92 46.87
C LEU F 332 31.02 18.77 46.10
N PHE F 333 30.92 18.79 44.78
CA PHE F 333 31.61 17.79 43.96
C PHE F 333 33.12 17.90 44.08
N ARG F 334 33.62 19.11 44.35
CA ARG F 334 35.05 19.28 44.57
C ARG F 334 35.50 18.76 45.92
N LEU F 335 34.59 18.67 46.89
CA LEU F 335 34.99 18.18 48.22
C LEU F 335 35.13 16.67 48.26
N GLN F 336 34.13 15.93 47.80
CA GLN F 336 34.13 14.48 47.81
C GLN F 336 34.12 13.94 46.39
N SER F 337 34.97 12.94 46.14
CA SER F 337 34.88 12.22 44.87
C SER F 337 33.60 11.39 44.81
N GLN F 338 33.13 10.87 45.93
CA GLN F 338 31.92 10.07 45.99
C GLN F 338 31.11 10.46 47.21
N TRP F 339 29.81 10.62 47.03
CA TRP F 339 28.89 11.00 48.10
C TRP F 339 27.94 9.87 48.44
N ASP F 340 27.30 9.99 49.61
CA ASP F 340 26.29 9.07 50.07
C ASP F 340 24.92 9.73 49.97
N LEU F 341 23.89 8.91 49.75
CA LEU F 341 22.53 9.43 49.60
C LEU F 341 22.03 10.03 50.91
N GLU F 342 22.16 9.28 52.01
CA GLU F 342 21.68 9.75 53.30
C GLU F 342 22.47 10.94 53.82
N ASP F 343 23.73 11.10 53.39
CA ASP F 343 24.57 12.19 53.86
C ASP F 343 24.38 13.48 53.09
N ILE F 344 23.89 13.41 51.84
CA ILE F 344 23.71 14.60 51.03
C ILE F 344 22.25 14.98 50.84
N LYS F 345 21.31 14.05 51.08
CA LYS F 345 19.90 14.39 50.93
C LYS F 345 19.49 15.54 51.85
N PRO F 346 19.84 15.57 53.14
CA PRO F 346 19.56 16.78 53.93
C PRO F 346 20.46 17.96 53.57
N LEU F 347 21.53 17.72 52.81
CA LEU F 347 22.44 18.78 52.40
C LEU F 347 21.98 19.50 51.14
N ILE F 348 20.86 19.10 50.54
CA ILE F 348 20.45 19.68 49.26
C ILE F 348 18.97 20.03 49.27
N GLU F 349 18.24 19.59 50.30
CA GLU F 349 16.81 19.86 50.35
C GLU F 349 16.52 21.33 50.64
N GLU F 350 17.32 21.96 51.50
CA GLU F 350 17.09 23.37 51.85
C GLU F 350 17.68 24.34 50.85
N LEU F 351 18.59 23.88 49.99
CA LEU F 351 19.30 24.77 49.07
C LEU F 351 18.34 25.33 48.02
N ASN F 352 17.89 24.46 47.12
CA ASN F 352 17.04 24.88 46.02
C ASN F 352 15.61 25.13 46.52
N SER F 353 15.04 26.27 46.14
CA SER F 353 13.72 26.68 46.59
C SER F 353 12.64 26.46 45.53
N ARG F 354 12.89 25.57 44.56
CA ARG F 354 11.89 25.31 43.52
C ARG F 354 10.72 24.51 44.06
N GLY F 355 10.95 23.62 45.01
CA GLY F 355 9.89 22.78 45.55
C GLY F 355 9.54 21.56 44.74
N MET F 356 10.39 21.14 43.81
CA MET F 356 10.13 19.96 43.01
C MET F 356 10.46 18.70 43.81
N LYS F 357 10.29 17.54 43.18
CA LYS F 357 10.54 16.29 43.87
C LYS F 357 12.03 16.11 44.12
N ILE F 358 12.35 15.23 45.09
CA ILE F 358 13.74 15.07 45.52
C ILE F 358 14.59 14.51 44.39
N ASP F 359 14.11 13.45 43.73
CA ASP F 359 14.88 12.87 42.64
C ASP F 359 15.04 13.84 41.49
N SER F 360 13.98 14.62 41.19
CA SER F 360 14.10 15.64 40.15
C SER F 360 15.16 16.67 40.52
N PHE F 361 15.13 17.16 41.76
CA PHE F 361 16.17 18.07 42.25
C PHE F 361 17.56 17.47 42.07
N ILE F 362 17.71 16.18 42.37
CA ILE F 362 19.02 15.56 42.32
C ILE F 362 19.50 15.47 40.88
N MET F 363 18.68 14.89 40.00
CA MET F 363 19.07 14.79 38.59
C MET F 363 19.33 16.16 37.98
N LYS F 364 18.65 17.20 38.46
CA LYS F 364 18.75 18.54 37.89
C LYS F 364 20.17 19.10 37.88
N TYR F 365 20.60 19.66 39.00
CA TYR F 365 21.88 20.37 39.06
C TYR F 365 23.05 19.43 39.19
N ALA F 366 22.83 18.13 39.08
CA ALA F 366 23.91 17.17 39.19
C ALA F 366 23.65 15.99 38.27
N ARG F 367 23.98 14.79 38.74
CA ARG F 367 23.83 13.59 37.94
C ARG F 367 24.06 12.33 38.78
N ARG F 368 23.14 11.37 38.73
CA ARG F 368 23.19 10.22 39.63
C ARG F 368 24.12 9.14 39.08
N LYS F 369 24.43 8.17 39.94
CA LYS F 369 25.26 7.01 39.61
C LYS F 369 25.13 5.95 40.70
N ARG F 370 24.01 5.24 40.70
CA ARG F 370 23.66 4.34 41.79
C ARG F 370 24.60 3.12 41.84
N LEU F 371 24.53 2.39 42.94
CA LEU F 371 25.24 1.12 43.08
C LEU F 371 24.27 0.14 43.77
N GLY F 372 24.82 -0.94 44.32
CA GLY F 372 23.96 -1.98 44.87
C GLY F 372 23.32 -1.61 46.19
N LYS F 373 24.13 -1.15 47.15
CA LYS F 373 23.61 -0.87 48.49
C LYS F 373 22.70 0.34 48.48
N LYS F 374 23.24 1.50 48.11
CA LYS F 374 22.50 2.75 48.15
C LYS F 374 22.89 3.61 46.96
N THR F 375 21.94 4.39 46.47
CA THR F 375 22.14 5.22 45.28
C THR F 375 23.11 6.34 45.62
N VAL F 376 24.39 6.15 45.26
CA VAL F 376 25.43 7.15 45.51
C VAL F 376 25.56 8.04 44.30
N VAL F 377 26.47 9.04 44.36
CA VAL F 377 26.58 10.05 43.32
C VAL F 377 28.05 10.39 43.10
N THR F 378 28.37 10.70 41.84
CA THR F 378 29.67 11.23 41.40
C THR F 378 29.40 12.08 40.16
N SER F 379 30.33 12.96 39.84
CA SER F 379 30.21 13.82 38.66
C SER F 379 31.51 13.79 37.87
N ARG F 380 31.54 12.95 36.84
CA ARG F 380 32.64 12.89 35.87
C ARG F 380 33.99 12.64 36.54
N PRO G 2 7.90 49.09 62.36
CA PRO G 2 6.56 49.23 62.96
C PRO G 2 5.56 48.17 62.48
N SER G 3 4.42 48.09 63.17
CA SER G 3 3.37 47.11 62.88
C SER G 3 2.06 47.57 63.49
N VAL G 4 0.97 47.15 62.86
CA VAL G 4 -0.35 47.52 63.36
C VAL G 4 -1.34 46.47 62.88
N ASP G 5 -2.32 46.18 63.75
CA ASP G 5 -3.36 45.20 63.52
C ASP G 5 -4.45 45.76 62.61
N ILE G 6 -5.13 44.85 61.92
CA ILE G 6 -6.29 45.23 61.11
C ILE G 6 -7.53 45.27 62.00
N ASP G 7 -8.17 46.43 62.06
CA ASP G 7 -9.38 46.60 62.85
C ASP G 7 -10.58 46.26 61.98
N ALA G 8 -11.33 45.21 62.35
CA ALA G 8 -12.50 44.80 61.58
C ALA G 8 -13.76 44.80 62.44
N SER G 9 -13.73 45.49 63.58
CA SER G 9 -14.89 45.50 64.47
C SER G 9 -16.06 46.25 63.87
N GLN G 10 -15.81 47.44 63.32
CA GLN G 10 -16.89 48.25 62.76
C GLN G 10 -17.56 47.57 61.57
N TRP G 11 -16.76 46.97 60.68
CA TRP G 11 -17.35 46.29 59.53
C TRP G 11 -18.22 45.12 59.96
N GLN G 12 -17.80 44.39 61.00
CA GLN G 12 -18.60 43.27 61.48
C GLN G 12 -19.88 43.76 62.13
N LYS G 13 -19.80 44.80 62.96
CA LYS G 13 -21.01 45.31 63.59
C LYS G 13 -22.01 45.82 62.55
N LEU G 14 -21.52 46.57 61.54
CA LEU G 14 -22.42 47.11 60.53
C LEU G 14 -22.98 46.02 59.62
N THR G 15 -22.17 45.01 59.30
CA THR G 15 -22.65 43.90 58.48
C THR G 15 -23.73 43.11 59.21
N GLN G 16 -23.47 42.78 60.48
CA GLN G 16 -24.42 42.01 61.26
C GLN G 16 -25.70 42.81 61.49
N SER G 17 -25.58 44.14 61.67
CA SER G 17 -26.75 44.96 61.94
C SER G 17 -27.54 45.39 60.71
N ARG G 18 -27.02 45.19 59.50
CA ARG G 18 -27.72 45.62 58.30
C ARG G 18 -28.14 44.42 57.45
N GLU G 19 -29.20 44.63 56.66
CA GLU G 19 -29.82 43.55 55.91
C GLU G 19 -28.89 43.01 54.82
N LYS G 20 -29.30 41.88 54.25
CA LYS G 20 -28.53 41.22 53.20
C LYS G 20 -28.48 42.06 51.93
N GLN G 21 -27.44 41.86 51.14
CA GLN G 21 -27.24 42.62 49.91
C GLN G 21 -28.32 42.28 48.90
N THR G 22 -28.97 43.31 48.35
CA THR G 22 -30.05 43.12 47.39
C THR G 22 -29.61 43.41 45.96
N THR G 23 -29.07 44.60 45.71
CA THR G 23 -28.59 45.00 44.41
C THR G 23 -27.06 44.95 44.41
N VAL G 24 -26.42 45.67 43.48
CA VAL G 24 -24.96 45.68 43.44
C VAL G 24 -24.39 46.47 44.60
N ILE G 25 -25.15 47.45 45.11
CA ILE G 25 -24.74 48.19 46.29
C ILE G 25 -24.61 47.26 47.49
N THR G 26 -23.46 47.28 48.14
CA THR G 26 -23.25 46.47 49.33
C THR G 26 -24.16 46.95 50.45
N PRO G 27 -24.44 46.08 51.44
CA PRO G 27 -25.24 46.51 52.60
C PRO G 27 -24.69 47.71 53.35
N LEU G 28 -23.40 48.01 53.20
CA LEU G 28 -22.78 49.16 53.87
C LEU G 28 -22.88 50.43 53.06
N GLY G 29 -23.44 50.39 51.86
CA GLY G 29 -23.67 51.59 51.09
C GLY G 29 -22.42 51.97 50.32
N MET G 30 -21.95 51.05 49.49
CA MET G 30 -20.74 51.22 48.71
C MET G 30 -20.91 50.57 47.35
N MET G 31 -20.32 51.18 46.33
CA MET G 31 -20.39 50.70 44.97
C MET G 31 -19.03 50.90 44.30
N MET G 32 -18.87 50.29 43.13
CA MET G 32 -17.63 50.41 42.37
C MET G 32 -17.94 50.89 40.97
N LEU G 33 -17.34 52.01 40.58
CA LEU G 33 -17.39 52.48 39.21
C LEU G 33 -16.01 52.41 38.60
N GLU G 34 -15.92 51.82 37.41
CA GLU G 34 -14.67 51.69 36.68
C GLU G 34 -14.91 52.18 35.27
N ILE G 35 -14.04 53.04 34.78
CA ILE G 35 -14.17 53.58 33.43
C ILE G 35 -12.85 53.41 32.70
N GLN G 36 -12.91 52.80 31.51
CA GLN G 36 -11.73 52.68 30.66
C GLN G 36 -11.51 54.05 30.05
N GLY G 37 -10.94 54.94 30.86
CA GLY G 37 -10.74 56.31 30.43
C GLY G 37 -10.50 57.21 31.64
N GLU G 38 -10.45 58.50 31.35
CA GLU G 38 -10.24 59.53 32.38
C GLU G 38 -11.51 60.34 32.60
N LEU G 39 -11.94 60.41 33.85
CA LEU G 39 -13.13 61.20 34.20
C LEU G 39 -12.70 62.65 34.29
N GLU G 40 -13.06 63.44 33.28
CA GLU G 40 -12.63 64.84 33.22
C GLU G 40 -13.57 65.70 34.05
N LEU G 41 -13.10 66.15 35.21
CA LEU G 41 -13.86 67.04 36.07
C LEU G 41 -13.17 68.39 36.17
N PRO G 42 -13.91 69.46 36.43
CA PRO G 42 -13.29 70.78 36.57
C PRO G 42 -12.22 70.80 37.65
N LYS G 43 -11.19 71.61 37.41
CA LYS G 43 -10.09 71.75 38.35
C LYS G 43 -10.43 72.67 39.51
N ASP G 44 -11.47 73.49 39.37
CA ASP G 44 -11.89 74.47 40.38
C ASP G 44 -13.40 74.32 40.59
N PHE G 45 -13.77 73.51 41.58
CA PHE G 45 -15.19 73.32 41.89
C PHE G 45 -15.81 74.61 42.42
N ALA G 46 -15.06 75.36 43.24
CA ALA G 46 -15.61 76.54 43.89
C ALA G 46 -16.06 77.60 42.88
N SER G 47 -15.29 77.79 41.80
CA SER G 47 -15.65 78.80 40.82
C SER G 47 -16.93 78.43 40.07
N LEU G 48 -17.06 77.16 39.67
CA LEU G 48 -18.22 76.76 38.89
C LEU G 48 -19.46 76.57 39.76
N ALA G 49 -19.28 76.32 41.07
CA ALA G 49 -20.42 76.15 41.94
C ALA G 49 -21.19 77.46 42.09
N ARG G 50 -20.49 78.59 41.94
CA ARG G 50 -21.14 79.89 42.00
C ARG G 50 -21.89 80.16 40.71
N ARG G 51 -21.42 79.59 39.61
CA ARG G 51 -22.02 79.75 38.30
C ARG G 51 -23.10 78.72 38.04
N ASP G 52 -23.27 77.77 38.97
CA ASP G 52 -24.25 76.73 38.82
C ASP G 52 -25.65 77.33 38.79
N SER G 53 -26.41 76.98 37.79
CA SER G 53 -27.77 77.44 37.67
C SER G 53 -28.73 76.37 38.16
N PRO G 54 -29.93 76.77 38.59
CA PRO G 54 -30.91 75.77 39.06
C PRO G 54 -31.22 74.70 38.02
N ASN G 55 -31.17 75.05 36.73
CA ASN G 55 -31.42 74.05 35.69
C ASN G 55 -30.35 72.97 35.70
N GLU G 56 -29.09 73.36 35.91
CA GLU G 56 -28.01 72.39 35.88
C GLU G 56 -27.99 71.52 37.13
N GLY G 57 -28.10 72.15 38.30
CA GLY G 57 -28.05 71.41 39.55
C GLY G 57 -26.80 70.58 39.64
N ARG G 58 -25.68 71.16 39.22
CA ARG G 58 -24.42 70.44 39.06
C ARG G 58 -23.57 70.43 40.32
N PHE G 59 -23.81 71.33 41.25
CA PHE G 59 -23.01 71.45 42.46
C PHE G 59 -23.90 71.55 43.70
N SER G 60 -23.41 70.98 44.80
CA SER G 60 -24.12 71.08 46.07
C SER G 60 -23.10 71.02 47.20
N GLU G 61 -23.52 71.44 48.40
CA GLU G 61 -22.67 71.36 49.57
C GLU G 61 -23.09 70.20 50.47
N GLN G 62 -22.13 69.35 50.83
CA GLN G 62 -22.36 68.22 51.72
C GLN G 62 -21.23 68.17 52.74
N ASP G 63 -21.57 68.41 54.00
CA ASP G 63 -20.62 68.33 55.11
C ASP G 63 -19.38 69.19 54.84
N GLY G 64 -19.62 70.40 54.35
CA GLY G 64 -18.53 71.33 54.09
C GLY G 64 -17.76 71.09 52.82
N GLU G 65 -18.17 70.13 51.98
CA GLU G 65 -17.48 69.84 50.73
C GLU G 65 -18.38 70.14 49.55
N THR G 66 -17.83 70.83 48.55
CA THR G 66 -18.58 71.15 47.34
C THR G 66 -18.49 69.97 46.36
N LEU G 67 -19.60 69.25 46.21
CA LEU G 67 -19.67 68.07 45.34
C LEU G 67 -20.22 68.47 43.99
N ILE G 68 -19.67 67.86 42.94
CA ILE G 68 -20.17 68.02 41.58
C ILE G 68 -20.96 66.78 41.19
N ARG G 69 -22.13 67.00 40.59
CA ARG G 69 -22.94 65.90 40.05
C ARG G 69 -22.49 65.65 38.61
N PHE G 70 -21.69 64.61 38.39
CA PHE G 70 -21.09 64.42 37.08
C PHE G 70 -21.81 63.38 36.23
N GLY G 71 -22.71 62.58 36.80
CA GLY G 71 -23.38 61.59 35.99
C GLY G 71 -24.46 60.84 36.76
N SER G 72 -24.97 59.81 36.08
CA SER G 72 -26.02 58.92 36.57
C SER G 72 -25.68 57.48 36.18
N LEU G 73 -26.04 56.54 37.04
CA LEU G 73 -25.79 55.12 36.78
C LEU G 73 -27.11 54.36 36.78
N GLN G 74 -27.30 53.51 35.78
CA GLN G 74 -28.52 52.72 35.61
C GLN G 74 -28.19 51.25 35.45
N ILE G 75 -28.63 50.43 36.40
CA ILE G 75 -28.35 49.00 36.43
C ILE G 75 -29.59 48.25 35.97
N ASP G 76 -29.48 47.55 34.85
CA ASP G 76 -30.54 46.69 34.31
C ASP G 76 -30.00 45.26 34.33
N GLY G 77 -30.12 44.61 35.48
CA GLY G 77 -29.59 43.27 35.64
C GLY G 77 -28.08 43.27 35.57
N GLU G 78 -27.54 42.53 34.60
CA GLU G 78 -26.09 42.55 34.37
C GLU G 78 -25.70 43.77 33.55
N ARG G 79 -26.60 44.27 32.71
CA ARG G 79 -26.32 45.40 31.86
C ARG G 79 -26.26 46.68 32.70
N ALA G 80 -25.39 47.61 32.31
CA ALA G 80 -25.30 48.87 33.02
C ALA G 80 -25.04 49.99 32.03
N THR G 81 -25.62 51.16 32.30
CA THR G 81 -25.39 52.33 31.47
C THR G 81 -25.04 53.53 32.35
N LEU G 82 -24.01 54.27 31.93
CA LEU G 82 -23.48 55.41 32.66
C LEU G 82 -23.66 56.67 31.83
N PHE G 83 -24.38 57.64 32.35
CA PHE G 83 -24.50 58.94 31.70
C PHE G 83 -23.54 59.91 32.36
N VAL G 84 -22.73 60.58 31.53
CA VAL G 84 -21.78 61.57 32.01
C VAL G 84 -22.03 62.89 31.30
N GLY G 85 -22.10 63.96 32.09
CA GLY G 85 -22.40 65.29 31.59
C GLY G 85 -23.80 65.33 31.02
N LYS G 86 -23.94 66.05 29.92
CA LYS G 86 -25.20 66.19 29.22
C LYS G 86 -25.16 65.44 27.90
N LYS G 87 -23.97 65.05 27.45
CA LYS G 87 -23.76 64.54 26.10
C LYS G 87 -23.09 63.17 26.03
N GLN G 88 -22.87 62.47 27.15
CA GLN G 88 -22.18 61.18 27.04
C GLN G 88 -22.96 60.04 27.68
N ARG G 89 -22.94 58.90 26.99
CA ARG G 89 -23.54 57.64 27.45
C ARG G 89 -22.56 56.49 27.21
N LEU G 90 -22.28 55.71 28.25
CA LEU G 90 -21.33 54.60 28.19
C LEU G 90 -22.05 53.31 28.53
N LEU G 91 -21.80 52.25 27.75
CA LEU G 91 -22.38 50.95 28.00
C LEU G 91 -21.36 50.03 28.68
N GLY G 92 -21.79 49.36 29.75
CA GLY G 92 -20.93 48.49 30.50
C GLY G 92 -21.71 47.39 31.20
N LYS G 93 -21.07 46.71 32.15
CA LYS G 93 -21.69 45.57 32.79
C LYS G 93 -21.36 45.57 34.28
N VAL G 94 -22.23 44.94 35.06
CA VAL G 94 -21.96 44.64 36.46
C VAL G 94 -21.34 43.25 36.51
N THR G 95 -20.08 43.18 36.91
CA THR G 95 -19.34 41.93 36.94
C THR G 95 -18.88 41.58 38.36
N LYS G 96 -18.98 40.30 38.69
CA LYS G 96 -18.50 39.77 39.96
C LYS G 96 -16.99 39.62 39.93
N LEU G 97 -16.32 40.20 40.93
CA LEU G 97 -14.86 40.14 40.99
C LEU G 97 -14.38 38.72 41.27
N ASP G 98 -13.41 38.25 40.48
CA ASP G 98 -12.78 36.97 40.75
C ASP G 98 -12.08 36.99 42.10
N VAL G 99 -11.35 38.07 42.38
CA VAL G 99 -10.71 38.30 43.67
C VAL G 99 -11.41 39.51 44.30
N PRO G 100 -12.17 39.31 45.38
CA PRO G 100 -12.82 40.45 46.04
C PRO G 100 -11.79 41.49 46.48
N MET G 101 -12.18 42.76 46.44
CA MET G 101 -11.28 43.86 46.77
C MET G 101 -11.70 44.50 48.08
N GLY G 102 -10.74 44.72 48.98
CA GLY G 102 -11.02 45.27 50.29
C GLY G 102 -10.72 46.75 50.40
N ILE G 103 -11.74 47.51 50.82
CA ILE G 103 -11.59 48.93 51.10
C ILE G 103 -11.16 49.06 52.55
N MET G 104 -9.98 49.66 52.75
CA MET G 104 -9.26 49.70 54.01
C MET G 104 -8.83 51.13 54.33
N HIS G 105 -9.17 51.62 55.52
CA HIS G 105 -8.74 52.95 55.94
C HIS G 105 -7.46 52.93 56.76
N PHE G 106 -6.41 53.57 56.24
CA PHE G 106 -5.11 53.65 56.90
C PHE G 106 -5.12 54.99 57.64
N ASN G 107 -5.38 54.95 58.94
CA ASN G 107 -5.38 56.16 59.74
C ASN G 107 -3.95 56.60 59.99
N SER G 108 -3.48 57.56 59.19
CA SER G 108 -2.09 58.01 59.27
C SER G 108 -1.77 58.60 60.63
N LYS G 109 -2.73 59.28 61.26
CA LYS G 109 -2.47 59.91 62.57
C LYS G 109 -1.94 58.90 63.58
N ASP G 110 -2.66 57.79 63.75
CA ASP G 110 -2.34 56.77 64.75
C ASP G 110 -1.68 55.53 64.14
N ASN G 111 -1.37 55.56 62.84
CA ASN G 111 -0.86 54.40 62.11
C ASN G 111 -1.75 53.17 62.33
N LYS G 112 -3.06 53.38 62.24
CA LYS G 112 -4.06 52.33 62.41
C LYS G 112 -4.77 52.07 61.09
N VAL G 113 -5.08 50.81 60.83
CA VAL G 113 -5.79 50.40 59.63
C VAL G 113 -7.15 49.86 60.06
N GLU G 114 -8.22 50.32 59.39
CA GLU G 114 -9.58 49.91 59.70
C GLU G 114 -10.26 49.37 58.46
N LEU G 115 -10.92 48.21 58.59
CA LEU G 115 -11.67 47.64 57.49
C LEU G 115 -12.92 48.47 57.22
N VAL G 116 -13.02 49.00 56.00
CA VAL G 116 -14.18 49.80 55.63
C VAL G 116 -15.19 48.83 55.07
N ASP G 117 -14.79 48.07 54.05
CA ASP G 117 -15.72 47.09 53.47
C ASP G 117 -14.95 46.11 52.60
N VAL G 118 -15.68 45.09 52.16
CA VAL G 118 -15.18 44.08 51.23
C VAL G 118 -16.08 44.17 50.02
N MET G 119 -15.50 44.17 48.83
CA MET G 119 -16.23 44.47 47.62
C MET G 119 -16.24 43.24 46.73
N LYS G 120 -17.45 42.85 46.29
CA LYS G 120 -17.66 41.64 45.53
C LYS G 120 -18.10 41.87 44.09
N TYR G 121 -18.56 43.08 43.74
CA TYR G 121 -19.00 43.39 42.39
C TYR G 121 -18.41 44.73 41.95
N LYS G 122 -18.42 44.97 40.64
CA LYS G 122 -18.05 46.27 40.12
C LYS G 122 -18.84 46.56 38.86
N VAL G 123 -19.12 47.85 38.63
CA VAL G 123 -19.80 48.32 37.43
C VAL G 123 -18.73 48.89 36.50
N ILE G 124 -18.39 48.16 35.43
CA ILE G 124 -17.27 48.52 34.57
C ILE G 124 -17.79 48.95 33.21
N PHE G 125 -17.10 49.93 32.61
CA PHE G 125 -17.45 50.48 31.30
C PHE G 125 -16.20 50.53 30.42
N LYS G 126 -16.11 49.59 29.48
CA LYS G 126 -14.93 49.44 28.62
C LYS G 126 -15.16 49.97 27.21
N ASP G 127 -16.34 50.48 26.91
CA ASP G 127 -16.71 50.91 25.57
C ASP G 127 -16.75 52.42 25.45
N ARG G 128 -16.57 52.88 24.22
CA ARG G 128 -16.49 54.28 23.88
C ARG G 128 -17.77 55.00 24.29
N PRO G 129 -17.68 56.18 24.91
CA PRO G 129 -18.90 56.90 25.30
C PRO G 129 -19.77 57.15 24.08
N LEU G 130 -21.07 57.05 24.28
CA LEU G 130 -22.02 57.20 23.21
C LEU G 130 -22.89 58.44 23.36
N PRO G 131 -23.58 58.85 22.30
CA PRO G 131 -24.63 59.86 22.43
C PRO G 131 -25.73 59.44 23.41
N ILE G 132 -26.43 60.45 23.92
CA ILE G 132 -27.41 60.24 24.99
C ILE G 132 -28.55 59.37 24.52
N ILE H 10 -18.39 68.52 31.46
CA ILE H 10 -18.15 67.24 32.11
C ILE H 10 -18.24 66.11 31.10
N TRP H 11 -17.18 65.33 31.01
CA TRP H 11 -17.12 64.22 30.06
C TRP H 11 -16.01 63.26 30.45
N VAL H 12 -15.95 62.15 29.74
CA VAL H 12 -14.94 61.11 29.90
C VAL H 12 -14.07 61.12 28.65
N LYS H 13 -12.75 61.31 28.83
CA LYS H 13 -11.83 61.16 27.70
C LYS H 13 -11.49 59.68 27.60
N TYR H 14 -12.10 59.02 26.63
CA TYR H 14 -12.00 57.57 26.49
C TYR H 14 -10.60 57.09 26.12
N ASN H 15 -10.10 56.13 26.90
CA ASN H 15 -8.89 55.40 26.56
C ASN H 15 -9.30 54.23 25.67
N GLU H 16 -8.64 54.11 24.52
CA GLU H 16 -9.01 53.08 23.55
C GLU H 16 -8.88 51.66 24.10
N GLY H 17 -7.93 51.44 25.01
CA GLY H 17 -7.78 50.11 25.60
C GLY H 17 -7.40 50.13 27.08
N PHE H 18 -6.87 49.02 27.58
CA PHE H 18 -6.52 48.89 29.00
C PHE H 18 -5.11 48.33 29.14
N SER H 19 -4.30 48.97 29.98
CA SER H 19 -2.93 48.55 30.27
C SER H 19 -2.74 48.45 31.77
N ASN H 20 -2.11 47.37 32.23
CA ASN H 20 -1.66 47.23 33.61
C ASN H 20 -0.14 47.13 33.67
N ALA H 21 0.48 48.00 34.47
CA ALA H 21 1.93 48.06 34.62
C ALA H 21 2.48 46.85 35.39
N VAL H 22 3.81 46.72 35.33
CA VAL H 22 4.52 45.65 36.02
C VAL H 22 4.32 45.77 37.52
N ARG H 23 4.11 44.62 38.18
CA ARG H 23 3.96 44.58 39.63
C ARG H 23 5.17 45.19 40.35
N LYS H 24 4.89 45.97 41.39
CA LYS H 24 5.92 46.64 42.18
C LYS H 24 5.86 46.24 43.65
N ASN H 25 7.03 46.36 44.31
CA ASN H 25 7.18 46.16 45.75
C ASN H 25 6.49 47.27 46.55
N VAL H 26 6.24 47.01 47.83
CA VAL H 26 5.55 47.96 48.70
C VAL H 26 6.47 48.34 49.84
N THR H 27 6.61 49.63 50.08
CA THR H 27 7.38 50.13 51.21
C THR H 27 6.40 50.58 52.30
N TRP H 28 6.94 50.90 53.47
CA TRP H 28 6.10 51.35 54.56
C TRP H 28 5.42 52.67 54.23
N ASN H 29 6.13 53.58 53.56
CA ASN H 29 5.58 54.88 53.20
C ASN H 29 4.51 54.82 52.12
N ASN H 30 4.50 53.77 51.29
CA ASN H 30 3.46 53.68 50.26
C ASN H 30 2.09 53.52 50.89
N LEU H 31 2.01 52.84 52.03
CA LEU H 31 0.75 52.63 52.73
C LEU H 31 0.37 53.85 53.57
N TRP H 32 1.33 54.39 54.32
CA TRP H 32 1.12 55.56 55.16
C TRP H 32 1.73 56.78 54.50
N GLU H 33 0.93 57.51 53.73
CA GLU H 33 1.39 58.70 53.03
C GLU H 33 1.27 59.92 53.94
#